data_2FHI
# 
_entry.id   2FHI 
# 
_audit_conform.dict_name       mmcif_pdbx.dic 
_audit_conform.dict_version    5.392 
_audit_conform.dict_location   http://mmcif.pdb.org/dictionaries/ascii/mmcif_pdbx.dic 
# 
loop_
_database_2.database_id 
_database_2.database_code 
_database_2.pdbx_database_accession 
_database_2.pdbx_DOI 
PDB   2FHI         pdb_00002fhi 10.2210/pdb2fhi/pdb 
WWPDB D_1000178091 ?            ?                   
# 
loop_
_pdbx_audit_revision_history.ordinal 
_pdbx_audit_revision_history.data_content_type 
_pdbx_audit_revision_history.major_revision 
_pdbx_audit_revision_history.minor_revision 
_pdbx_audit_revision_history.revision_date 
1 'Structure model' 1 0 1998-06-17 
2 'Structure model' 1 1 2008-03-24 
3 'Structure model' 1 2 2011-07-13 
4 'Structure model' 1 3 2021-11-03 
5 'Structure model' 1 4 2023-08-09 
6 'Structure model' 1 5 2024-05-29 
# 
_pdbx_audit_revision_details.ordinal             1 
_pdbx_audit_revision_details.revision_ordinal    1 
_pdbx_audit_revision_details.data_content_type   'Structure model' 
_pdbx_audit_revision_details.provider            repository 
_pdbx_audit_revision_details.type                'Initial release' 
_pdbx_audit_revision_details.description         ? 
_pdbx_audit_revision_details.details             ? 
# 
loop_
_pdbx_audit_revision_group.ordinal 
_pdbx_audit_revision_group.revision_ordinal 
_pdbx_audit_revision_group.data_content_type 
_pdbx_audit_revision_group.group 
1 2 'Structure model' 'Version format compliance' 
2 3 'Structure model' 'Derived calculations'      
3 3 'Structure model' 'Version format compliance' 
4 4 'Structure model' 'Database references'       
5 4 'Structure model' 'Derived calculations'      
6 4 'Structure model' Other                       
7 5 'Structure model' 'Refinement description'    
8 6 'Structure model' 'Data collection'           
# 
loop_
_pdbx_audit_revision_category.ordinal 
_pdbx_audit_revision_category.revision_ordinal 
_pdbx_audit_revision_category.data_content_type 
_pdbx_audit_revision_category.category 
1 4 'Structure model' database_2                    
2 4 'Structure model' pdbx_database_status          
3 4 'Structure model' struct_ref_seq_dif            
4 4 'Structure model' struct_site                   
5 5 'Structure model' pdbx_initial_refinement_model 
6 6 'Structure model' chem_comp_atom                
7 6 'Structure model' chem_comp_bond                
# 
loop_
_pdbx_audit_revision_item.ordinal 
_pdbx_audit_revision_item.revision_ordinal 
_pdbx_audit_revision_item.data_content_type 
_pdbx_audit_revision_item.item 
1 4 'Structure model' '_database_2.pdbx_DOI'                
2 4 'Structure model' '_database_2.pdbx_database_accession' 
3 4 'Structure model' '_pdbx_database_status.process_site'  
4 4 'Structure model' '_struct_ref_seq_dif.details'         
5 4 'Structure model' '_struct_site.pdbx_auth_asym_id'      
6 4 'Structure model' '_struct_site.pdbx_auth_comp_id'      
7 4 'Structure model' '_struct_site.pdbx_auth_seq_id'       
# 
_pdbx_database_status.status_code                     REL 
_pdbx_database_status.entry_id                        2FHI 
_pdbx_database_status.recvd_initial_deposition_date   1998-04-01 
_pdbx_database_status.deposit_site                    ? 
_pdbx_database_status.process_site                    BNL 
_pdbx_database_status.status_code_sf                  REL 
_pdbx_database_status.status_code_mr                  ? 
_pdbx_database_status.SG_entry                        ? 
_pdbx_database_status.pdb_format_compatible           Y 
_pdbx_database_status.status_code_cs                  ? 
_pdbx_database_status.status_code_nmr_data            ? 
_pdbx_database_status.methods_development_category    ? 
# 
loop_
_audit_author.name 
_audit_author.pdbx_ordinal 
'Pace, H.C.'      1  
'Garrison, P.N.'  2  
'Robinson, A.K.'  3  
'Barnes, L.D.'    4  
'Draganescu, A.'  5  
'Rosler, A.'      6  
'Blackburn, G.M.' 7  
'Siprashvili, Z.' 8  
'Croce, C.M.'     9  
'Heubner, K.'     10 
'Brenner, C.'     11 
# 
loop_
_citation.id 
_citation.title 
_citation.journal_abbrev 
_citation.journal_volume 
_citation.page_first 
_citation.page_last 
_citation.year 
_citation.journal_id_ASTM 
_citation.country 
_citation.journal_id_ISSN 
_citation.journal_id_CSD 
_citation.book_publisher 
_citation.pdbx_database_id_PubMed 
_citation.pdbx_database_id_DOI 
primary 
'Genetic, biochemical, and crystallographic characterization of Fhit-substrate complexes as the active signaling form of Fhit.' 
Proc.Natl.Acad.Sci.USA 95 5484 5489 1998 PNASA6 US 0027-8424 0040 ? 9576908 10.1073/pnas.95.10.5484 
1       'Purification and Crystallization of Complexes Modeling the Active State of the Fragile Histidine Triad Protein' 
'Protein Eng.'         10 1461 ?    1997 PRENE9 UK 0269-2139 0859 ? ?       ?                       
# 
loop_
_citation_author.citation_id 
_citation_author.name 
_citation_author.ordinal 
_citation_author.identifier_ORCID 
primary 'Pace, H.C.'      1  ? 
primary 'Garrison, P.N.'  2  ? 
primary 'Robinson, A.K.'  3  ? 
primary 'Barnes, L.D.'    4  ? 
primary 'Draganescu, A.'  5  ? 
primary 'Rosler, A.'      6  ? 
primary 'Blackburn, G.M.' 7  ? 
primary 'Siprashvili, Z.' 8  ? 
primary 'Croce, C.M.'     9  ? 
primary 'Huebner, K.'     10 ? 
primary 'Brenner, C.'     11 ? 
1       'Brenner, C.'     12 ? 
1       'Pace, H.C.'      13 ? 
1       'Garrison, P.N.'  14 ? 
1       'Robinson, A.K.'  15 ? 
1       'Rosler, A.'      16 ? 
1       'Liu, X.H.'       17 ? 
1       'Blackburn, G.M.' 18 ? 
1       'Croce, C.M.'     19 ? 
1       'Huebner, K.'     20 ? 
1       'Barnes, L.D.'    21 ? 
# 
loop_
_entity.id 
_entity.type 
_entity.src_method 
_entity.pdbx_description 
_entity.formula_weight 
_entity.pdbx_number_of_molecules 
_entity.pdbx_ec 
_entity.pdbx_mutation 
_entity.pdbx_fragment 
_entity.details 
1 polymer     man 'FRAGILE HISTIDINE TRIAD PROTEIN'                  16862.158 1  3.6.1.29 H96N ? ? 
2 non-polymer syn 'P1-P2-METHYLENE-P3-THIO-DIADENOSINE TRIPHOSPHATE' 770.500   1  ?        ?    ? ? 
3 water       nat water                                              18.015    32 ?        ?    ? ? 
# 
_entity_name_com.entity_id   1 
_entity_name_com.name        FHIT 
# 
_entity_poly.entity_id                      1 
_entity_poly.type                           'polypeptide(L)' 
_entity_poly.nstd_linkage                   no 
_entity_poly.nstd_monomer                   no 
_entity_poly.pdbx_seq_one_letter_code       
;MSFRFGQHLIKPSVVFLKTELSFALVNRKPVVPGHVLVCPLRPVERFHDLRPDEVADLFQTTQRVGTVVEKHFHGTSLTF
SMQDGPEAGQTVKHVNVHVLPRKAGDFHRNDSIYEELQKHDKEDFPASWRSEEEMAAEAAALRVYFQ
;
_entity_poly.pdbx_seq_one_letter_code_can   
;MSFRFGQHLIKPSVVFLKTELSFALVNRKPVVPGHVLVCPLRPVERFHDLRPDEVADLFQTTQRVGTVVEKHFHGTSLTF
SMQDGPEAGQTVKHVNVHVLPRKAGDFHRNDSIYEELQKHDKEDFPASWRSEEEMAAEAAALRVYFQ
;
_entity_poly.pdbx_strand_id                 A 
_entity_poly.pdbx_target_identifier         ? 
# 
loop_
_pdbx_entity_nonpoly.entity_id 
_pdbx_entity_nonpoly.name 
_pdbx_entity_nonpoly.comp_id 
2 'P1-P2-METHYLENE-P3-THIO-DIADENOSINE TRIPHOSPHATE' IB2 
3 water                                              HOH 
# 
loop_
_entity_poly_seq.entity_id 
_entity_poly_seq.num 
_entity_poly_seq.mon_id 
_entity_poly_seq.hetero 
1 1   MET n 
1 2   SER n 
1 3   PHE n 
1 4   ARG n 
1 5   PHE n 
1 6   GLY n 
1 7   GLN n 
1 8   HIS n 
1 9   LEU n 
1 10  ILE n 
1 11  LYS n 
1 12  PRO n 
1 13  SER n 
1 14  VAL n 
1 15  VAL n 
1 16  PHE n 
1 17  LEU n 
1 18  LYS n 
1 19  THR n 
1 20  GLU n 
1 21  LEU n 
1 22  SER n 
1 23  PHE n 
1 24  ALA n 
1 25  LEU n 
1 26  VAL n 
1 27  ASN n 
1 28  ARG n 
1 29  LYS n 
1 30  PRO n 
1 31  VAL n 
1 32  VAL n 
1 33  PRO n 
1 34  GLY n 
1 35  HIS n 
1 36  VAL n 
1 37  LEU n 
1 38  VAL n 
1 39  CYS n 
1 40  PRO n 
1 41  LEU n 
1 42  ARG n 
1 43  PRO n 
1 44  VAL n 
1 45  GLU n 
1 46  ARG n 
1 47  PHE n 
1 48  HIS n 
1 49  ASP n 
1 50  LEU n 
1 51  ARG n 
1 52  PRO n 
1 53  ASP n 
1 54  GLU n 
1 55  VAL n 
1 56  ALA n 
1 57  ASP n 
1 58  LEU n 
1 59  PHE n 
1 60  GLN n 
1 61  THR n 
1 62  THR n 
1 63  GLN n 
1 64  ARG n 
1 65  VAL n 
1 66  GLY n 
1 67  THR n 
1 68  VAL n 
1 69  VAL n 
1 70  GLU n 
1 71  LYS n 
1 72  HIS n 
1 73  PHE n 
1 74  HIS n 
1 75  GLY n 
1 76  THR n 
1 77  SER n 
1 78  LEU n 
1 79  THR n 
1 80  PHE n 
1 81  SER n 
1 82  MET n 
1 83  GLN n 
1 84  ASP n 
1 85  GLY n 
1 86  PRO n 
1 87  GLU n 
1 88  ALA n 
1 89  GLY n 
1 90  GLN n 
1 91  THR n 
1 92  VAL n 
1 93  LYS n 
1 94  HIS n 
1 95  VAL n 
1 96  ASN n 
1 97  VAL n 
1 98  HIS n 
1 99  VAL n 
1 100 LEU n 
1 101 PRO n 
1 102 ARG n 
1 103 LYS n 
1 104 ALA n 
1 105 GLY n 
1 106 ASP n 
1 107 PHE n 
1 108 HIS n 
1 109 ARG n 
1 110 ASN n 
1 111 ASP n 
1 112 SER n 
1 113 ILE n 
1 114 TYR n 
1 115 GLU n 
1 116 GLU n 
1 117 LEU n 
1 118 GLN n 
1 119 LYS n 
1 120 HIS n 
1 121 ASP n 
1 122 LYS n 
1 123 GLU n 
1 124 ASP n 
1 125 PHE n 
1 126 PRO n 
1 127 ALA n 
1 128 SER n 
1 129 TRP n 
1 130 ARG n 
1 131 SER n 
1 132 GLU n 
1 133 GLU n 
1 134 GLU n 
1 135 MET n 
1 136 ALA n 
1 137 ALA n 
1 138 GLU n 
1 139 ALA n 
1 140 ALA n 
1 141 ALA n 
1 142 LEU n 
1 143 ARG n 
1 144 VAL n 
1 145 TYR n 
1 146 PHE n 
1 147 GLN n 
# 
_entity_src_gen.entity_id                          1 
_entity_src_gen.pdbx_src_id                        1 
_entity_src_gen.pdbx_alt_source_flag               sample 
_entity_src_gen.pdbx_seq_type                      ? 
_entity_src_gen.pdbx_beg_seq_num                   ? 
_entity_src_gen.pdbx_end_seq_num                   ? 
_entity_src_gen.gene_src_common_name               human 
_entity_src_gen.gene_src_genus                     Homo 
_entity_src_gen.pdbx_gene_src_gene                 FHIT 
_entity_src_gen.gene_src_species                   ? 
_entity_src_gen.gene_src_strain                    ? 
_entity_src_gen.gene_src_tissue                    ? 
_entity_src_gen.gene_src_tissue_fraction           ? 
_entity_src_gen.gene_src_details                   ? 
_entity_src_gen.pdbx_gene_src_fragment             ? 
_entity_src_gen.pdbx_gene_src_scientific_name      'Homo sapiens' 
_entity_src_gen.pdbx_gene_src_ncbi_taxonomy_id     9606 
_entity_src_gen.pdbx_gene_src_variant              ? 
_entity_src_gen.pdbx_gene_src_cell_line            ? 
_entity_src_gen.pdbx_gene_src_atcc                 ? 
_entity_src_gen.pdbx_gene_src_organ                ? 
_entity_src_gen.pdbx_gene_src_organelle            ? 
_entity_src_gen.pdbx_gene_src_cell                 ? 
_entity_src_gen.pdbx_gene_src_cellular_location    ? 
_entity_src_gen.host_org_common_name               ? 
_entity_src_gen.pdbx_host_org_scientific_name      'Escherichia coli' 
_entity_src_gen.pdbx_host_org_ncbi_taxonomy_id     562 
_entity_src_gen.host_org_genus                     Escherichia 
_entity_src_gen.pdbx_host_org_gene                 ? 
_entity_src_gen.pdbx_host_org_organ                ? 
_entity_src_gen.host_org_species                   ? 
_entity_src_gen.pdbx_host_org_tissue               ? 
_entity_src_gen.pdbx_host_org_tissue_fraction      ? 
_entity_src_gen.pdbx_host_org_strain               JM109/DE3/LACIQ 
_entity_src_gen.pdbx_host_org_variant              ? 
_entity_src_gen.pdbx_host_org_cell_line            ? 
_entity_src_gen.pdbx_host_org_atcc                 ? 
_entity_src_gen.pdbx_host_org_culture_collection   ? 
_entity_src_gen.pdbx_host_org_cell                 ? 
_entity_src_gen.pdbx_host_org_organelle            ? 
_entity_src_gen.pdbx_host_org_cellular_location    ? 
_entity_src_gen.pdbx_host_org_vector_type          PLASMID 
_entity_src_gen.pdbx_host_org_vector               ? 
_entity_src_gen.host_org_details                   ? 
_entity_src_gen.expression_system_id               ? 
_entity_src_gen.plasmid_name                       PSGA02 
_entity_src_gen.plasmid_details                    ? 
_entity_src_gen.pdbx_description                   ? 
# 
loop_
_chem_comp.id 
_chem_comp.type 
_chem_comp.mon_nstd_flag 
_chem_comp.name 
_chem_comp.pdbx_synonyms 
_chem_comp.formula 
_chem_comp.formula_weight 
ALA 'L-peptide linking' y ALANINE                                            ?                  'C3 H7 N O2'           89.093  
ARG 'L-peptide linking' y ARGININE                                           ?                  'C6 H15 N4 O2 1'       175.209 
ASN 'L-peptide linking' y ASPARAGINE                                         ?                  'C4 H8 N2 O3'          132.118 
ASP 'L-peptide linking' y 'ASPARTIC ACID'                                    ?                  'C4 H7 N O4'           133.103 
CYS 'L-peptide linking' y CYSTEINE                                           ?                  'C3 H7 N O2 S'         121.158 
GLN 'L-peptide linking' y GLUTAMINE                                          ?                  'C5 H10 N2 O3'         146.144 
GLU 'L-peptide linking' y 'GLUTAMIC ACID'                                    ?                  'C5 H9 N O4'           147.129 
GLY 'peptide linking'   y GLYCINE                                            ?                  'C2 H5 N O2'           75.067  
HIS 'L-peptide linking' y HISTIDINE                                          ?                  'C6 H10 N3 O2 1'       156.162 
HOH non-polymer         . WATER                                              ?                  'H2 O'                 18.015  
IB2 non-polymer         . 'P1-P2-METHYLENE-P3-THIO-DIADENOSINE TRIPHOSPHATE' ADO-P-CH2-P-PS-ADO 'C21 H29 N10 O14 P3 S' 770.500 
ILE 'L-peptide linking' y ISOLEUCINE                                         ?                  'C6 H13 N O2'          131.173 
LEU 'L-peptide linking' y LEUCINE                                            ?                  'C6 H13 N O2'          131.173 
LYS 'L-peptide linking' y LYSINE                                             ?                  'C6 H15 N2 O2 1'       147.195 
MET 'L-peptide linking' y METHIONINE                                         ?                  'C5 H11 N O2 S'        149.211 
PHE 'L-peptide linking' y PHENYLALANINE                                      ?                  'C9 H11 N O2'          165.189 
PRO 'L-peptide linking' y PROLINE                                            ?                  'C5 H9 N O2'           115.130 
SER 'L-peptide linking' y SERINE                                             ?                  'C3 H7 N O3'           105.093 
THR 'L-peptide linking' y THREONINE                                          ?                  'C4 H9 N O3'           119.119 
TRP 'L-peptide linking' y TRYPTOPHAN                                         ?                  'C11 H12 N2 O2'        204.225 
TYR 'L-peptide linking' y TYROSINE                                           ?                  'C9 H11 N O3'          181.189 
VAL 'L-peptide linking' y VALINE                                             ?                  'C5 H11 N O2'          117.146 
# 
loop_
_pdbx_poly_seq_scheme.asym_id 
_pdbx_poly_seq_scheme.entity_id 
_pdbx_poly_seq_scheme.seq_id 
_pdbx_poly_seq_scheme.mon_id 
_pdbx_poly_seq_scheme.ndb_seq_num 
_pdbx_poly_seq_scheme.pdb_seq_num 
_pdbx_poly_seq_scheme.auth_seq_num 
_pdbx_poly_seq_scheme.pdb_mon_id 
_pdbx_poly_seq_scheme.auth_mon_id 
_pdbx_poly_seq_scheme.pdb_strand_id 
_pdbx_poly_seq_scheme.pdb_ins_code 
_pdbx_poly_seq_scheme.hetero 
A 1 1   MET 1   1   ?   ?   ?   A . n 
A 1 2   SER 2   2   2   SER SER A . n 
A 1 3   PHE 3   3   3   PHE PHE A . n 
A 1 4   ARG 4   4   4   ARG ARG A . n 
A 1 5   PHE 5   5   5   PHE PHE A . n 
A 1 6   GLY 6   6   6   GLY GLY A . n 
A 1 7   GLN 7   7   7   GLN GLN A . n 
A 1 8   HIS 8   8   8   HIS HIS A . n 
A 1 9   LEU 9   9   9   LEU LEU A . n 
A 1 10  ILE 10  10  10  ILE ILE A . n 
A 1 11  LYS 11  11  11  LYS LYS A . n 
A 1 12  PRO 12  12  12  PRO PRO A . n 
A 1 13  SER 13  13  13  SER SER A . n 
A 1 14  VAL 14  14  14  VAL VAL A . n 
A 1 15  VAL 15  15  15  VAL VAL A . n 
A 1 16  PHE 16  16  16  PHE PHE A . n 
A 1 17  LEU 17  17  17  LEU LEU A . n 
A 1 18  LYS 18  18  18  LYS LYS A . n 
A 1 19  THR 19  19  19  THR THR A . n 
A 1 20  GLU 20  20  20  GLU GLU A . n 
A 1 21  LEU 21  21  21  LEU LEU A . n 
A 1 22  SER 22  22  22  SER SER A . n 
A 1 23  PHE 23  23  23  PHE PHE A . n 
A 1 24  ALA 24  24  24  ALA ALA A . n 
A 1 25  LEU 25  25  25  LEU LEU A . n 
A 1 26  VAL 26  26  26  VAL VAL A . n 
A 1 27  ASN 27  27  27  ASN ASN A . n 
A 1 28  ARG 28  28  28  ARG ARG A . n 
A 1 29  LYS 29  29  29  LYS LYS A . n 
A 1 30  PRO 30  30  30  PRO PRO A . n 
A 1 31  VAL 31  31  31  VAL VAL A . n 
A 1 32  VAL 32  32  32  VAL VAL A . n 
A 1 33  PRO 33  33  33  PRO PRO A . n 
A 1 34  GLY 34  34  34  GLY GLY A . n 
A 1 35  HIS 35  35  35  HIS HIS A . n 
A 1 36  VAL 36  36  36  VAL VAL A . n 
A 1 37  LEU 37  37  37  LEU LEU A . n 
A 1 38  VAL 38  38  38  VAL VAL A . n 
A 1 39  CYS 39  39  39  CYS CYS A . n 
A 1 40  PRO 40  40  40  PRO PRO A . n 
A 1 41  LEU 41  41  41  LEU LEU A . n 
A 1 42  ARG 42  42  42  ARG ARG A . n 
A 1 43  PRO 43  43  43  PRO PRO A . n 
A 1 44  VAL 44  44  44  VAL VAL A . n 
A 1 45  GLU 45  45  45  GLU GLU A . n 
A 1 46  ARG 46  46  46  ARG ARG A . n 
A 1 47  PHE 47  47  47  PHE PHE A . n 
A 1 48  HIS 48  48  48  HIS HIS A . n 
A 1 49  ASP 49  49  49  ASP ASP A . n 
A 1 50  LEU 50  50  50  LEU LEU A . n 
A 1 51  ARG 51  51  51  ARG ARG A . n 
A 1 52  PRO 52  52  52  PRO PRO A . n 
A 1 53  ASP 53  53  53  ASP ASP A . n 
A 1 54  GLU 54  54  54  GLU GLU A . n 
A 1 55  VAL 55  55  55  VAL VAL A . n 
A 1 56  ALA 56  56  56  ALA ALA A . n 
A 1 57  ASP 57  57  57  ASP ASP A . n 
A 1 58  LEU 58  58  58  LEU LEU A . n 
A 1 59  PHE 59  59  59  PHE PHE A . n 
A 1 60  GLN 60  60  60  GLN GLN A . n 
A 1 61  THR 61  61  61  THR THR A . n 
A 1 62  THR 62  62  62  THR THR A . n 
A 1 63  GLN 63  63  63  GLN GLN A . n 
A 1 64  ARG 64  64  64  ARG ARG A . n 
A 1 65  VAL 65  65  65  VAL VAL A . n 
A 1 66  GLY 66  66  66  GLY GLY A . n 
A 1 67  THR 67  67  67  THR THR A . n 
A 1 68  VAL 68  68  68  VAL VAL A . n 
A 1 69  VAL 69  69  69  VAL VAL A . n 
A 1 70  GLU 70  70  70  GLU GLU A . n 
A 1 71  LYS 71  71  71  LYS LYS A . n 
A 1 72  HIS 72  72  72  HIS HIS A . n 
A 1 73  PHE 73  73  73  PHE PHE A . n 
A 1 74  HIS 74  74  74  HIS HIS A . n 
A 1 75  GLY 75  75  75  GLY GLY A . n 
A 1 76  THR 76  76  76  THR THR A . n 
A 1 77  SER 77  77  77  SER SER A . n 
A 1 78  LEU 78  78  78  LEU LEU A . n 
A 1 79  THR 79  79  79  THR THR A . n 
A 1 80  PHE 80  80  80  PHE PHE A . n 
A 1 81  SER 81  81  81  SER SER A . n 
A 1 82  MET 82  82  82  MET MET A . n 
A 1 83  GLN 83  83  83  GLN GLN A . n 
A 1 84  ASP 84  84  84  ASP ASP A . n 
A 1 85  GLY 85  85  85  GLY GLY A . n 
A 1 86  PRO 86  86  86  PRO PRO A . n 
A 1 87  GLU 87  87  87  GLU GLU A . n 
A 1 88  ALA 88  88  88  ALA ALA A . n 
A 1 89  GLY 89  89  89  GLY GLY A . n 
A 1 90  GLN 90  90  90  GLN GLN A . n 
A 1 91  THR 91  91  91  THR THR A . n 
A 1 92  VAL 92  92  92  VAL VAL A . n 
A 1 93  LYS 93  93  93  LYS LYS A . n 
A 1 94  HIS 94  94  94  HIS HIS A . n 
A 1 95  VAL 95  95  95  VAL VAL A . n 
A 1 96  ASN 96  96  96  ASN ASN A . n 
A 1 97  VAL 97  97  97  VAL VAL A . n 
A 1 98  HIS 98  98  98  HIS HIS A . n 
A 1 99  VAL 99  99  99  VAL VAL A . n 
A 1 100 LEU 100 100 100 LEU LEU A . n 
A 1 101 PRO 101 101 101 PRO PRO A . n 
A 1 102 ARG 102 102 102 ARG ARG A . n 
A 1 103 LYS 103 103 103 LYS LYS A . n 
A 1 104 ALA 104 104 104 ALA ALA A . n 
A 1 105 GLY 105 105 105 GLY GLY A . n 
A 1 106 ASP 106 106 106 ASP ASP A . n 
A 1 107 PHE 107 107 ?   ?   ?   A . n 
A 1 108 HIS 108 108 ?   ?   ?   A . n 
A 1 109 ARG 109 109 ?   ?   ?   A . n 
A 1 110 ASN 110 110 ?   ?   ?   A . n 
A 1 111 ASP 111 111 ?   ?   ?   A . n 
A 1 112 SER 112 112 ?   ?   ?   A . n 
A 1 113 ILE 113 113 ?   ?   ?   A . n 
A 1 114 TYR 114 114 ?   ?   ?   A . n 
A 1 115 GLU 115 115 ?   ?   ?   A . n 
A 1 116 GLU 116 116 ?   ?   ?   A . n 
A 1 117 LEU 117 117 ?   ?   ?   A . n 
A 1 118 GLN 118 118 ?   ?   ?   A . n 
A 1 119 LYS 119 119 ?   ?   ?   A . n 
A 1 120 HIS 120 120 ?   ?   ?   A . n 
A 1 121 ASP 121 121 ?   ?   ?   A . n 
A 1 122 LYS 122 122 ?   ?   ?   A . n 
A 1 123 GLU 123 123 ?   ?   ?   A . n 
A 1 124 ASP 124 124 ?   ?   ?   A . n 
A 1 125 PHE 125 125 ?   ?   ?   A . n 
A 1 126 PRO 126 126 ?   ?   ?   A . n 
A 1 127 ALA 127 127 ?   ?   ?   A . n 
A 1 128 SER 128 128 ?   ?   ?   A . n 
A 1 129 TRP 129 129 129 TRP TRP A . n 
A 1 130 ARG 130 130 130 ARG ARG A . n 
A 1 131 SER 131 131 131 SER SER A . n 
A 1 132 GLU 132 132 132 GLU GLU A . n 
A 1 133 GLU 133 133 133 GLU GLU A . n 
A 1 134 GLU 134 134 134 GLU GLU A . n 
A 1 135 MET 135 135 135 MET MET A . n 
A 1 136 ALA 136 136 136 ALA ALA A . n 
A 1 137 ALA 137 137 137 ALA ALA A . n 
A 1 138 GLU 138 138 138 GLU GLU A . n 
A 1 139 ALA 139 139 139 ALA ALA A . n 
A 1 140 ALA 140 140 140 ALA ALA A . n 
A 1 141 ALA 141 141 141 ALA ALA A . n 
A 1 142 LEU 142 142 142 LEU LEU A . n 
A 1 143 ARG 143 143 143 ARG ARG A . n 
A 1 144 VAL 144 144 144 VAL VAL A . n 
A 1 145 TYR 145 145 145 TYR TYR A . n 
A 1 146 PHE 146 146 146 PHE PHE A . n 
A 1 147 GLN 147 147 147 GLN GLN A . n 
# 
loop_
_pdbx_nonpoly_scheme.asym_id 
_pdbx_nonpoly_scheme.entity_id 
_pdbx_nonpoly_scheme.mon_id 
_pdbx_nonpoly_scheme.ndb_seq_num 
_pdbx_nonpoly_scheme.pdb_seq_num 
_pdbx_nonpoly_scheme.auth_seq_num 
_pdbx_nonpoly_scheme.pdb_mon_id 
_pdbx_nonpoly_scheme.auth_mon_id 
_pdbx_nonpoly_scheme.pdb_strand_id 
_pdbx_nonpoly_scheme.pdb_ins_code 
B 2 IB2 1  301 301 IB2 IB2 A . 
C 3 HOH 1  201 201 HOH HOH A . 
C 3 HOH 2  202 202 HOH HOH A . 
C 3 HOH 3  203 203 HOH HOH A . 
C 3 HOH 4  204 204 HOH HOH A . 
C 3 HOH 5  205 205 HOH HOH A . 
C 3 HOH 6  206 206 HOH HOH A . 
C 3 HOH 7  207 207 HOH HOH A . 
C 3 HOH 8  208 208 HOH HOH A . 
C 3 HOH 9  209 209 HOH HOH A . 
C 3 HOH 10 210 210 HOH HOH A . 
C 3 HOH 11 211 211 HOH HOH A . 
C 3 HOH 12 212 212 HOH HOH A . 
C 3 HOH 13 213 213 HOH HOH A . 
C 3 HOH 14 214 214 HOH HOH A . 
C 3 HOH 15 215 215 HOH HOH A . 
C 3 HOH 16 216 216 HOH HOH A . 
C 3 HOH 17 217 217 HOH HOH A . 
C 3 HOH 18 218 218 HOH HOH A . 
C 3 HOH 19 219 219 HOH HOH A . 
C 3 HOH 20 220 220 HOH HOH A . 
C 3 HOH 21 221 221 HOH HOH A . 
C 3 HOH 22 222 222 HOH HOH A . 
C 3 HOH 23 223 223 HOH HOH A . 
C 3 HOH 24 224 224 HOH HOH A . 
C 3 HOH 25 225 225 HOH HOH A . 
C 3 HOH 26 226 226 HOH HOH A . 
C 3 HOH 27 227 227 HOH HOH A . 
C 3 HOH 28 228 228 HOH HOH A . 
C 3 HOH 29 229 229 HOH HOH A . 
C 3 HOH 30 230 230 HOH HOH A . 
C 3 HOH 31 231 231 HOH HOH A . 
C 3 HOH 32 232 232 HOH HOH A . 
# 
loop_
_software.name 
_software.classification 
_software.version 
_software.citation_id 
_software.pdbx_ordinal 
X-PLOR 'model building' .         ? 1 
X-PLOR refinement       .         ? 2 
MOSFLM 'data reduction' .         ? 3 
CCP4   'data scaling'   '(SCALA)' ? 4 
X-PLOR phasing          .         ? 5 
# 
_cell.entry_id           2FHI 
_cell.length_a           50.460 
_cell.length_b           50.460 
_cell.length_c           268.950 
_cell.angle_alpha        90.00 
_cell.angle_beta         90.00 
_cell.angle_gamma        120.00 
_cell.Z_PDB              12 
_cell.pdbx_unique_axis   ? 
# 
_symmetry.entry_id                         2FHI 
_symmetry.space_group_name_H-M             'P 61 2 2' 
_symmetry.pdbx_full_space_group_name_H-M   ? 
_symmetry.cell_setting                     ? 
_symmetry.Int_Tables_number                178 
# 
_exptl.entry_id          2FHI 
_exptl.method            'X-RAY DIFFRACTION' 
_exptl.crystals_number   1 
# 
_exptl_crystal.id                    1 
_exptl_crystal.density_meas          ? 
_exptl_crystal.density_Matthews      2.83 
_exptl_crystal.density_percent_sol   58. 
_exptl_crystal.description           ? 
# 
_exptl_crystal_grow.crystal_id      1 
_exptl_crystal_grow.method          ? 
_exptl_crystal_grow.temp            ? 
_exptl_crystal_grow.temp_details    ? 
_exptl_crystal_grow.pH              7.5 
_exptl_crystal_grow.pdbx_pH_range   ? 
_exptl_crystal_grow.pdbx_details    
;FHIT H96N WAS COCRYSTALLIZED WITH 2.9 MOLAR EQUIVALENTS OF IB2 BY VAPOR DIFFUSION WITH 2 M AMMONIUM SULFATE, 4% PEG 400, AND 0.1M NA HEPES PH 7.5.
;
# 
_diffrn.id                     1 
_diffrn.ambient_temp           98 
_diffrn.ambient_temp_details   ? 
_diffrn.crystal_id             1 
# 
_diffrn_detector.diffrn_id              1 
_diffrn_detector.detector               CCD 
_diffrn_detector.type                   ADSC 
_diffrn_detector.pdbx_collection_date   1997-12-22 
_diffrn_detector.details                ? 
# 
_diffrn_radiation.diffrn_id                        1 
_diffrn_radiation.wavelength_id                    1 
_diffrn_radiation.pdbx_monochromatic_or_laue_m_l   M 
_diffrn_radiation.monochromator                    'SI(111)' 
_diffrn_radiation.pdbx_diffrn_protocol             ? 
_diffrn_radiation.pdbx_scattering_type             x-ray 
# 
_diffrn_radiation_wavelength.id           1 
_diffrn_radiation_wavelength.wavelength   0.9188 
_diffrn_radiation_wavelength.wt           1.0 
# 
_diffrn_source.diffrn_id                   1 
_diffrn_source.source                      SYNCHROTRON 
_diffrn_source.type                        'CHESS BEAMLINE F1' 
_diffrn_source.pdbx_synchrotron_site       CHESS 
_diffrn_source.pdbx_synchrotron_beamline   F1 
_diffrn_source.pdbx_wavelength             0.9188 
_diffrn_source.pdbx_wavelength_list        ? 
# 
_reflns.entry_id                     2FHI 
_reflns.observed_criterion_sigma_I   0. 
_reflns.observed_criterion_sigma_F   ? 
_reflns.d_resolution_low             21.8 
_reflns.d_resolution_high            2.0 
_reflns.number_obs                   12563 
_reflns.number_all                   ? 
_reflns.percent_possible_obs         88. 
_reflns.pdbx_Rmerge_I_obs            0.0970000 
_reflns.pdbx_Rsym_value              0.0970000 
_reflns.pdbx_netI_over_sigmaI        3.0 
_reflns.B_iso_Wilson_estimate        ? 
_reflns.pdbx_redundancy              2.9 
_reflns.pdbx_ordinal                 1 
_reflns.pdbx_diffrn_id               1 
# 
_reflns_shell.d_res_high             2.0 
_reflns_shell.d_res_low              2.12 
_reflns_shell.percent_possible_all   80. 
_reflns_shell.Rmerge_I_obs           0.2670000 
_reflns_shell.pdbx_Rsym_value        0.2670000 
_reflns_shell.meanI_over_sigI_obs    2.0 
_reflns_shell.pdbx_redundancy        2.5 
_reflns_shell.pdbx_ordinal           1 
_reflns_shell.pdbx_diffrn_id         1 
# 
_refine.entry_id                                 2FHI 
_refine.ls_number_reflns_obs                     5718 
_refine.ls_number_reflns_all                     ? 
_refine.pdbx_ls_sigma_I                          ? 
_refine.pdbx_ls_sigma_F                          3.0 
_refine.pdbx_data_cutoff_high_absF               10000000.00 
_refine.pdbx_data_cutoff_low_absF                0.001 
_refine.pdbx_data_cutoff_high_rms_absF           ? 
_refine.ls_d_res_low                             6.00 
_refine.ls_d_res_high                            2.60 
_refine.ls_percent_reflns_obs                    84.0 
_refine.ls_R_factor_obs                          0.2410000 
_refine.ls_R_factor_all                          ? 
_refine.ls_R_factor_R_work                       0.2410000 
_refine.ls_R_factor_R_free                       0.2780000 
_refine.ls_R_factor_R_free_error                 0.013 
_refine.ls_R_factor_R_free_error_details         ? 
_refine.ls_percent_reflns_R_free                 8.0 
_refine.ls_number_reflns_R_free                  428 
_refine.ls_number_parameters                     ? 
_refine.ls_number_restraints                     ? 
_refine.occupancy_min                            ? 
_refine.occupancy_max                            ? 
_refine.B_iso_mean                               32.8 
_refine.aniso_B[1][1]                            ? 
_refine.aniso_B[2][2]                            ? 
_refine.aniso_B[3][3]                            ? 
_refine.aniso_B[1][2]                            ? 
_refine.aniso_B[1][3]                            ? 
_refine.aniso_B[2][3]                            ? 
_refine.solvent_model_details                    ? 
_refine.solvent_model_param_ksol                 ? 
_refine.solvent_model_param_bsol                 ? 
_refine.pdbx_ls_cross_valid_method               THROUGHOUT 
_refine.details                                  ? 
_refine.pdbx_starting_model                      'PDB ENTRY 1FIT' 
_refine.pdbx_method_to_determine_struct          REFINEMENT 
_refine.pdbx_isotropic_thermal_model             ? 
_refine.pdbx_stereochemistry_target_values       ? 
_refine.pdbx_stereochem_target_val_spec_case     ? 
_refine.pdbx_R_Free_selection_details            RANDOM 
_refine.pdbx_overall_ESU_R                       ? 
_refine.pdbx_overall_ESU_R_Free                  ? 
_refine.overall_SU_ML                            ? 
_refine.overall_SU_B                             ? 
_refine.pdbx_refine_id                           'X-RAY DIFFRACTION' 
_refine.pdbx_diffrn_id                           1 
_refine.pdbx_TLS_residual_ADP_flag               ? 
_refine.correlation_coeff_Fo_to_Fc               ? 
_refine.correlation_coeff_Fo_to_Fc_free          ? 
_refine.pdbx_solvent_vdw_probe_radii             ? 
_refine.pdbx_solvent_ion_probe_radii             ? 
_refine.pdbx_solvent_shrinkage_radii             ? 
_refine.pdbx_overall_phase_error                 ? 
_refine.overall_SU_R_Cruickshank_DPI             ? 
_refine.pdbx_overall_SU_R_free_Cruickshank_DPI   ? 
_refine.pdbx_overall_SU_R_Blow_DPI               ? 
_refine.pdbx_overall_SU_R_free_Blow_DPI          ? 
# 
_refine_hist.pdbx_refine_id                   'X-RAY DIFFRACTION' 
_refine_hist.cycle_id                         LAST 
_refine_hist.pdbx_number_atoms_protein        991 
_refine_hist.pdbx_number_atoms_nucleic_acid   0 
_refine_hist.pdbx_number_atoms_ligand         49 
_refine_hist.number_atoms_solvent             32 
_refine_hist.number_atoms_total               1072 
_refine_hist.d_res_high                       2.60 
_refine_hist.d_res_low                        6.00 
# 
loop_
_refine_ls_restr.type 
_refine_ls_restr.dev_ideal 
_refine_ls_restr.dev_ideal_target 
_refine_ls_restr.weight 
_refine_ls_restr.number 
_refine_ls_restr.pdbx_refine_id 
_refine_ls_restr.pdbx_restraint_function 
x_bond_d                0.015 ? ? ? 'X-RAY DIFFRACTION' ? 
x_bond_d_na             ?     ? ? ? 'X-RAY DIFFRACTION' ? 
x_bond_d_prot           ?     ? ? ? 'X-RAY DIFFRACTION' ? 
x_angle_d               ?     ? ? ? 'X-RAY DIFFRACTION' ? 
x_angle_d_na            ?     ? ? ? 'X-RAY DIFFRACTION' ? 
x_angle_d_prot          ?     ? ? ? 'X-RAY DIFFRACTION' ? 
x_angle_deg             1.8   ? ? ? 'X-RAY DIFFRACTION' ? 
x_angle_deg_na          ?     ? ? ? 'X-RAY DIFFRACTION' ? 
x_angle_deg_prot        ?     ? ? ? 'X-RAY DIFFRACTION' ? 
x_dihedral_angle_d      26.0  ? ? ? 'X-RAY DIFFRACTION' ? 
x_dihedral_angle_d_na   ?     ? ? ? 'X-RAY DIFFRACTION' ? 
x_dihedral_angle_d_prot ?     ? ? ? 'X-RAY DIFFRACTION' ? 
x_improper_angle_d      1.04  ? ? ? 'X-RAY DIFFRACTION' ? 
x_improper_angle_d_na   ?     ? ? ? 'X-RAY DIFFRACTION' ? 
x_improper_angle_d_prot ?     ? ? ? 'X-RAY DIFFRACTION' ? 
x_mcbond_it             ?     ? ? ? 'X-RAY DIFFRACTION' ? 
x_mcangle_it            ?     ? ? ? 'X-RAY DIFFRACTION' ? 
x_scbond_it             ?     ? ? ? 'X-RAY DIFFRACTION' ? 
x_scangle_it            ?     ? ? ? 'X-RAY DIFFRACTION' ? 
# 
_refine_ls_shell.pdbx_total_number_of_bins_used   8 
_refine_ls_shell.d_res_high                       2.60 
_refine_ls_shell.d_res_low                        2.71 
_refine_ls_shell.number_reflns_R_work             553 
_refine_ls_shell.R_factor_R_work                  0.3560000 
_refine_ls_shell.percent_reflns_obs               83.4 
_refine_ls_shell.R_factor_R_free                  0.4360000 
_refine_ls_shell.R_factor_R_free_error            0.061 
_refine_ls_shell.percent_reflns_R_free            6.76 
_refine_ls_shell.number_reflns_R_free             51 
_refine_ls_shell.pdbx_refine_id                   'X-RAY DIFFRACTION' 
_refine_ls_shell.number_reflns_all                ? 
_refine_ls_shell.R_factor_all                     ? 
# 
loop_
_pdbx_xplor_file.serial_no 
_pdbx_xplor_file.param_file 
_pdbx_xplor_file.topol_file 
_pdbx_xplor_file.pdbx_refine_id 
1 PROTEIN_REP.PARAM TOPHCSDX.PRO 'X-RAY DIFFRACTION' 
2 PARHCSDX.PRO      TOPH19.PEP   'X-RAY DIFFRACTION' 
3 WATER.PARAM       WATER2.TOPH  'X-RAY DIFFRACTION' 
4 IB2.PAR           IB2.TOP      'X-RAY DIFFRACTION' 
# 
_struct.entry_id                  2FHI 
_struct.title                     
'SUBSTRATE ANALOG (IB2) COMPLEX WITH THE HIS 96 ASN SUBSTITUTION OF THE FRAGILE HISTIDINE TRIAD PROTEIN, FHIT' 
_struct.pdbx_model_details        ? 
_struct.pdbx_CASP_flag            ? 
_struct.pdbx_model_type_details   ? 
# 
_struct_keywords.entry_id        2FHI 
_struct_keywords.pdbx_keywords   'NUCLEOTIDE-BINDING PROTEIN' 
_struct_keywords.text            
'NUCLEOTIDE-BINDING PROTEIN, CANCER, DIADENOSINE TRIPHOSPHATE HYDROLASE, ACTIVE SITE SUBSTITUTION, HISTIDINE TRIAD, TUMOR SUPPRESSOR' 
# 
loop_
_struct_asym.id 
_struct_asym.pdbx_blank_PDB_chainid_flag 
_struct_asym.pdbx_modified 
_struct_asym.entity_id 
_struct_asym.details 
A N N 1 ? 
B N N 2 ? 
C N N 3 ? 
# 
_struct_ref.id                         1 
_struct_ref.db_name                    UNP 
_struct_ref.db_code                    FHIT_HUMAN 
_struct_ref.entity_id                  1 
_struct_ref.pdbx_db_accession          P49789 
_struct_ref.pdbx_align_begin           1 
_struct_ref.pdbx_seq_one_letter_code   
;MSFRFGQHLIKPSVVFLKTELSFALVNRKPVVPGHVLVCPLRPVERFHDLRPDEVADLFQTTQRVGTVVEKHFHGTSLTF
SMQDGPEAGQTVKHVHVHVLPRKAGDFHRNDSIYEELQKHDKEDFPASWRSEEEMAAEAAALRVYFQ
;
_struct_ref.pdbx_db_isoform            ? 
# 
_struct_ref_seq.align_id                      1 
_struct_ref_seq.ref_id                        1 
_struct_ref_seq.pdbx_PDB_id_code              2FHI 
_struct_ref_seq.pdbx_strand_id                A 
_struct_ref_seq.seq_align_beg                 1 
_struct_ref_seq.pdbx_seq_align_beg_ins_code   ? 
_struct_ref_seq.seq_align_end                 147 
_struct_ref_seq.pdbx_seq_align_end_ins_code   ? 
_struct_ref_seq.pdbx_db_accession             P49789 
_struct_ref_seq.db_align_beg                  1 
_struct_ref_seq.pdbx_db_align_beg_ins_code    ? 
_struct_ref_seq.db_align_end                  147 
_struct_ref_seq.pdbx_db_align_end_ins_code    ? 
_struct_ref_seq.pdbx_auth_seq_align_beg       1 
_struct_ref_seq.pdbx_auth_seq_align_end       147 
# 
_struct_ref_seq_dif.align_id                     1 
_struct_ref_seq_dif.pdbx_pdb_id_code             2FHI 
_struct_ref_seq_dif.mon_id                       ASN 
_struct_ref_seq_dif.pdbx_pdb_strand_id           A 
_struct_ref_seq_dif.seq_num                      96 
_struct_ref_seq_dif.pdbx_pdb_ins_code            ? 
_struct_ref_seq_dif.pdbx_seq_db_name             UNP 
_struct_ref_seq_dif.pdbx_seq_db_accession_code   P49789 
_struct_ref_seq_dif.db_mon_id                    HIS 
_struct_ref_seq_dif.pdbx_seq_db_seq_num          96 
_struct_ref_seq_dif.details                      'engineered mutation' 
_struct_ref_seq_dif.pdbx_auth_seq_num            96 
_struct_ref_seq_dif.pdbx_ordinal                 1 
# 
_pdbx_struct_assembly.id                   1 
_pdbx_struct_assembly.details              author_and_software_defined_assembly 
_pdbx_struct_assembly.method_details       PISA,PQS 
_pdbx_struct_assembly.oligomeric_details   dimeric 
_pdbx_struct_assembly.oligomeric_count     2 
# 
loop_
_pdbx_struct_assembly_prop.biol_id 
_pdbx_struct_assembly_prop.type 
_pdbx_struct_assembly_prop.value 
_pdbx_struct_assembly_prop.details 
1 'ABSA (A^2)' 4460  ? 
1 MORE         -24   ? 
1 'SSA (A^2)'  11200 ? 
# 
_pdbx_struct_assembly_gen.assembly_id       1 
_pdbx_struct_assembly_gen.oper_expression   1,2 
_pdbx_struct_assembly_gen.asym_id_list      A,B,C 
# 
loop_
_pdbx_struct_oper_list.id 
_pdbx_struct_oper_list.type 
_pdbx_struct_oper_list.name 
_pdbx_struct_oper_list.symmetry_operation 
_pdbx_struct_oper_list.matrix[1][1] 
_pdbx_struct_oper_list.matrix[1][2] 
_pdbx_struct_oper_list.matrix[1][3] 
_pdbx_struct_oper_list.vector[1] 
_pdbx_struct_oper_list.matrix[2][1] 
_pdbx_struct_oper_list.matrix[2][2] 
_pdbx_struct_oper_list.matrix[2][3] 
_pdbx_struct_oper_list.vector[2] 
_pdbx_struct_oper_list.matrix[3][1] 
_pdbx_struct_oper_list.matrix[3][2] 
_pdbx_struct_oper_list.matrix[3][3] 
_pdbx_struct_oper_list.vector[3] 
1 'identity operation'         1_555  x,y,z        1.0000000000 0.0000000000  0.0000000000 0.0000000000 0.0000000000  1.0000000000  0.0000000000  0.0000000000  0.0000000000 0.0000000000  1.0000000000  0.0000000000 
2 'crystal symmetry operation' 12_555 x,x-y,-z+1/6 0.8326398195 -0.5321278987 0.1534627983 5.6863998553 -0.5321278987 -0.8454905882 -0.0445596759 21.4422451639 0.1534627983 -0.0445596759 -0.9871492313 6.4438682847 
# 
_struct_biol.id   1 
# 
loop_
_struct_conf.conf_type_id 
_struct_conf.id 
_struct_conf.pdbx_PDB_helix_id 
_struct_conf.beg_label_comp_id 
_struct_conf.beg_label_asym_id 
_struct_conf.beg_label_seq_id 
_struct_conf.pdbx_beg_PDB_ins_code 
_struct_conf.end_label_comp_id 
_struct_conf.end_label_asym_id 
_struct_conf.end_label_seq_id 
_struct_conf.pdbx_end_PDB_ins_code 
_struct_conf.beg_auth_comp_id 
_struct_conf.beg_auth_asym_id 
_struct_conf.beg_auth_seq_id 
_struct_conf.end_auth_comp_id 
_struct_conf.end_auth_asym_id 
_struct_conf.end_auth_seq_id 
_struct_conf.pdbx_PDB_helix_class 
_struct_conf.details 
_struct_conf.pdbx_PDB_helix_length 
HELX_P HELX_P1 1 PRO A 12  ? VAL A 14  ? PRO A 12  VAL A 14  5 ? 3  
HELX_P HELX_P2 2 PHE A 47  ? ASP A 49  ? PHE A 47  ASP A 49  5 ? 3  
HELX_P HELX_P3 3 PRO A 52  ? HIS A 72  ? PRO A 52  HIS A 72  1 ? 21 
HELX_P HELX_P4 4 PRO A 86  ? ALA A 88  ? PRO A 86  ALA A 88  5 ? 3  
HELX_P HELX_P5 5 GLU A 132 ? VAL A 144 ? GLU A 132 VAL A 144 1 ? 13 
# 
_struct_conf_type.id          HELX_P 
_struct_conf_type.criteria    ? 
_struct_conf_type.reference   ? 
# 
loop_
_struct_sheet.id 
_struct_sheet.type 
_struct_sheet.number_strands 
_struct_sheet.details 
A ? 2 ? 
B ? 5 ? 
# 
loop_
_struct_sheet_order.sheet_id 
_struct_sheet_order.range_id_1 
_struct_sheet_order.range_id_2 
_struct_sheet_order.offset 
_struct_sheet_order.sense 
A 1 2 ? anti-parallel 
B 1 2 ? anti-parallel 
B 2 3 ? anti-parallel 
B 3 4 ? anti-parallel 
B 4 5 ? anti-parallel 
# 
loop_
_struct_sheet_range.sheet_id 
_struct_sheet_range.id 
_struct_sheet_range.beg_label_comp_id 
_struct_sheet_range.beg_label_asym_id 
_struct_sheet_range.beg_label_seq_id 
_struct_sheet_range.pdbx_beg_PDB_ins_code 
_struct_sheet_range.end_label_comp_id 
_struct_sheet_range.end_label_asym_id 
_struct_sheet_range.end_label_seq_id 
_struct_sheet_range.pdbx_end_PDB_ins_code 
_struct_sheet_range.beg_auth_comp_id 
_struct_sheet_range.beg_auth_asym_id 
_struct_sheet_range.beg_auth_seq_id 
_struct_sheet_range.end_auth_comp_id 
_struct_sheet_range.end_auth_asym_id 
_struct_sheet_range.end_auth_seq_id 
A 1 PHE A 3  ? PHE A 5   ? PHE A 3  PHE A 5   
A 2 HIS A 8  ? ILE A 10  ? HIS A 8  ILE A 10  
B 1 SER A 77 ? SER A 81  ? SER A 77 SER A 81  
B 2 VAL A 97 ? ARG A 102 ? VAL A 97 ARG A 102 
B 3 VAL A 36 ? PRO A 40  ? VAL A 36 PRO A 40  
B 4 SER A 22 ? VAL A 26  ? SER A 22 VAL A 26  
B 5 VAL A 15 ? LYS A 18  ? VAL A 15 LYS A 18  
# 
loop_
_pdbx_struct_sheet_hbond.sheet_id 
_pdbx_struct_sheet_hbond.range_id_1 
_pdbx_struct_sheet_hbond.range_id_2 
_pdbx_struct_sheet_hbond.range_1_label_atom_id 
_pdbx_struct_sheet_hbond.range_1_label_comp_id 
_pdbx_struct_sheet_hbond.range_1_label_asym_id 
_pdbx_struct_sheet_hbond.range_1_label_seq_id 
_pdbx_struct_sheet_hbond.range_1_PDB_ins_code 
_pdbx_struct_sheet_hbond.range_1_auth_atom_id 
_pdbx_struct_sheet_hbond.range_1_auth_comp_id 
_pdbx_struct_sheet_hbond.range_1_auth_asym_id 
_pdbx_struct_sheet_hbond.range_1_auth_seq_id 
_pdbx_struct_sheet_hbond.range_2_label_atom_id 
_pdbx_struct_sheet_hbond.range_2_label_comp_id 
_pdbx_struct_sheet_hbond.range_2_label_asym_id 
_pdbx_struct_sheet_hbond.range_2_label_seq_id 
_pdbx_struct_sheet_hbond.range_2_PDB_ins_code 
_pdbx_struct_sheet_hbond.range_2_auth_atom_id 
_pdbx_struct_sheet_hbond.range_2_auth_comp_id 
_pdbx_struct_sheet_hbond.range_2_auth_asym_id 
_pdbx_struct_sheet_hbond.range_2_auth_seq_id 
A 1 2 O PHE A 3  ? O PHE A 3  N ILE A 10  ? N ILE A 10  
B 1 2 O SER A 77 ? O SER A 77 N ARG A 102 ? N ARG A 102 
B 2 3 O VAL A 97 ? O VAL A 97 N VAL A 38  ? N VAL A 38  
B 3 4 O LEU A 37 ? O LEU A 37 N LEU A 25  ? N LEU A 25  
B 4 5 O ALA A 24 ? O ALA A 24 N LEU A 17  ? N LEU A 17  
# 
loop_
_struct_site.id 
_struct_site.pdbx_evidence_code 
_struct_site.pdbx_auth_asym_id 
_struct_site.pdbx_auth_comp_id 
_struct_site.pdbx_auth_seq_id 
_struct_site.pdbx_auth_ins_code 
_struct_site.pdbx_num_residues 
_struct_site.details 
HIT Unknown  ? ?   ?   ? 3  
;THE HISTIDINE TRIAD SITE CONTAINS THE MOTIF COMMON TO PROTEINS IN THE HIT SUPERFAMILY OF NUCLEOTIDE-BINDING PROTEINS. HIS 96 IS THE PRINCIPAL ACTIVE SITE RESIDUE AND SUBSTITUTION WITH ASN REDUCES KCAT (10E6)-FOLD WITH LITTLE EFFECT ON KM. HIS 98 IS PROPOSED TO H-BOND TO THE SCISSILE BRIDGING OXYGEN OF DINUCLEOTIDE SUBSTRATES.
;
AC1 Software A IB2 301 ? 14 'BINDING SITE FOR RESIDUE IB2 A 301' 
# 
loop_
_struct_site_gen.id 
_struct_site_gen.site_id 
_struct_site_gen.pdbx_num_res 
_struct_site_gen.label_comp_id 
_struct_site_gen.label_asym_id 
_struct_site_gen.label_seq_id 
_struct_site_gen.pdbx_auth_ins_code 
_struct_site_gen.auth_comp_id 
_struct_site_gen.auth_asym_id 
_struct_site_gen.auth_seq_id 
_struct_site_gen.label_atom_id 
_struct_site_gen.label_alt_id 
_struct_site_gen.symmetry 
_struct_site_gen.details 
1  HIT 3  HIS A 94  ? HIS A 94  . ? 1_555 ? 
2  HIT 3  ASN A 96  ? ASN A 96  . ? 1_555 ? 
3  HIT 3  HIS A 98  ? HIS A 98  . ? 1_555 ? 
4  AC1 14 PHE A 5   ? PHE A 5   . ? 1_555 ? 
5  AC1 14 VAL A 26  ? VAL A 26  . ? 1_555 ? 
6  AC1 14 ASN A 27  ? ASN A 27  . ? 1_555 ? 
7  AC1 14 LEU A 37  ? LEU A 37  . ? 1_555 ? 
8  AC1 14 THR A 79  ? THR A 79  . ? 1_555 ? 
9  AC1 14 PHE A 80  ? PHE A 80  . ? 1_555 ? 
10 AC1 14 SER A 81  ? SER A 81  . ? 1_555 ? 
11 AC1 14 GLN A 83  ? GLN A 83  . ? 1_555 ? 
12 AC1 14 GLY A 89  ? GLY A 89  . ? 1_555 ? 
13 AC1 14 THR A 91  ? THR A 91  . ? 1_555 ? 
14 AC1 14 VAL A 92  ? VAL A 92  . ? 1_555 ? 
15 AC1 14 ASN A 96  ? ASN A 96  . ? 1_555 ? 
16 AC1 14 HIS A 98  ? HIS A 98  . ? 1_555 ? 
17 AC1 14 LEU A 100 ? LEU A 100 . ? 1_555 ? 
# 
_pdbx_validate_close_contact.id               1 
_pdbx_validate_close_contact.PDB_model_num    1 
_pdbx_validate_close_contact.auth_atom_id_1   OG 
_pdbx_validate_close_contact.auth_asym_id_1   A 
_pdbx_validate_close_contact.auth_comp_id_1   SER 
_pdbx_validate_close_contact.auth_seq_id_1    22 
_pdbx_validate_close_contact.PDB_ins_code_1   ? 
_pdbx_validate_close_contact.label_alt_id_1   ? 
_pdbx_validate_close_contact.auth_atom_id_2   OD1 
_pdbx_validate_close_contact.auth_asym_id_2   A 
_pdbx_validate_close_contact.auth_comp_id_2   ASP 
_pdbx_validate_close_contact.auth_seq_id_2    57 
_pdbx_validate_close_contact.PDB_ins_code_2   ? 
_pdbx_validate_close_contact.label_alt_id_2   ? 
_pdbx_validate_close_contact.dist             2.11 
# 
loop_
_pdbx_validate_torsion.id 
_pdbx_validate_torsion.PDB_model_num 
_pdbx_validate_torsion.auth_comp_id 
_pdbx_validate_torsion.auth_asym_id 
_pdbx_validate_torsion.auth_seq_id 
_pdbx_validate_torsion.PDB_ins_code 
_pdbx_validate_torsion.label_alt_id 
_pdbx_validate_torsion.phi 
_pdbx_validate_torsion.psi 
1 1 THR A 19 ? ? -105.22 -157.36 
2 1 SER A 81 ? ? -170.38 140.21  
3 1 ASN A 96 ? ? -166.97 115.57  
# 
loop_
_pdbx_unobs_or_zero_occ_residues.id 
_pdbx_unobs_or_zero_occ_residues.PDB_model_num 
_pdbx_unobs_or_zero_occ_residues.polymer_flag 
_pdbx_unobs_or_zero_occ_residues.occupancy_flag 
_pdbx_unobs_or_zero_occ_residues.auth_asym_id 
_pdbx_unobs_or_zero_occ_residues.auth_comp_id 
_pdbx_unobs_or_zero_occ_residues.auth_seq_id 
_pdbx_unobs_or_zero_occ_residues.PDB_ins_code 
_pdbx_unobs_or_zero_occ_residues.label_asym_id 
_pdbx_unobs_or_zero_occ_residues.label_comp_id 
_pdbx_unobs_or_zero_occ_residues.label_seq_id 
1  1 Y 1 A MET 1   ? A MET 1   
2  1 Y 1 A PHE 107 ? A PHE 107 
3  1 Y 1 A HIS 108 ? A HIS 108 
4  1 Y 1 A ARG 109 ? A ARG 109 
5  1 Y 1 A ASN 110 ? A ASN 110 
6  1 Y 1 A ASP 111 ? A ASP 111 
7  1 Y 1 A SER 112 ? A SER 112 
8  1 Y 1 A ILE 113 ? A ILE 113 
9  1 Y 1 A TYR 114 ? A TYR 114 
10 1 Y 1 A GLU 115 ? A GLU 115 
11 1 Y 1 A GLU 116 ? A GLU 116 
12 1 Y 1 A LEU 117 ? A LEU 117 
13 1 Y 1 A GLN 118 ? A GLN 118 
14 1 Y 1 A LYS 119 ? A LYS 119 
15 1 Y 1 A HIS 120 ? A HIS 120 
16 1 Y 1 A ASP 121 ? A ASP 121 
17 1 Y 1 A LYS 122 ? A LYS 122 
18 1 Y 1 A GLU 123 ? A GLU 123 
19 1 Y 1 A ASP 124 ? A ASP 124 
20 1 Y 1 A PHE 125 ? A PHE 125 
21 1 Y 1 A PRO 126 ? A PRO 126 
22 1 Y 1 A ALA 127 ? A ALA 127 
23 1 Y 1 A SER 128 ? A SER 128 
# 
loop_
_chem_comp_atom.comp_id 
_chem_comp_atom.atom_id 
_chem_comp_atom.type_symbol 
_chem_comp_atom.pdbx_aromatic_flag 
_chem_comp_atom.pdbx_stereo_config 
_chem_comp_atom.pdbx_ordinal 
ALA N      N N N 1   
ALA CA     C N S 2   
ALA C      C N N 3   
ALA O      O N N 4   
ALA CB     C N N 5   
ALA OXT    O N N 6   
ALA H      H N N 7   
ALA H2     H N N 8   
ALA HA     H N N 9   
ALA HB1    H N N 10  
ALA HB2    H N N 11  
ALA HB3    H N N 12  
ALA HXT    H N N 13  
ARG N      N N N 14  
ARG CA     C N S 15  
ARG C      C N N 16  
ARG O      O N N 17  
ARG CB     C N N 18  
ARG CG     C N N 19  
ARG CD     C N N 20  
ARG NE     N N N 21  
ARG CZ     C N N 22  
ARG NH1    N N N 23  
ARG NH2    N N N 24  
ARG OXT    O N N 25  
ARG H      H N N 26  
ARG H2     H N N 27  
ARG HA     H N N 28  
ARG HB2    H N N 29  
ARG HB3    H N N 30  
ARG HG2    H N N 31  
ARG HG3    H N N 32  
ARG HD2    H N N 33  
ARG HD3    H N N 34  
ARG HE     H N N 35  
ARG HH11   H N N 36  
ARG HH12   H N N 37  
ARG HH21   H N N 38  
ARG HH22   H N N 39  
ARG HXT    H N N 40  
ASN N      N N N 41  
ASN CA     C N S 42  
ASN C      C N N 43  
ASN O      O N N 44  
ASN CB     C N N 45  
ASN CG     C N N 46  
ASN OD1    O N N 47  
ASN ND2    N N N 48  
ASN OXT    O N N 49  
ASN H      H N N 50  
ASN H2     H N N 51  
ASN HA     H N N 52  
ASN HB2    H N N 53  
ASN HB3    H N N 54  
ASN HD21   H N N 55  
ASN HD22   H N N 56  
ASN HXT    H N N 57  
ASP N      N N N 58  
ASP CA     C N S 59  
ASP C      C N N 60  
ASP O      O N N 61  
ASP CB     C N N 62  
ASP CG     C N N 63  
ASP OD1    O N N 64  
ASP OD2    O N N 65  
ASP OXT    O N N 66  
ASP H      H N N 67  
ASP H2     H N N 68  
ASP HA     H N N 69  
ASP HB2    H N N 70  
ASP HB3    H N N 71  
ASP HD2    H N N 72  
ASP HXT    H N N 73  
CYS N      N N N 74  
CYS CA     C N R 75  
CYS C      C N N 76  
CYS O      O N N 77  
CYS CB     C N N 78  
CYS SG     S N N 79  
CYS OXT    O N N 80  
CYS H      H N N 81  
CYS H2     H N N 82  
CYS HA     H N N 83  
CYS HB2    H N N 84  
CYS HB3    H N N 85  
CYS HG     H N N 86  
CYS HXT    H N N 87  
GLN N      N N N 88  
GLN CA     C N S 89  
GLN C      C N N 90  
GLN O      O N N 91  
GLN CB     C N N 92  
GLN CG     C N N 93  
GLN CD     C N N 94  
GLN OE1    O N N 95  
GLN NE2    N N N 96  
GLN OXT    O N N 97  
GLN H      H N N 98  
GLN H2     H N N 99  
GLN HA     H N N 100 
GLN HB2    H N N 101 
GLN HB3    H N N 102 
GLN HG2    H N N 103 
GLN HG3    H N N 104 
GLN HE21   H N N 105 
GLN HE22   H N N 106 
GLN HXT    H N N 107 
GLU N      N N N 108 
GLU CA     C N S 109 
GLU C      C N N 110 
GLU O      O N N 111 
GLU CB     C N N 112 
GLU CG     C N N 113 
GLU CD     C N N 114 
GLU OE1    O N N 115 
GLU OE2    O N N 116 
GLU OXT    O N N 117 
GLU H      H N N 118 
GLU H2     H N N 119 
GLU HA     H N N 120 
GLU HB2    H N N 121 
GLU HB3    H N N 122 
GLU HG2    H N N 123 
GLU HG3    H N N 124 
GLU HE2    H N N 125 
GLU HXT    H N N 126 
GLY N      N N N 127 
GLY CA     C N N 128 
GLY C      C N N 129 
GLY O      O N N 130 
GLY OXT    O N N 131 
GLY H      H N N 132 
GLY H2     H N N 133 
GLY HA2    H N N 134 
GLY HA3    H N N 135 
GLY HXT    H N N 136 
HIS N      N N N 137 
HIS CA     C N S 138 
HIS C      C N N 139 
HIS O      O N N 140 
HIS CB     C N N 141 
HIS CG     C Y N 142 
HIS ND1    N Y N 143 
HIS CD2    C Y N 144 
HIS CE1    C Y N 145 
HIS NE2    N Y N 146 
HIS OXT    O N N 147 
HIS H      H N N 148 
HIS H2     H N N 149 
HIS HA     H N N 150 
HIS HB2    H N N 151 
HIS HB3    H N N 152 
HIS HD1    H N N 153 
HIS HD2    H N N 154 
HIS HE1    H N N 155 
HIS HE2    H N N 156 
HIS HXT    H N N 157 
HOH O      O N N 158 
HOH H1     H N N 159 
HOH H2     H N N 160 
IB2 PA     P N S 161 
IB2 O1A    O N N 162 
IB2 O2A    O N N 163 
IB2 C3A    C N N 164 
IB2 PB     P N S 165 
IB2 O1B    O N N 166 
IB2 O2B    O N N 167 
IB2 O3B    O N N 168 
IB2 PG     P N R 169 
IB2 O1G    O N N 170 
IB2 S2G    S N N 171 
IB2 O5D    O N N 172 
IB2 C5D    C N N 173 
IB2 C4D    C N R 174 
IB2 O4D    O N N 175 
IB2 C3D    C N S 176 
IB2 O3D    O N N 177 
IB2 C2D    C N R 178 
IB2 O2D    O N N 179 
IB2 C1D    C N R 180 
IB2 "O5'"  O N N 181 
IB2 "C5'"  C N N 182 
IB2 "C4'"  C N R 183 
IB2 "O4'"  O N N 184 
IB2 "C3'"  C N S 185 
IB2 "O3'"  O N N 186 
IB2 "C2'"  C N R 187 
IB2 "O2'"  O N N 188 
IB2 "C1'"  C N R 189 
IB2 N9     N Y N 190 
IB2 C8     C Y N 191 
IB2 N7     N Y N 192 
IB2 C5     C Y N 193 
IB2 C6     C Y N 194 
IB2 N6     N N N 195 
IB2 N1     N Y N 196 
IB2 C2     C Y N 197 
IB2 N3     N Y N 198 
IB2 C4     C Y N 199 
IB2 N9A    N Y N 200 
IB2 C8A    C Y N 201 
IB2 N7A    N Y N 202 
IB2 C5A    C Y N 203 
IB2 C6A    C Y N 204 
IB2 N6A    N N N 205 
IB2 N1A    N Y N 206 
IB2 C2A    C Y N 207 
IB2 N3A    N Y N 208 
IB2 C4A    C Y N 209 
IB2 HOA2   H N N 210 
IB2 H3A1   H N N 211 
IB2 H3A2   H N N 212 
IB2 HOB2   H N N 213 
IB2 HSG2   H N N 214 
IB2 "H5'1" H N N 215 
IB2 "H5'2" H N N 216 
IB2 H4D    H N N 217 
IB2 H3D    H N N 218 
IB2 "HO3'" H N N 219 
IB2 H2D    H N N 220 
IB2 "HO2'" H N N 221 
IB2 H1D    H N N 222 
IB2 H51X   H N N 223 
IB2 H52X   H N N 224 
IB2 "H4'"  H N N 225 
IB2 "H3'"  H N N 226 
IB2 HO3X   H N N 227 
IB2 "H2'"  H N N 228 
IB2 HO2X   H N N 229 
IB2 "H1'"  H N N 230 
IB2 H8     H N N 231 
IB2 HN61   H N N 232 
IB2 HN62   H N N 233 
IB2 H2     H N N 234 
IB2 H8A    H N N 235 
IB2 HNA1   H N N 236 
IB2 HNA2   H N N 237 
IB2 H2A    H N N 238 
ILE N      N N N 239 
ILE CA     C N S 240 
ILE C      C N N 241 
ILE O      O N N 242 
ILE CB     C N S 243 
ILE CG1    C N N 244 
ILE CG2    C N N 245 
ILE CD1    C N N 246 
ILE OXT    O N N 247 
ILE H      H N N 248 
ILE H2     H N N 249 
ILE HA     H N N 250 
ILE HB     H N N 251 
ILE HG12   H N N 252 
ILE HG13   H N N 253 
ILE HG21   H N N 254 
ILE HG22   H N N 255 
ILE HG23   H N N 256 
ILE HD11   H N N 257 
ILE HD12   H N N 258 
ILE HD13   H N N 259 
ILE HXT    H N N 260 
LEU N      N N N 261 
LEU CA     C N S 262 
LEU C      C N N 263 
LEU O      O N N 264 
LEU CB     C N N 265 
LEU CG     C N N 266 
LEU CD1    C N N 267 
LEU CD2    C N N 268 
LEU OXT    O N N 269 
LEU H      H N N 270 
LEU H2     H N N 271 
LEU HA     H N N 272 
LEU HB2    H N N 273 
LEU HB3    H N N 274 
LEU HG     H N N 275 
LEU HD11   H N N 276 
LEU HD12   H N N 277 
LEU HD13   H N N 278 
LEU HD21   H N N 279 
LEU HD22   H N N 280 
LEU HD23   H N N 281 
LEU HXT    H N N 282 
LYS N      N N N 283 
LYS CA     C N S 284 
LYS C      C N N 285 
LYS O      O N N 286 
LYS CB     C N N 287 
LYS CG     C N N 288 
LYS CD     C N N 289 
LYS CE     C N N 290 
LYS NZ     N N N 291 
LYS OXT    O N N 292 
LYS H      H N N 293 
LYS H2     H N N 294 
LYS HA     H N N 295 
LYS HB2    H N N 296 
LYS HB3    H N N 297 
LYS HG2    H N N 298 
LYS HG3    H N N 299 
LYS HD2    H N N 300 
LYS HD3    H N N 301 
LYS HE2    H N N 302 
LYS HE3    H N N 303 
LYS HZ1    H N N 304 
LYS HZ2    H N N 305 
LYS HZ3    H N N 306 
LYS HXT    H N N 307 
MET N      N N N 308 
MET CA     C N S 309 
MET C      C N N 310 
MET O      O N N 311 
MET CB     C N N 312 
MET CG     C N N 313 
MET SD     S N N 314 
MET CE     C N N 315 
MET OXT    O N N 316 
MET H      H N N 317 
MET H2     H N N 318 
MET HA     H N N 319 
MET HB2    H N N 320 
MET HB3    H N N 321 
MET HG2    H N N 322 
MET HG3    H N N 323 
MET HE1    H N N 324 
MET HE2    H N N 325 
MET HE3    H N N 326 
MET HXT    H N N 327 
PHE N      N N N 328 
PHE CA     C N S 329 
PHE C      C N N 330 
PHE O      O N N 331 
PHE CB     C N N 332 
PHE CG     C Y N 333 
PHE CD1    C Y N 334 
PHE CD2    C Y N 335 
PHE CE1    C Y N 336 
PHE CE2    C Y N 337 
PHE CZ     C Y N 338 
PHE OXT    O N N 339 
PHE H      H N N 340 
PHE H2     H N N 341 
PHE HA     H N N 342 
PHE HB2    H N N 343 
PHE HB3    H N N 344 
PHE HD1    H N N 345 
PHE HD2    H N N 346 
PHE HE1    H N N 347 
PHE HE2    H N N 348 
PHE HZ     H N N 349 
PHE HXT    H N N 350 
PRO N      N N N 351 
PRO CA     C N S 352 
PRO C      C N N 353 
PRO O      O N N 354 
PRO CB     C N N 355 
PRO CG     C N N 356 
PRO CD     C N N 357 
PRO OXT    O N N 358 
PRO H      H N N 359 
PRO HA     H N N 360 
PRO HB2    H N N 361 
PRO HB3    H N N 362 
PRO HG2    H N N 363 
PRO HG3    H N N 364 
PRO HD2    H N N 365 
PRO HD3    H N N 366 
PRO HXT    H N N 367 
SER N      N N N 368 
SER CA     C N S 369 
SER C      C N N 370 
SER O      O N N 371 
SER CB     C N N 372 
SER OG     O N N 373 
SER OXT    O N N 374 
SER H      H N N 375 
SER H2     H N N 376 
SER HA     H N N 377 
SER HB2    H N N 378 
SER HB3    H N N 379 
SER HG     H N N 380 
SER HXT    H N N 381 
THR N      N N N 382 
THR CA     C N S 383 
THR C      C N N 384 
THR O      O N N 385 
THR CB     C N R 386 
THR OG1    O N N 387 
THR CG2    C N N 388 
THR OXT    O N N 389 
THR H      H N N 390 
THR H2     H N N 391 
THR HA     H N N 392 
THR HB     H N N 393 
THR HG1    H N N 394 
THR HG21   H N N 395 
THR HG22   H N N 396 
THR HG23   H N N 397 
THR HXT    H N N 398 
TRP N      N N N 399 
TRP CA     C N S 400 
TRP C      C N N 401 
TRP O      O N N 402 
TRP CB     C N N 403 
TRP CG     C Y N 404 
TRP CD1    C Y N 405 
TRP CD2    C Y N 406 
TRP NE1    N Y N 407 
TRP CE2    C Y N 408 
TRP CE3    C Y N 409 
TRP CZ2    C Y N 410 
TRP CZ3    C Y N 411 
TRP CH2    C Y N 412 
TRP OXT    O N N 413 
TRP H      H N N 414 
TRP H2     H N N 415 
TRP HA     H N N 416 
TRP HB2    H N N 417 
TRP HB3    H N N 418 
TRP HD1    H N N 419 
TRP HE1    H N N 420 
TRP HE3    H N N 421 
TRP HZ2    H N N 422 
TRP HZ3    H N N 423 
TRP HH2    H N N 424 
TRP HXT    H N N 425 
TYR N      N N N 426 
TYR CA     C N S 427 
TYR C      C N N 428 
TYR O      O N N 429 
TYR CB     C N N 430 
TYR CG     C Y N 431 
TYR CD1    C Y N 432 
TYR CD2    C Y N 433 
TYR CE1    C Y N 434 
TYR CE2    C Y N 435 
TYR CZ     C Y N 436 
TYR OH     O N N 437 
TYR OXT    O N N 438 
TYR H      H N N 439 
TYR H2     H N N 440 
TYR HA     H N N 441 
TYR HB2    H N N 442 
TYR HB3    H N N 443 
TYR HD1    H N N 444 
TYR HD2    H N N 445 
TYR HE1    H N N 446 
TYR HE2    H N N 447 
TYR HH     H N N 448 
TYR HXT    H N N 449 
VAL N      N N N 450 
VAL CA     C N S 451 
VAL C      C N N 452 
VAL O      O N N 453 
VAL CB     C N N 454 
VAL CG1    C N N 455 
VAL CG2    C N N 456 
VAL OXT    O N N 457 
VAL H      H N N 458 
VAL H2     H N N 459 
VAL HA     H N N 460 
VAL HB     H N N 461 
VAL HG11   H N N 462 
VAL HG12   H N N 463 
VAL HG13   H N N 464 
VAL HG21   H N N 465 
VAL HG22   H N N 466 
VAL HG23   H N N 467 
VAL HXT    H N N 468 
# 
loop_
_chem_comp_bond.comp_id 
_chem_comp_bond.atom_id_1 
_chem_comp_bond.atom_id_2 
_chem_comp_bond.value_order 
_chem_comp_bond.pdbx_aromatic_flag 
_chem_comp_bond.pdbx_stereo_config 
_chem_comp_bond.pdbx_ordinal 
ALA N     CA     sing N N 1   
ALA N     H      sing N N 2   
ALA N     H2     sing N N 3   
ALA CA    C      sing N N 4   
ALA CA    CB     sing N N 5   
ALA CA    HA     sing N N 6   
ALA C     O      doub N N 7   
ALA C     OXT    sing N N 8   
ALA CB    HB1    sing N N 9   
ALA CB    HB2    sing N N 10  
ALA CB    HB3    sing N N 11  
ALA OXT   HXT    sing N N 12  
ARG N     CA     sing N N 13  
ARG N     H      sing N N 14  
ARG N     H2     sing N N 15  
ARG CA    C      sing N N 16  
ARG CA    CB     sing N N 17  
ARG CA    HA     sing N N 18  
ARG C     O      doub N N 19  
ARG C     OXT    sing N N 20  
ARG CB    CG     sing N N 21  
ARG CB    HB2    sing N N 22  
ARG CB    HB3    sing N N 23  
ARG CG    CD     sing N N 24  
ARG CG    HG2    sing N N 25  
ARG CG    HG3    sing N N 26  
ARG CD    NE     sing N N 27  
ARG CD    HD2    sing N N 28  
ARG CD    HD3    sing N N 29  
ARG NE    CZ     sing N N 30  
ARG NE    HE     sing N N 31  
ARG CZ    NH1    sing N N 32  
ARG CZ    NH2    doub N N 33  
ARG NH1   HH11   sing N N 34  
ARG NH1   HH12   sing N N 35  
ARG NH2   HH21   sing N N 36  
ARG NH2   HH22   sing N N 37  
ARG OXT   HXT    sing N N 38  
ASN N     CA     sing N N 39  
ASN N     H      sing N N 40  
ASN N     H2     sing N N 41  
ASN CA    C      sing N N 42  
ASN CA    CB     sing N N 43  
ASN CA    HA     sing N N 44  
ASN C     O      doub N N 45  
ASN C     OXT    sing N N 46  
ASN CB    CG     sing N N 47  
ASN CB    HB2    sing N N 48  
ASN CB    HB3    sing N N 49  
ASN CG    OD1    doub N N 50  
ASN CG    ND2    sing N N 51  
ASN ND2   HD21   sing N N 52  
ASN ND2   HD22   sing N N 53  
ASN OXT   HXT    sing N N 54  
ASP N     CA     sing N N 55  
ASP N     H      sing N N 56  
ASP N     H2     sing N N 57  
ASP CA    C      sing N N 58  
ASP CA    CB     sing N N 59  
ASP CA    HA     sing N N 60  
ASP C     O      doub N N 61  
ASP C     OXT    sing N N 62  
ASP CB    CG     sing N N 63  
ASP CB    HB2    sing N N 64  
ASP CB    HB3    sing N N 65  
ASP CG    OD1    doub N N 66  
ASP CG    OD2    sing N N 67  
ASP OD2   HD2    sing N N 68  
ASP OXT   HXT    sing N N 69  
CYS N     CA     sing N N 70  
CYS N     H      sing N N 71  
CYS N     H2     sing N N 72  
CYS CA    C      sing N N 73  
CYS CA    CB     sing N N 74  
CYS CA    HA     sing N N 75  
CYS C     O      doub N N 76  
CYS C     OXT    sing N N 77  
CYS CB    SG     sing N N 78  
CYS CB    HB2    sing N N 79  
CYS CB    HB3    sing N N 80  
CYS SG    HG     sing N N 81  
CYS OXT   HXT    sing N N 82  
GLN N     CA     sing N N 83  
GLN N     H      sing N N 84  
GLN N     H2     sing N N 85  
GLN CA    C      sing N N 86  
GLN CA    CB     sing N N 87  
GLN CA    HA     sing N N 88  
GLN C     O      doub N N 89  
GLN C     OXT    sing N N 90  
GLN CB    CG     sing N N 91  
GLN CB    HB2    sing N N 92  
GLN CB    HB3    sing N N 93  
GLN CG    CD     sing N N 94  
GLN CG    HG2    sing N N 95  
GLN CG    HG3    sing N N 96  
GLN CD    OE1    doub N N 97  
GLN CD    NE2    sing N N 98  
GLN NE2   HE21   sing N N 99  
GLN NE2   HE22   sing N N 100 
GLN OXT   HXT    sing N N 101 
GLU N     CA     sing N N 102 
GLU N     H      sing N N 103 
GLU N     H2     sing N N 104 
GLU CA    C      sing N N 105 
GLU CA    CB     sing N N 106 
GLU CA    HA     sing N N 107 
GLU C     O      doub N N 108 
GLU C     OXT    sing N N 109 
GLU CB    CG     sing N N 110 
GLU CB    HB2    sing N N 111 
GLU CB    HB3    sing N N 112 
GLU CG    CD     sing N N 113 
GLU CG    HG2    sing N N 114 
GLU CG    HG3    sing N N 115 
GLU CD    OE1    doub N N 116 
GLU CD    OE2    sing N N 117 
GLU OE2   HE2    sing N N 118 
GLU OXT   HXT    sing N N 119 
GLY N     CA     sing N N 120 
GLY N     H      sing N N 121 
GLY N     H2     sing N N 122 
GLY CA    C      sing N N 123 
GLY CA    HA2    sing N N 124 
GLY CA    HA3    sing N N 125 
GLY C     O      doub N N 126 
GLY C     OXT    sing N N 127 
GLY OXT   HXT    sing N N 128 
HIS N     CA     sing N N 129 
HIS N     H      sing N N 130 
HIS N     H2     sing N N 131 
HIS CA    C      sing N N 132 
HIS CA    CB     sing N N 133 
HIS CA    HA     sing N N 134 
HIS C     O      doub N N 135 
HIS C     OXT    sing N N 136 
HIS CB    CG     sing N N 137 
HIS CB    HB2    sing N N 138 
HIS CB    HB3    sing N N 139 
HIS CG    ND1    sing Y N 140 
HIS CG    CD2    doub Y N 141 
HIS ND1   CE1    doub Y N 142 
HIS ND1   HD1    sing N N 143 
HIS CD2   NE2    sing Y N 144 
HIS CD2   HD2    sing N N 145 
HIS CE1   NE2    sing Y N 146 
HIS CE1   HE1    sing N N 147 
HIS NE2   HE2    sing N N 148 
HIS OXT   HXT    sing N N 149 
HOH O     H1     sing N N 150 
HOH O     H2     sing N N 151 
IB2 PA    O1A    doub N N 152 
IB2 PA    O2A    sing N N 153 
IB2 PA    C3A    sing N N 154 
IB2 PA    O5D    sing N N 155 
IB2 O2A   HOA2   sing N N 156 
IB2 C3A   PB     sing N N 157 
IB2 C3A   H3A1   sing N N 158 
IB2 C3A   H3A2   sing N N 159 
IB2 PB    O1B    doub N N 160 
IB2 PB    O2B    sing N N 161 
IB2 PB    O3B    sing N N 162 
IB2 O2B   HOB2   sing N N 163 
IB2 O3B   PG     sing N N 164 
IB2 PG    O1G    doub N N 165 
IB2 PG    S2G    sing N N 166 
IB2 PG    "O5'"  sing N N 167 
IB2 S2G   HSG2   sing N N 168 
IB2 O5D   C5D    sing N N 169 
IB2 C5D   C4D    sing N N 170 
IB2 C5D   "H5'1" sing N N 171 
IB2 C5D   "H5'2" sing N N 172 
IB2 C4D   O4D    sing N N 173 
IB2 C4D   C3D    sing N N 174 
IB2 C4D   H4D    sing N N 175 
IB2 O4D   C1D    sing N N 176 
IB2 C3D   O3D    sing N N 177 
IB2 C3D   C2D    sing N N 178 
IB2 C3D   H3D    sing N N 179 
IB2 O3D   "HO3'" sing N N 180 
IB2 C2D   O2D    sing N N 181 
IB2 C2D   C1D    sing N N 182 
IB2 C2D   H2D    sing N N 183 
IB2 O2D   "HO2'" sing N N 184 
IB2 C1D   N9A    sing N N 185 
IB2 C1D   H1D    sing N N 186 
IB2 "O5'" "C5'"  sing N N 187 
IB2 "C5'" "C4'"  sing N N 188 
IB2 "C5'" H51X   sing N N 189 
IB2 "C5'" H52X   sing N N 190 
IB2 "C4'" "O4'"  sing N N 191 
IB2 "C4'" "C3'"  sing N N 192 
IB2 "C4'" "H4'"  sing N N 193 
IB2 "O4'" "C1'"  sing N N 194 
IB2 "C3'" "O3'"  sing N N 195 
IB2 "C3'" "C2'"  sing N N 196 
IB2 "C3'" "H3'"  sing N N 197 
IB2 "O3'" HO3X   sing N N 198 
IB2 "C2'" "O2'"  sing N N 199 
IB2 "C2'" "C1'"  sing N N 200 
IB2 "C2'" "H2'"  sing N N 201 
IB2 "O2'" HO2X   sing N N 202 
IB2 "C1'" N9     sing N N 203 
IB2 "C1'" "H1'"  sing N N 204 
IB2 N9    C8     sing Y N 205 
IB2 N9    C4     sing Y N 206 
IB2 C8    N7     doub Y N 207 
IB2 C8    H8     sing N N 208 
IB2 N7    C5     sing Y N 209 
IB2 C5    C6     sing Y N 210 
IB2 C5    C4     doub Y N 211 
IB2 C6    N6     sing N N 212 
IB2 C6    N1     doub Y N 213 
IB2 N6    HN61   sing N N 214 
IB2 N6    HN62   sing N N 215 
IB2 N1    C2     sing Y N 216 
IB2 C2    N3     doub Y N 217 
IB2 C2    H2     sing N N 218 
IB2 N3    C4     sing Y N 219 
IB2 N9A   C8A    sing Y N 220 
IB2 N9A   C4A    sing Y N 221 
IB2 C8A   N7A    doub Y N 222 
IB2 C8A   H8A    sing N N 223 
IB2 N7A   C5A    sing Y N 224 
IB2 C5A   C6A    sing Y N 225 
IB2 C5A   C4A    doub Y N 226 
IB2 C6A   N6A    sing N N 227 
IB2 C6A   N1A    doub Y N 228 
IB2 N6A   HNA1   sing N N 229 
IB2 N6A   HNA2   sing N N 230 
IB2 N1A   C2A    sing Y N 231 
IB2 C2A   N3A    doub Y N 232 
IB2 C2A   H2A    sing N N 233 
IB2 N3A   C4A    sing Y N 234 
ILE N     CA     sing N N 235 
ILE N     H      sing N N 236 
ILE N     H2     sing N N 237 
ILE CA    C      sing N N 238 
ILE CA    CB     sing N N 239 
ILE CA    HA     sing N N 240 
ILE C     O      doub N N 241 
ILE C     OXT    sing N N 242 
ILE CB    CG1    sing N N 243 
ILE CB    CG2    sing N N 244 
ILE CB    HB     sing N N 245 
ILE CG1   CD1    sing N N 246 
ILE CG1   HG12   sing N N 247 
ILE CG1   HG13   sing N N 248 
ILE CG2   HG21   sing N N 249 
ILE CG2   HG22   sing N N 250 
ILE CG2   HG23   sing N N 251 
ILE CD1   HD11   sing N N 252 
ILE CD1   HD12   sing N N 253 
ILE CD1   HD13   sing N N 254 
ILE OXT   HXT    sing N N 255 
LEU N     CA     sing N N 256 
LEU N     H      sing N N 257 
LEU N     H2     sing N N 258 
LEU CA    C      sing N N 259 
LEU CA    CB     sing N N 260 
LEU CA    HA     sing N N 261 
LEU C     O      doub N N 262 
LEU C     OXT    sing N N 263 
LEU CB    CG     sing N N 264 
LEU CB    HB2    sing N N 265 
LEU CB    HB3    sing N N 266 
LEU CG    CD1    sing N N 267 
LEU CG    CD2    sing N N 268 
LEU CG    HG     sing N N 269 
LEU CD1   HD11   sing N N 270 
LEU CD1   HD12   sing N N 271 
LEU CD1   HD13   sing N N 272 
LEU CD2   HD21   sing N N 273 
LEU CD2   HD22   sing N N 274 
LEU CD2   HD23   sing N N 275 
LEU OXT   HXT    sing N N 276 
LYS N     CA     sing N N 277 
LYS N     H      sing N N 278 
LYS N     H2     sing N N 279 
LYS CA    C      sing N N 280 
LYS CA    CB     sing N N 281 
LYS CA    HA     sing N N 282 
LYS C     O      doub N N 283 
LYS C     OXT    sing N N 284 
LYS CB    CG     sing N N 285 
LYS CB    HB2    sing N N 286 
LYS CB    HB3    sing N N 287 
LYS CG    CD     sing N N 288 
LYS CG    HG2    sing N N 289 
LYS CG    HG3    sing N N 290 
LYS CD    CE     sing N N 291 
LYS CD    HD2    sing N N 292 
LYS CD    HD3    sing N N 293 
LYS CE    NZ     sing N N 294 
LYS CE    HE2    sing N N 295 
LYS CE    HE3    sing N N 296 
LYS NZ    HZ1    sing N N 297 
LYS NZ    HZ2    sing N N 298 
LYS NZ    HZ3    sing N N 299 
LYS OXT   HXT    sing N N 300 
MET N     CA     sing N N 301 
MET N     H      sing N N 302 
MET N     H2     sing N N 303 
MET CA    C      sing N N 304 
MET CA    CB     sing N N 305 
MET CA    HA     sing N N 306 
MET C     O      doub N N 307 
MET C     OXT    sing N N 308 
MET CB    CG     sing N N 309 
MET CB    HB2    sing N N 310 
MET CB    HB3    sing N N 311 
MET CG    SD     sing N N 312 
MET CG    HG2    sing N N 313 
MET CG    HG3    sing N N 314 
MET SD    CE     sing N N 315 
MET CE    HE1    sing N N 316 
MET CE    HE2    sing N N 317 
MET CE    HE3    sing N N 318 
MET OXT   HXT    sing N N 319 
PHE N     CA     sing N N 320 
PHE N     H      sing N N 321 
PHE N     H2     sing N N 322 
PHE CA    C      sing N N 323 
PHE CA    CB     sing N N 324 
PHE CA    HA     sing N N 325 
PHE C     O      doub N N 326 
PHE C     OXT    sing N N 327 
PHE CB    CG     sing N N 328 
PHE CB    HB2    sing N N 329 
PHE CB    HB3    sing N N 330 
PHE CG    CD1    doub Y N 331 
PHE CG    CD2    sing Y N 332 
PHE CD1   CE1    sing Y N 333 
PHE CD1   HD1    sing N N 334 
PHE CD2   CE2    doub Y N 335 
PHE CD2   HD2    sing N N 336 
PHE CE1   CZ     doub Y N 337 
PHE CE1   HE1    sing N N 338 
PHE CE2   CZ     sing Y N 339 
PHE CE2   HE2    sing N N 340 
PHE CZ    HZ     sing N N 341 
PHE OXT   HXT    sing N N 342 
PRO N     CA     sing N N 343 
PRO N     CD     sing N N 344 
PRO N     H      sing N N 345 
PRO CA    C      sing N N 346 
PRO CA    CB     sing N N 347 
PRO CA    HA     sing N N 348 
PRO C     O      doub N N 349 
PRO C     OXT    sing N N 350 
PRO CB    CG     sing N N 351 
PRO CB    HB2    sing N N 352 
PRO CB    HB3    sing N N 353 
PRO CG    CD     sing N N 354 
PRO CG    HG2    sing N N 355 
PRO CG    HG3    sing N N 356 
PRO CD    HD2    sing N N 357 
PRO CD    HD3    sing N N 358 
PRO OXT   HXT    sing N N 359 
SER N     CA     sing N N 360 
SER N     H      sing N N 361 
SER N     H2     sing N N 362 
SER CA    C      sing N N 363 
SER CA    CB     sing N N 364 
SER CA    HA     sing N N 365 
SER C     O      doub N N 366 
SER C     OXT    sing N N 367 
SER CB    OG     sing N N 368 
SER CB    HB2    sing N N 369 
SER CB    HB3    sing N N 370 
SER OG    HG     sing N N 371 
SER OXT   HXT    sing N N 372 
THR N     CA     sing N N 373 
THR N     H      sing N N 374 
THR N     H2     sing N N 375 
THR CA    C      sing N N 376 
THR CA    CB     sing N N 377 
THR CA    HA     sing N N 378 
THR C     O      doub N N 379 
THR C     OXT    sing N N 380 
THR CB    OG1    sing N N 381 
THR CB    CG2    sing N N 382 
THR CB    HB     sing N N 383 
THR OG1   HG1    sing N N 384 
THR CG2   HG21   sing N N 385 
THR CG2   HG22   sing N N 386 
THR CG2   HG23   sing N N 387 
THR OXT   HXT    sing N N 388 
TRP N     CA     sing N N 389 
TRP N     H      sing N N 390 
TRP N     H2     sing N N 391 
TRP CA    C      sing N N 392 
TRP CA    CB     sing N N 393 
TRP CA    HA     sing N N 394 
TRP C     O      doub N N 395 
TRP C     OXT    sing N N 396 
TRP CB    CG     sing N N 397 
TRP CB    HB2    sing N N 398 
TRP CB    HB3    sing N N 399 
TRP CG    CD1    doub Y N 400 
TRP CG    CD2    sing Y N 401 
TRP CD1   NE1    sing Y N 402 
TRP CD1   HD1    sing N N 403 
TRP CD2   CE2    doub Y N 404 
TRP CD2   CE3    sing Y N 405 
TRP NE1   CE2    sing Y N 406 
TRP NE1   HE1    sing N N 407 
TRP CE2   CZ2    sing Y N 408 
TRP CE3   CZ3    doub Y N 409 
TRP CE3   HE3    sing N N 410 
TRP CZ2   CH2    doub Y N 411 
TRP CZ2   HZ2    sing N N 412 
TRP CZ3   CH2    sing Y N 413 
TRP CZ3   HZ3    sing N N 414 
TRP CH2   HH2    sing N N 415 
TRP OXT   HXT    sing N N 416 
TYR N     CA     sing N N 417 
TYR N     H      sing N N 418 
TYR N     H2     sing N N 419 
TYR CA    C      sing N N 420 
TYR CA    CB     sing N N 421 
TYR CA    HA     sing N N 422 
TYR C     O      doub N N 423 
TYR C     OXT    sing N N 424 
TYR CB    CG     sing N N 425 
TYR CB    HB2    sing N N 426 
TYR CB    HB3    sing N N 427 
TYR CG    CD1    doub Y N 428 
TYR CG    CD2    sing Y N 429 
TYR CD1   CE1    sing Y N 430 
TYR CD1   HD1    sing N N 431 
TYR CD2   CE2    doub Y N 432 
TYR CD2   HD2    sing N N 433 
TYR CE1   CZ     doub Y N 434 
TYR CE1   HE1    sing N N 435 
TYR CE2   CZ     sing Y N 436 
TYR CE2   HE2    sing N N 437 
TYR CZ    OH     sing N N 438 
TYR OH    HH     sing N N 439 
TYR OXT   HXT    sing N N 440 
VAL N     CA     sing N N 441 
VAL N     H      sing N N 442 
VAL N     H2     sing N N 443 
VAL CA    C      sing N N 444 
VAL CA    CB     sing N N 445 
VAL CA    HA     sing N N 446 
VAL C     O      doub N N 447 
VAL C     OXT    sing N N 448 
VAL CB    CG1    sing N N 449 
VAL CB    CG2    sing N N 450 
VAL CB    HB     sing N N 451 
VAL CG1   HG11   sing N N 452 
VAL CG1   HG12   sing N N 453 
VAL CG1   HG13   sing N N 454 
VAL CG2   HG21   sing N N 455 
VAL CG2   HG22   sing N N 456 
VAL CG2   HG23   sing N N 457 
VAL OXT   HXT    sing N N 458 
# 
_pdbx_initial_refinement_model.id               1 
_pdbx_initial_refinement_model.entity_id_list   ? 
_pdbx_initial_refinement_model.type             'experimental model' 
_pdbx_initial_refinement_model.source_name      PDB 
_pdbx_initial_refinement_model.accession_code   1FIT 
_pdbx_initial_refinement_model.details          'PDB ENTRY 1FIT' 
# 
_atom_sites.entry_id                    2FHI 
_atom_sites.fract_transf_matrix[1][1]   0.02190550 
_atom_sites.fract_transf_matrix[1][2]   -0.00636057 
_atom_sites.fract_transf_matrix[1][3]   0.00183436 
_atom_sites.fract_transf_matrix[2][1]   0.00522725 
_atom_sites.fract_transf_matrix[2][2]   -0.02110139 
_atom_sites.fract_transf_matrix[2][3]   0.00714415 
_atom_sites.fract_transf_matrix[3][1]   -0.00005520 
_atom_sites.fract_transf_matrix[3][2]   -0.00120443 
_atom_sites.fract_transf_matrix[3][3]   -0.00351708 
_atom_sites.fract_transf_vector[1]      0.556328 
_atom_sites.fract_transf_vector[2]      0.466503 
_atom_sites.fract_transf_vector[3]      0.107731 
# 
loop_
_atom_type.symbol 
C 
N 
O 
P 
S 
# 
loop_
_atom_site.group_PDB 
_atom_site.id 
_atom_site.type_symbol 
_atom_site.label_atom_id 
_atom_site.label_alt_id 
_atom_site.label_comp_id 
_atom_site.label_asym_id 
_atom_site.label_entity_id 
_atom_site.label_seq_id 
_atom_site.pdbx_PDB_ins_code 
_atom_site.Cartn_x 
_atom_site.Cartn_y 
_atom_site.Cartn_z 
_atom_site.occupancy 
_atom_site.B_iso_or_equiv 
_atom_site.pdbx_formal_charge 
_atom_site.auth_seq_id 
_atom_site.auth_comp_id 
_atom_site.auth_asym_id 
_atom_site.auth_atom_id 
_atom_site.pdbx_PDB_model_num 
ATOM   1    N N     . SER A 1 2   ? 1.187   -14.225 5.134   1.00 54.88 ? 2   SER A N     1 
ATOM   2    C CA    . SER A 1 2   ? 2.400   -14.331 6.004   1.00 55.99 ? 2   SER A CA    1 
ATOM   3    C C     . SER A 1 2   ? 2.882   -12.901 6.247   1.00 52.71 ? 2   SER A C     1 
ATOM   4    O O     . SER A 1 2   ? 4.057   -12.644 6.561   1.00 52.17 ? 2   SER A O     1 
ATOM   5    C CB    . SER A 1 2   ? 3.492   -15.157 5.298   1.00 59.07 ? 2   SER A CB    1 
ATOM   6    O OG    . SER A 1 2   ? 2.971   -15.817 4.150   1.00 60.67 ? 2   SER A OG    1 
ATOM   7    N N     . PHE A 1 3   ? 1.939   -11.977 6.088   1.00 47.24 ? 3   PHE A N     1 
ATOM   8    C CA    . PHE A 1 3   ? 2.176   -10.554 6.270   1.00 42.98 ? 3   PHE A CA    1 
ATOM   9    C C     . PHE A 1 3   ? 1.193   -10.058 7.311   1.00 43.92 ? 3   PHE A C     1 
ATOM   10   O O     . PHE A 1 3   ? -0.001  -10.291 7.191   1.00 47.41 ? 3   PHE A O     1 
ATOM   11   C CB    . PHE A 1 3   ? 1.976   -9.826  4.930   1.00 38.02 ? 3   PHE A CB    1 
ATOM   12   C CG    . PHE A 1 3   ? 3.014   -10.175 3.908   1.00 28.92 ? 3   PHE A CG    1 
ATOM   13   C CD1   . PHE A 1 3   ? 2.862   -11.287 3.125   1.00 25.62 ? 3   PHE A CD1   1 
ATOM   14   C CD2   . PHE A 1 3   ? 4.200   -9.447  3.819   1.00 28.24 ? 3   PHE A CD2   1 
ATOM   15   C CE1   . PHE A 1 3   ? 3.869   -11.662 2.290   1.00 25.60 ? 3   PHE A CE1   1 
ATOM   16   C CE2   . PHE A 1 3   ? 5.206   -9.818  2.983   1.00 23.46 ? 3   PHE A CE2   1 
ATOM   17   C CZ    . PHE A 1 3   ? 5.054   -10.923 2.226   1.00 25.53 ? 3   PHE A CZ    1 
ATOM   18   N N     . ARG A 1 4   ? 1.683   -9.381  8.337   1.00 44.36 ? 4   ARG A N     1 
ATOM   19   C CA    . ARG A 1 4   ? 0.769   -8.887  9.361   1.00 45.07 ? 4   ARG A CA    1 
ATOM   20   C C     . ARG A 1 4   ? 0.323   -7.490  9.001   1.00 43.66 ? 4   ARG A C     1 
ATOM   21   O O     . ARG A 1 4   ? 1.115   -6.676  8.522   1.00 46.37 ? 4   ARG A O     1 
ATOM   22   C CB    . ARG A 1 4   ? 1.426   -8.795  10.732  1.00 47.42 ? 4   ARG A CB    1 
ATOM   23   C CG    . ARG A 1 4   ? 2.206   -9.955  11.189  1.00 51.40 ? 4   ARG A CG    1 
ATOM   24   C CD    . ARG A 1 4   ? 2.917   -9.546  12.471  1.00 58.15 ? 4   ARG A CD    1 
ATOM   25   N NE    . ARG A 1 4   ? 4.245   -10.128 12.552  1.00 62.93 ? 4   ARG A NE    1 
ATOM   26   C CZ    . ARG A 1 4   ? 5.260   -9.591  13.213  1.00 65.10 ? 4   ARG A CZ    1 
ATOM   27   N NH1   . ARG A 1 4   ? 5.110   -8.442  13.864  1.00 67.65 ? 4   ARG A NH1   1 
ATOM   28   N NH2   . ARG A 1 4   ? 6.420   -10.221 13.245  1.00 68.85 ? 4   ARG A NH2   1 
ATOM   29   N N     . PHE A 1 5   ? -0.932  -7.190  9.255   1.00 38.91 ? 5   PHE A N     1 
ATOM   30   C CA    . PHE A 1 5   ? -1.432  -5.877  8.966   1.00 37.77 ? 5   PHE A CA    1 
ATOM   31   C C     . PHE A 1 5   ? -2.428  -5.692  10.064  1.00 38.45 ? 5   PHE A C     1 
ATOM   32   O O     . PHE A 1 5   ? -3.610  -5.941  9.899   1.00 37.08 ? 5   PHE A O     1 
ATOM   33   C CB    . PHE A 1 5   ? -2.107  -5.861  7.598   1.00 35.51 ? 5   PHE A CB    1 
ATOM   34   C CG    . PHE A 1 5   ? -2.758  -4.567  7.270   1.00 32.06 ? 5   PHE A CG    1 
ATOM   35   C CD1   . PHE A 1 5   ? -2.032  -3.395  7.268   1.00 31.89 ? 5   PHE A CD1   1 
ATOM   36   C CD2   . PHE A 1 5   ? -4.094  -4.517  6.935   1.00 32.96 ? 5   PHE A CD2   1 
ATOM   37   C CE1   . PHE A 1 5   ? -2.637  -2.196  6.932   1.00 32.66 ? 5   PHE A CE1   1 
ATOM   38   C CE2   . PHE A 1 5   ? -4.683  -3.326  6.602   1.00 30.03 ? 5   PHE A CE2   1 
ATOM   39   C CZ    . PHE A 1 5   ? -3.968  -2.174  6.597   1.00 31.85 ? 5   PHE A CZ    1 
ATOM   40   N N     . GLY A 1 6   ? -1.934  -5.262  11.208  1.00 42.69 ? 6   GLY A N     1 
ATOM   41   C CA    . GLY A 1 6   ? -2.809  -5.116  12.353  1.00 47.18 ? 6   GLY A CA    1 
ATOM   42   C C     . GLY A 1 6   ? -3.036  -6.518  12.900  1.00 47.52 ? 6   GLY A C     1 
ATOM   43   O O     . GLY A 1 6   ? -2.073  -7.255  13.177  1.00 47.12 ? 6   GLY A O     1 
ATOM   44   N N     . GLN A 1 7   ? -4.294  -6.917  13.037  1.00 46.29 ? 7   GLN A N     1 
ATOM   45   C CA    . GLN A 1 7   ? -4.542  -8.244  13.565  1.00 46.45 ? 7   GLN A CA    1 
ATOM   46   C C     . GLN A 1 7   ? -4.925  -9.277  12.488  1.00 47.02 ? 7   GLN A C     1 
ATOM   47   O O     . GLN A 1 7   ? -5.402  -10.375 12.811  1.00 49.01 ? 7   GLN A O     1 
ATOM   48   C CB    . GLN A 1 7   ? -5.598  -8.165  14.685  1.00 44.24 ? 7   GLN A CB    1 
ATOM   49   C CG    . GLN A 1 7   ? -5.102  -7.495  16.000  1.00 37.78 ? 7   GLN A CG    1 
ATOM   50   C CD    . GLN A 1 7   ? -3.862  -8.152  16.637  1.00 33.57 ? 7   GLN A CD    1 
ATOM   51   O OE1   . GLN A 1 7   ? -3.852  -9.339  16.952  1.00 30.32 ? 7   GLN A OE1   1 
ATOM   52   N NE2   . GLN A 1 7   ? -2.816  -7.358  16.827  1.00 33.48 ? 7   GLN A NE2   1 
ATOM   53   N N     . HIS A 1 8   ? -4.712  -8.924  11.217  1.00 44.21 ? 8   HIS A N     1 
ATOM   54   C CA    . HIS A 1 8   ? -4.998  -9.839  10.119  1.00 39.58 ? 8   HIS A CA    1 
ATOM   55   C C     . HIS A 1 8   ? -3.733  -10.323 9.460   1.00 37.45 ? 8   HIS A C     1 
ATOM   56   O O     . HIS A 1 8   ? -2.667  -9.722  9.597   1.00 34.50 ? 8   HIS A O     1 
ATOM   57   C CB    . HIS A 1 8   ? -5.820  -9.193  9.042   1.00 40.67 ? 8   HIS A CB    1 
ATOM   58   C CG    . HIS A 1 8   ? -7.042  -8.529  9.531   1.00 43.95 ? 8   HIS A CG    1 
ATOM   59   N ND1   . HIS A 1 8   ? -8.213  -9.213  9.786   1.00 47.32 ? 8   HIS A ND1   1 
ATOM   60   C CD2   . HIS A 1 8   ? -7.304  -7.224  9.782   1.00 47.33 ? 8   HIS A CD2   1 
ATOM   61   C CE1   . HIS A 1 8   ? -9.146  -8.355  10.163  1.00 51.66 ? 8   HIS A CE1   1 
ATOM   62   N NE2   . HIS A 1 8   ? -8.620  -7.146  10.170  1.00 53.15 ? 8   HIS A NE2   1 
ATOM   63   N N     . LEU A 1 9   ? -3.870  -11.423 8.734   1.00 37.12 ? 9   LEU A N     1 
ATOM   64   C CA    . LEU A 1 9   ? -2.751  -11.998 8.034   1.00 36.98 ? 9   LEU A CA    1 
ATOM   65   C C     . LEU A 1 9   ? -3.079  -11.780 6.570   1.00 36.38 ? 9   LEU A C     1 
ATOM   66   O O     . LEU A 1 9   ? -4.193  -12.066 6.136   1.00 33.52 ? 9   LEU A O     1 
ATOM   67   C CB    . LEU A 1 9   ? -2.630  -13.480 8.378   1.00 40.30 ? 9   LEU A CB    1 
ATOM   68   C CG    . LEU A 1 9   ? -1.288  -14.031 8.940   1.00 45.58 ? 9   LEU A CG    1 
ATOM   69   C CD1   . LEU A 1 9   ? -0.391  -12.973 9.556   1.00 46.25 ? 9   LEU A CD1   1 
ATOM   70   C CD2   . LEU A 1 9   ? -1.612  -15.054 9.991   1.00 48.30 ? 9   LEU A CD2   1 
ATOM   71   N N     . ILE A 1 10  ? -2.112  -11.227 5.839   1.00 36.37 ? 10  ILE A N     1 
ATOM   72   C CA    . ILE A 1 10  ? -2.241  -10.938 4.410   1.00 37.60 ? 10  ILE A CA    1 
ATOM   73   C C     . ILE A 1 10  ? -1.585  -12.023 3.534   1.00 38.35 ? 10  ILE A C     1 
ATOM   74   O O     . ILE A 1 10  ? -0.360  -12.176 3.539   1.00 39.86 ? 10  ILE A O     1 
ATOM   75   C CB    . ILE A 1 10  ? -1.598  -9.595  4.058   1.00 34.24 ? 10  ILE A CB    1 
ATOM   76   C CG1   . ILE A 1 10  ? -2.320  -8.463  4.783   1.00 39.76 ? 10  ILE A CG1   1 
ATOM   77   C CG2   . ILE A 1 10  ? -1.692  -9.358  2.593   1.00 36.65 ? 10  ILE A CG2   1 
ATOM   78   C CD1   . ILE A 1 10  ? -3.848  -8.531  4.736   1.00 36.92 ? 10  ILE A CD1   1 
ATOM   79   N N     . LYS A 1 11  ? -2.416  -12.761 2.790   1.00 37.17 ? 11  LYS A N     1 
ATOM   80   C CA    . LYS A 1 11  ? -1.969  -13.825 1.902   1.00 36.33 ? 11  LYS A CA    1 
ATOM   81   C C     . LYS A 1 11  ? -1.076  -13.204 0.870   1.00 35.01 ? 11  LYS A C     1 
ATOM   82   O O     . LYS A 1 11  ? -1.458  -12.218 0.207   1.00 33.43 ? 11  LYS A O     1 
ATOM   83   C CB    . LYS A 1 11  ? -3.143  -14.434 1.179   1.00 44.24 ? 11  LYS A CB    1 
ATOM   84   C CG    . LYS A 1 11  ? -3.725  -15.648 1.820   1.00 45.98 ? 11  LYS A CG    1 
ATOM   85   C CD    . LYS A 1 11  ? -5.165  -15.678 1.429   1.00 45.39 ? 11  LYS A CD    1 
ATOM   86   C CE    . LYS A 1 11  ? -5.711  -17.048 1.503   1.00 46.59 ? 11  LYS A CE    1 
ATOM   87   N NZ    . LYS A 1 11  ? -7.061  -16.923 0.933   1.00 53.37 ? 11  LYS A NZ    1 
ATOM   88   N N     . PRO A 1 12  ? 0.110   -13.794 0.677   1.00 32.85 ? 12  PRO A N     1 
ATOM   89   C CA    . PRO A 1 12  ? 1.086   -13.282 -0.289  1.00 28.70 ? 12  PRO A CA    1 
ATOM   90   C C     . PRO A 1 12  ? 0.487   -12.975 -1.655  1.00 30.92 ? 12  PRO A C     1 
ATOM   91   O O     . PRO A 1 12  ? 0.921   -12.065 -2.351  1.00 30.93 ? 12  PRO A O     1 
ATOM   92   C CB    . PRO A 1 12  ? 2.145   -14.371 -0.323  1.00 27.98 ? 12  PRO A CB    1 
ATOM   93   C CG    . PRO A 1 12  ? 2.029   -15.030 1.032   1.00 26.11 ? 12  PRO A CG    1 
ATOM   94   C CD    . PRO A 1 12  ? 0.575   -15.017 1.360   1.00 24.64 ? 12  PRO A CD    1 
ATOM   95   N N     . SER A 1 13  ? -0.542  -13.731 -2.006  1.00 33.99 ? 13  SER A N     1 
ATOM   96   C CA    . SER A 1 13  ? -1.222  -13.588 -3.284  1.00 34.24 ? 13  SER A CA    1 
ATOM   97   C C     . SER A 1 13  ? -1.611  -12.164 -3.587  1.00 33.04 ? 13  SER A C     1 
ATOM   98   O O     . SER A 1 13  ? -1.629  -11.769 -4.743  1.00 38.31 ? 13  SER A O     1 
ATOM   99   C CB    . SER A 1 13  ? -2.473  -14.445 -3.289  1.00 33.39 ? 13  SER A CB    1 
ATOM   100  O OG    . SER A 1 13  ? -3.492  -13.809 -2.537  1.00 41.35 ? 13  SER A OG    1 
ATOM   101  N N     . VAL A 1 14  ? -1.943  -11.391 -2.557  1.00 30.13 ? 14  VAL A N     1 
ATOM   102  C CA    . VAL A 1 14  ? -2.338  -10.001 -2.791  1.00 29.30 ? 14  VAL A CA    1 
ATOM   103  C C     . VAL A 1 14  ? -1.243  -8.990  -2.447  1.00 26.83 ? 14  VAL A C     1 
ATOM   104  O O     . VAL A 1 14  ? -1.479  -7.796  -2.409  1.00 25.82 ? 14  VAL A O     1 
ATOM   105  C CB    . VAL A 1 14  ? -3.644  -9.675  -2.042  1.00 25.40 ? 14  VAL A CB    1 
ATOM   106  C CG1   . VAL A 1 14  ? -4.690  -10.739 -2.368  1.00 21.34 ? 14  VAL A CG1   1 
ATOM   107  C CG2   . VAL A 1 14  ? -3.398  -9.623  -0.570  1.00 23.17 ? 14  VAL A CG2   1 
ATOM   108  N N     . VAL A 1 15  ? -0.041  -9.491  -2.208  1.00 23.44 ? 15  VAL A N     1 
ATOM   109  C CA    . VAL A 1 15  ? 1.104   -8.654  -1.905  1.00 21.93 ? 15  VAL A CA    1 
ATOM   110  C C     . VAL A 1 15  ? 1.858   -8.546  -3.211  1.00 22.31 ? 15  VAL A C     1 
ATOM   111  O O     . VAL A 1 15  ? 2.149   -9.565  -3.812  1.00 21.58 ? 15  VAL A O     1 
ATOM   112  C CB    . VAL A 1 15  ? 2.034   -9.336  -0.896  1.00 16.96 ? 15  VAL A CB    1 
ATOM   113  C CG1   . VAL A 1 15  ? 3.335   -8.528  -0.741  1.00 11.37 ? 15  VAL A CG1   1 
ATOM   114  C CG2   . VAL A 1 15  ? 1.307   -9.503  0.427   1.00 18.22 ? 15  VAL A CG2   1 
ATOM   115  N N     . PHE A 1 16  ? 2.202   -7.339  -3.647  1.00 23.56 ? 16  PHE A N     1 
ATOM   116  C CA    . PHE A 1 16  ? 2.926   -7.202  -4.912  1.00 20.89 ? 16  PHE A CA    1 
ATOM   117  C C     . PHE A 1 16  ? 4.344   -6.630  -4.889  1.00 23.03 ? 16  PHE A C     1 
ATOM   118  O O     . PHE A 1 16  ? 4.929   -6.392  -5.940  1.00 20.94 ? 16  PHE A O     1 
ATOM   119  C CB    . PHE A 1 16  ? 2.115   -6.391  -5.865  1.00 14.67 ? 16  PHE A CB    1 
ATOM   120  C CG    . PHE A 1 16  ? 2.074   -4.961  -5.525  1.00 11.82 ? 16  PHE A CG    1 
ATOM   121  C CD1   . PHE A 1 16  ? 3.071   -4.117  -5.966  1.00 5.95  ? 16  PHE A CD1   1 
ATOM   122  C CD2   . PHE A 1 16  ? 0.942   -4.428  -4.937  1.00 7.47  ? 16  PHE A CD2   1 
ATOM   123  C CE1   . PHE A 1 16  ? 2.934   -2.767  -5.849  1.00 5.27  ? 16  PHE A CE1   1 
ATOM   124  C CE2   . PHE A 1 16  ? 0.792   -3.088  -4.817  1.00 8.69  ? 16  PHE A CE2   1 
ATOM   125  C CZ    . PHE A 1 16  ? 1.792   -2.243  -5.284  1.00 4.23  ? 16  PHE A CZ    1 
ATOM   126  N N     . LEU A 1 17  ? 4.883   -6.391  -3.698  1.00 24.34 ? 17  LEU A N     1 
ATOM   127  C CA    . LEU A 1 17  ? 6.250   -5.885  -3.549  1.00 21.68 ? 17  LEU A CA    1 
ATOM   128  C C     . LEU A 1 17  ? 6.620   -6.113  -2.099  1.00 22.94 ? 17  LEU A C     1 
ATOM   129  O O     . LEU A 1 17  ? 5.763   -6.096  -1.219  1.00 25.52 ? 17  LEU A O     1 
ATOM   130  C CB    . LEU A 1 17  ? 6.338   -4.409  -3.897  1.00 18.99 ? 17  LEU A CB    1 
ATOM   131  C CG    . LEU A 1 17  ? 7.721   -3.778  -3.795  1.00 16.62 ? 17  LEU A CG    1 
ATOM   132  C CD1   . LEU A 1 17  ? 8.723   -4.632  -4.505  1.00 13.28 ? 17  LEU A CD1   1 
ATOM   133  C CD2   . LEU A 1 17  ? 7.669   -2.389  -4.365  1.00 13.89 ? 17  LEU A CD2   1 
ATOM   134  N N     . LYS A 1 18  ? 7.889   -6.371  -1.847  1.00 23.97 ? 18  LYS A N     1 
ATOM   135  C CA    . LYS A 1 18  ? 8.320   -6.601  -0.494  1.00 26.86 ? 18  LYS A CA    1 
ATOM   136  C C     . LYS A 1 18  ? 9.767   -6.284  -0.410  1.00 28.12 ? 18  LYS A C     1 
ATOM   137  O O     . LYS A 1 18  ? 10.572  -6.857  -1.126  1.00 32.66 ? 18  LYS A O     1 
ATOM   138  C CB    . LYS A 1 18  ? 8.138   -8.040  -0.085  1.00 28.32 ? 18  LYS A CB    1 
ATOM   139  C CG    . LYS A 1 18  ? 9.156   -8.453  0.955   1.00 34.28 ? 18  LYS A CG    1 
ATOM   140  C CD    . LYS A 1 18  ? 8.805   -9.818  1.501   1.00 43.22 ? 18  LYS A CD    1 
ATOM   141  C CE    . LYS A 1 18  ? 8.895   -9.887  3.015   1.00 45.84 ? 18  LYS A CE    1 
ATOM   142  N NZ    . LYS A 1 18  ? 8.111   -11.072 3.497   1.00 48.46 ? 18  LYS A NZ    1 
ATOM   143  N N     . THR A 1 19  ? 10.114  -5.390  0.497   1.00 31.98 ? 19  THR A N     1 
ATOM   144  C CA    . THR A 1 19  ? 11.500  -5.001  0.653   1.00 34.49 ? 19  THR A CA    1 
ATOM   145  C C     . THR A 1 19  ? 12.069  -5.637  1.908   1.00 34.71 ? 19  THR A C     1 
ATOM   146  O O     . THR A 1 19  ? 11.553  -6.671  2.370   1.00 35.91 ? 19  THR A O     1 
ATOM   147  C CB    . THR A 1 19  ? 11.615  -3.496  0.713   1.00 31.10 ? 19  THR A CB    1 
ATOM   148  O OG1   . THR A 1 19  ? 10.966  -3.026  1.892   1.00 35.37 ? 19  THR A OG1   1 
ATOM   149  C CG2   . THR A 1 19  ? 10.922  -2.881  -0.504  1.00 28.30 ? 19  THR A CG2   1 
ATOM   150  N N     . GLU A 1 20  ? 13.136  -5.042  2.449   1.00 36.66 ? 20  GLU A N     1 
ATOM   151  C CA    . GLU A 1 20  ? 13.754  -5.589  3.650   1.00 34.45 ? 20  GLU A CA    1 
ATOM   152  C C     . GLU A 1 20  ? 12.969  -5.134  4.842   1.00 32.17 ? 20  GLU A C     1 
ATOM   153  O O     . GLU A 1 20  ? 12.873  -5.841  5.849   1.00 34.72 ? 20  GLU A O     1 
ATOM   154  C CB    . GLU A 1 20  ? 15.211  -5.140  3.762   1.00 38.65 ? 20  GLU A CB    1 
ATOM   155  C CG    . GLU A 1 20  ? 15.421  -3.717  4.240   1.00 49.81 ? 20  GLU A CG    1 
ATOM   156  C CD    . GLU A 1 20  ? 16.747  -3.533  5.027   1.00 55.06 ? 20  GLU A CD    1 
ATOM   157  O OE1   . GLU A 1 20  ? 17.756  -4.222  4.710   1.00 59.11 ? 20  GLU A OE1   1 
ATOM   158  O OE2   . GLU A 1 20  ? 16.785  -2.696  5.958   1.00 55.59 ? 20  GLU A OE2   1 
ATOM   159  N N     . LEU A 1 21  ? 12.339  -3.971  4.696   1.00 30.73 ? 21  LEU A N     1 
ATOM   160  C CA    . LEU A 1 21  ? 11.577  -3.392  5.788   1.00 24.65 ? 21  LEU A CA    1 
ATOM   161  C C     . LEU A 1 21  ? 10.076  -3.150  5.560   1.00 23.37 ? 21  LEU A C     1 
ATOM   162  O O     . LEU A 1 21  ? 9.290   -3.225  6.513   1.00 26.28 ? 21  LEU A O     1 
ATOM   163  C CB    . LEU A 1 21  ? 12.302  -2.086  6.233   1.00 25.07 ? 21  LEU A CB    1 
ATOM   164  C CG    . LEU A 1 21  ? 13.783  -2.209  6.713   1.00 17.72 ? 21  LEU A CG    1 
ATOM   165  C CD1   . LEU A 1 21  ? 14.369  -0.898  7.071   1.00 15.71 ? 21  LEU A CD1   1 
ATOM   166  C CD2   . LEU A 1 21  ? 13.856  -3.122  7.920   1.00 8.09  ? 21  LEU A CD2   1 
ATOM   167  N N     . SER A 1 22  ? 9.660   -2.872  4.321   1.00 22.97 ? 22  SER A N     1 
ATOM   168  C CA    . SER A 1 22  ? 8.234   -2.630  4.006   1.00 19.17 ? 22  SER A CA    1 
ATOM   169  C C     . SER A 1 22  ? 7.623   -3.662  3.086   1.00 20.20 ? 22  SER A C     1 
ATOM   170  O O     . SER A 1 22  ? 8.244   -4.658  2.755   1.00 18.22 ? 22  SER A O     1 
ATOM   171  C CB    . SER A 1 22  ? 8.092   -1.291  3.337   1.00 16.43 ? 22  SER A CB    1 
ATOM   172  O OG    . SER A 1 22  ? 9.310   -0.580  3.470   1.00 19.65 ? 22  SER A OG    1 
ATOM   173  N N     . PHE A 1 23  ? 6.386   -3.427  2.680   1.00 20.31 ? 23  PHE A N     1 
ATOM   174  C CA    . PHE A 1 23  ? 5.701   -4.322  1.742   1.00 23.38 ? 23  PHE A CA    1 
ATOM   175  C C     . PHE A 1 23  ? 4.487   -3.570  1.215   1.00 22.83 ? 23  PHE A C     1 
ATOM   176  O O     . PHE A 1 23  ? 4.064   -2.604  1.839   1.00 26.86 ? 23  PHE A O     1 
ATOM   177  C CB    . PHE A 1 23  ? 5.358   -5.683  2.399   1.00 22.22 ? 23  PHE A CB    1 
ATOM   178  C CG    . PHE A 1 23  ? 4.134   -5.683  3.302   1.00 26.17 ? 23  PHE A CG    1 
ATOM   179  C CD1   . PHE A 1 23  ? 4.253   -5.451  4.672   1.00 27.35 ? 23  PHE A CD1   1 
ATOM   180  C CD2   . PHE A 1 23  ? 2.889   -6.047  2.815   1.00 26.54 ? 23  PHE A CD2   1 
ATOM   181  C CE1   . PHE A 1 23  ? 3.160   -5.576  5.521   1.00 21.91 ? 23  PHE A CE1   1 
ATOM   182  C CE2   . PHE A 1 23  ? 1.787   -6.174  3.679   1.00 24.63 ? 23  PHE A CE2   1 
ATOM   183  C CZ    . PHE A 1 23  ? 1.932   -5.943  5.018   1.00 24.66 ? 23  PHE A CZ    1 
ATOM   184  N N     . ALA A 1 24  ? 3.959   -3.942  0.046   1.00 20.30 ? 24  ALA A N     1 
ATOM   185  C CA    . ALA A 1 24  ? 2.790   -3.235  -0.494  1.00 17.11 ? 24  ALA A CA    1 
ATOM   186  C C     . ALA A 1 24  ? 1.749   -4.253  -0.922  1.00 14.09 ? 24  ALA A C     1 
ATOM   187  O O     . ALA A 1 24  ? 2.071   -5.371  -1.252  1.00 17.03 ? 24  ALA A O     1 
ATOM   188  C CB    . ALA A 1 24  ? 3.198   -2.364  -1.627  1.00 15.53 ? 24  ALA A CB    1 
ATOM   189  N N     . LEU A 1 25  ? 0.492   -3.859  -0.925  1.00 15.62 ? 25  LEU A N     1 
ATOM   190  C CA    . LEU A 1 25  ? -0.581  -4.784  -1.222  1.00 16.37 ? 25  LEU A CA    1 
ATOM   191  C C     . LEU A 1 25  ? -1.794  -4.117  -1.867  1.00 15.43 ? 25  LEU A C     1 
ATOM   192  O O     . LEU A 1 25  ? -1.886  -2.886  -1.927  1.00 17.80 ? 25  LEU A O     1 
ATOM   193  C CB    . LEU A 1 25  ? -0.992  -5.455  0.090   1.00 18.78 ? 25  LEU A CB    1 
ATOM   194  C CG    . LEU A 1 25  ? -1.782  -4.636  1.147   1.00 20.07 ? 25  LEU A CG    1 
ATOM   195  C CD1   . LEU A 1 25  ? -2.719  -5.548  1.965   1.00 20.28 ? 25  LEU A CD1   1 
ATOM   196  C CD2   . LEU A 1 25  ? -0.815  -3.956  2.106   1.00 23.38 ? 25  LEU A CD2   1 
ATOM   197  N N     . VAL A 1 26  ? -2.728  -4.928  -2.340  1.00 12.53 ? 26  VAL A N     1 
ATOM   198  C CA    . VAL A 1 26  ? -3.923  -4.411  -2.988  1.00 19.54 ? 26  VAL A CA    1 
ATOM   199  C C     . VAL A 1 26  ? -5.013  -4.322  -1.959  1.00 18.97 ? 26  VAL A C     1 
ATOM   200  O O     . VAL A 1 26  ? -4.900  -4.905  -0.895  1.00 18.16 ? 26  VAL A O     1 
ATOM   201  C CB    . VAL A 1 26  ? -4.429  -5.331  -4.169  1.00 20.53 ? 26  VAL A CB    1 
ATOM   202  C CG1   . VAL A 1 26  ? -3.283  -5.672  -5.124  1.00 21.90 ? 26  VAL A CG1   1 
ATOM   203  C CG2   . VAL A 1 26  ? -5.048  -6.607  -3.630  1.00 16.25 ? 26  VAL A CG2   1 
ATOM   204  N N     . ASN A 1 27  ? -6.076  -3.606  -2.317  1.00 26.49 ? 27  ASN A N     1 
ATOM   205  C CA    . ASN A 1 27  ? -7.245  -3.350  -1.467  1.00 33.55 ? 27  ASN A CA    1 
ATOM   206  C C     . ASN A 1 27  ? -8.468  -4.193  -1.828  1.00 35.79 ? 27  ASN A C     1 
ATOM   207  O O     . ASN A 1 27  ? -8.636  -4.581  -2.974  1.00 35.66 ? 27  ASN A O     1 
ATOM   208  C CB    . ASN A 1 27  ? -7.644  -1.868  -1.573  1.00 33.27 ? 27  ASN A CB    1 
ATOM   209  C CG    . ASN A 1 27  ? -6.980  -1.000  -0.514  1.00 36.79 ? 27  ASN A CG    1 
ATOM   210  O OD1   . ASN A 1 27  ? -6.842  0.215   -0.682  1.00 40.18 ? 27  ASN A OD1   1 
ATOM   211  N ND2   . ASN A 1 27  ? -6.571  -1.614  0.581   1.00 43.43 ? 27  ASN A ND2   1 
ATOM   212  N N     . ARG A 1 28  ? -9.309  -4.493  -0.842  1.00 37.64 ? 28  ARG A N     1 
ATOM   213  C CA    . ARG A 1 28  ? -10.519 -5.225  -1.131  1.00 40.61 ? 28  ARG A CA    1 
ATOM   214  C C     . ARG A 1 28  ? -11.541 -4.222  -1.654  1.00 42.05 ? 28  ARG A C     1 
ATOM   215  O O     . ARG A 1 28  ? -12.473 -4.593  -2.368  1.00 46.01 ? 28  ARG A O     1 
ATOM   216  C CB    . ARG A 1 28  ? -11.061 -5.946  0.106   1.00 43.99 ? 28  ARG A CB    1 
ATOM   217  C CG    . ARG A 1 28  ? -12.192 -6.963  -0.220  1.00 48.77 ? 28  ARG A CG    1 
ATOM   218  C CD    . ARG A 1 28  ? -11.641 -8.335  -0.665  1.00 49.74 ? 28  ARG A CD    1 
ATOM   219  N NE    . ARG A 1 28  ? -12.703 -9.304  -0.908  1.00 45.91 ? 28  ARG A NE    1 
ATOM   220  C CZ    . ARG A 1 28  ? -12.548 -10.615 -0.792  1.00 45.38 ? 28  ARG A CZ    1 
ATOM   221  N NH1   . ARG A 1 28  ? -11.378 -11.123 -0.450  1.00 44.41 ? 28  ARG A NH1   1 
ATOM   222  N NH2   . ARG A 1 28  ? -13.576 -11.420 -0.993  1.00 53.83 ? 28  ARG A NH2   1 
ATOM   223  N N     . LYS A 1 29  ? -11.378 -2.954  -1.276  1.00 40.70 ? 29  LYS A N     1 
ATOM   224  C CA    . LYS A 1 29  ? -12.279 -1.917  -1.786  1.00 41.09 ? 29  LYS A CA    1 
ATOM   225  C C     . LYS A 1 29  ? -11.484 -0.662  -2.103  1.00 39.98 ? 29  LYS A C     1 
ATOM   226  O O     . LYS A 1 29  ? -11.502 0.304   -1.347  1.00 39.15 ? 29  LYS A O     1 
ATOM   227  C CB    . LYS A 1 29  ? -13.390 -1.598  -0.780  1.00 46.02 ? 29  LYS A CB    1 
ATOM   228  C CG    . LYS A 1 29  ? -13.696 -2.718  0.155   1.00 50.95 ? 29  LYS A CG    1 
ATOM   229  C CD    . LYS A 1 29  ? -14.326 -2.222  1.437   1.00 54.99 ? 29  LYS A CD    1 
ATOM   230  C CE    . LYS A 1 29  ? -14.781 -3.397  2.310   1.00 58.55 ? 29  LYS A CE    1 
ATOM   231  N NZ    . LYS A 1 29  ? -14.939 -2.998  3.746   1.00 62.54 ? 29  LYS A NZ    1 
ATOM   232  N N     . PRO A 1 30  ? -10.781 -0.651  -3.245  1.00 36.77 ? 30  PRO A N     1 
ATOM   233  C CA    . PRO A 1 30  ? -10.018 0.551   -3.544  1.00 35.60 ? 30  PRO A CA    1 
ATOM   234  C C     . PRO A 1 30  ? -10.944 1.710   -3.691  1.00 33.04 ? 30  PRO A C     1 
ATOM   235  O O     . PRO A 1 30  ? -12.050 1.543   -4.126  1.00 36.42 ? 30  PRO A O     1 
ATOM   236  C CB    . PRO A 1 30  ? -9.279  0.215   -4.840  1.00 36.56 ? 30  PRO A CB    1 
ATOM   237  C CG    . PRO A 1 30  ? -9.966  -0.911  -5.399  1.00 36.45 ? 30  PRO A CG    1 
ATOM   238  C CD    . PRO A 1 30  ? -10.636 -1.665  -4.293  1.00 38.17 ? 30  PRO A CD    1 
ATOM   239  N N     . VAL A 1 31  ? -10.486 2.889   -3.318  1.00 31.84 ? 31  VAL A N     1 
ATOM   240  C CA    . VAL A 1 31  ? -11.281 4.088   -3.411  1.00 29.12 ? 31  VAL A CA    1 
ATOM   241  C C     . VAL A 1 31  ? -11.291 4.511   -4.874  1.00 28.48 ? 31  VAL A C     1 
ATOM   242  O O     . VAL A 1 31  ? -12.220 5.157   -5.344  1.00 30.68 ? 31  VAL A O     1 
ATOM   243  C CB    . VAL A 1 31  ? -10.661 5.197   -2.544  1.00 31.75 ? 31  VAL A CB    1 
ATOM   244  C CG1   . VAL A 1 31  ? -11.371 6.514   -2.785  1.00 28.95 ? 31  VAL A CG1   1 
ATOM   245  C CG2   . VAL A 1 31  ? -10.705 4.783   -1.082  1.00 29.60 ? 31  VAL A CG2   1 
ATOM   246  N N     . VAL A 1 32  ? -10.235 4.152   -5.589  1.00 27.36 ? 32  VAL A N     1 
ATOM   247  C CA    . VAL A 1 32  ? -10.126 4.437   -7.017  1.00 24.94 ? 32  VAL A CA    1 
ATOM   248  C C     . VAL A 1 32  ? -9.300  3.339   -7.643  1.00 28.52 ? 32  VAL A C     1 
ATOM   249  O O     . VAL A 1 32  ? -8.434  2.773   -7.002  1.00 28.98 ? 32  VAL A O     1 
ATOM   250  C CB    . VAL A 1 32  ? -9.416  5.747   -7.294  1.00 17.97 ? 32  VAL A CB    1 
ATOM   251  C CG1   . VAL A 1 32  ? -10.198 6.893   -6.739  1.00 20.02 ? 32  VAL A CG1   1 
ATOM   252  C CG2   . VAL A 1 32  ? -8.022  5.688   -6.754  1.00 15.62 ? 32  VAL A CG2   1 
ATOM   253  N N     . PRO A 1 33  ? -9.591  2.971   -8.894  1.00 34.68 ? 33  PRO A N     1 
ATOM   254  C CA    . PRO A 1 33  ? -8.750  1.909   -9.459  1.00 34.14 ? 33  PRO A CA    1 
ATOM   255  C C     . PRO A 1 33  ? -7.260  2.162   -9.151  1.00 31.41 ? 33  PRO A C     1 
ATOM   256  O O     . PRO A 1 33  ? -6.730  3.237   -9.430  1.00 28.72 ? 33  PRO A O     1 
ATOM   257  C CB    . PRO A 1 33  ? -9.042  1.969   -10.979 1.00 35.21 ? 33  PRO A CB    1 
ATOM   258  C CG    . PRO A 1 33  ? -10.328 2.744   -11.138 1.00 29.50 ? 33  PRO A CG    1 
ATOM   259  C CD    . PRO A 1 33  ? -10.669 3.392   -9.817  1.00 35.41 ? 33  PRO A CD    1 
ATOM   260  N N     . GLY A 1 34  ? -6.595  1.179   -8.561  1.00 30.43 ? 34  GLY A N     1 
ATOM   261  C CA    . GLY A 1 34  ? -5.173  1.351   -8.288  1.00 26.87 ? 34  GLY A CA    1 
ATOM   262  C C     . GLY A 1 34  ? -4.815  1.923   -6.930  1.00 26.09 ? 34  GLY A C     1 
ATOM   263  O O     . GLY A 1 34  ? -3.675  2.302   -6.692  1.00 25.85 ? 34  GLY A O     1 
ATOM   264  N N     . HIS A 1 35  ? -5.809  2.012   -6.053  1.00 24.75 ? 35  HIS A N     1 
ATOM   265  C CA    . HIS A 1 35  ? -5.618  2.487   -4.690  1.00 22.63 ? 35  HIS A CA    1 
ATOM   266  C C     . HIS A 1 35  ? -4.962  1.330   -3.949  1.00 20.02 ? 35  HIS A C     1 
ATOM   267  O O     . HIS A 1 35  ? -5.582  0.308   -3.731  1.00 18.81 ? 35  HIS A O     1 
ATOM   268  C CB    . HIS A 1 35  ? -6.980  2.802   -4.072  1.00 28.08 ? 35  HIS A CB    1 
ATOM   269  C CG    . HIS A 1 35  ? -6.953  2.973   -2.585  1.00 31.27 ? 35  HIS A CG    1 
ATOM   270  N ND1   . HIS A 1 35  ? -8.063  2.775   -1.798  1.00 35.90 ? 35  HIS A ND1   1 
ATOM   271  C CD2   . HIS A 1 35  ? -5.961  3.347   -1.749  1.00 33.50 ? 35  HIS A CD2   1 
ATOM   272  C CE1   . HIS A 1 35  ? -7.760  3.027   -0.538  1.00 36.61 ? 35  HIS A CE1   1 
ATOM   273  N NE2   . HIS A 1 35  ? -6.489  3.375   -0.481  1.00 33.94 ? 35  HIS A NE2   1 
ATOM   274  N N     . VAL A 1 36  ? -3.714  1.480   -3.556  1.00 16.74 ? 36  VAL A N     1 
ATOM   275  C CA    . VAL A 1 36  ? -3.059  0.378   -2.884  1.00 20.89 ? 36  VAL A CA    1 
ATOM   276  C C     . VAL A 1 36  ? -2.388  0.845   -1.597  1.00 22.63 ? 36  VAL A C     1 
ATOM   277  O O     . VAL A 1 36  ? -2.373  2.043   -1.318  1.00 25.82 ? 36  VAL A O     1 
ATOM   278  C CB    . VAL A 1 36  ? -1.984  -0.254  -3.824  1.00 26.88 ? 36  VAL A CB    1 
ATOM   279  C CG1   . VAL A 1 36  ? -2.641  -0.716  -5.108  1.00 27.42 ? 36  VAL A CG1   1 
ATOM   280  C CG2   . VAL A 1 36  ? -0.847  0.785   -4.141  1.00 25.85 ? 36  VAL A CG2   1 
ATOM   281  N N     . LEU A 1 37  ? -1.816  -0.076  -0.821  1.00 22.38 ? 37  LEU A N     1 
ATOM   282  C CA    . LEU A 1 37  ? -1.149  0.321   0.417   1.00 21.49 ? 37  LEU A CA    1 
ATOM   283  C C     . LEU A 1 37  ? 0.295   -0.099  0.590   1.00 21.82 ? 37  LEU A C     1 
ATOM   284  O O     . LEU A 1 37  ? 0.750   -1.130  0.093   1.00 21.31 ? 37  LEU A O     1 
ATOM   285  C CB    . LEU A 1 37  ? -1.917  -0.183  1.642   1.00 21.80 ? 37  LEU A CB    1 
ATOM   286  C CG    . LEU A 1 37  ? -3.446  -0.249  1.658   1.00 22.81 ? 37  LEU A CG    1 
ATOM   287  C CD1   . LEU A 1 37  ? -3.893  -1.118  2.839   1.00 21.64 ? 37  LEU A CD1   1 
ATOM   288  C CD2   . LEU A 1 37  ? -4.040  1.160   1.753   1.00 21.56 ? 37  LEU A CD2   1 
ATOM   289  N N     . VAL A 1 38  ? 1.026   0.707   1.336   1.00 22.39 ? 38  VAL A N     1 
ATOM   290  C CA    . VAL A 1 38  ? 2.419   0.373   1.653   1.00 21.96 ? 38  VAL A CA    1 
ATOM   291  C C     . VAL A 1 38  ? 2.572   0.435   3.184   1.00 22.78 ? 38  VAL A C     1 
ATOM   292  O O     . VAL A 1 38  ? 2.266   1.444   3.798   1.00 23.23 ? 38  VAL A O     1 
ATOM   293  C CB    . VAL A 1 38  ? 3.382   1.314   0.918   1.00 17.66 ? 38  VAL A CB    1 
ATOM   294  C CG1   . VAL A 1 38  ? 4.796   0.796   1.039   1.00 10.99 ? 38  VAL A CG1   1 
ATOM   295  C CG2   . VAL A 1 38  ? 2.943   1.423   -0.557  1.00 15.24 ? 38  VAL A CG2   1 
ATOM   296  N N     . CYS A 1 39  ? 2.998   -0.675  3.780   1.00 26.16 ? 39  CYS A N     1 
ATOM   297  C CA    . CYS A 1 39  ? 3.160   -0.801  5.230   1.00 29.98 ? 39  CYS A CA    1 
ATOM   298  C C     . CYS A 1 39  ? 4.482   -1.393  5.711   1.00 29.11 ? 39  CYS A C     1 
ATOM   299  O O     . CYS A 1 39  ? 5.066   -2.267  5.071   1.00 31.33 ? 39  CYS A O     1 
ATOM   300  C CB    . CYS A 1 39  ? 2.047   -1.674  5.772   1.00 29.74 ? 39  CYS A CB    1 
ATOM   301  S SG    . CYS A 1 39  ? 0.610   -1.594  4.748   1.00 46.54 ? 39  CYS A SG    1 
ATOM   302  N N     . PRO A 1 40  ? 4.983   -0.928  6.862   1.00 30.00 ? 40  PRO A N     1 
ATOM   303  C CA    . PRO A 1 40  ? 6.243   -1.530  7.296   1.00 29.44 ? 40  PRO A CA    1 
ATOM   304  C C     . PRO A 1 40  ? 5.922   -2.979  7.652   1.00 28.71 ? 40  PRO A C     1 
ATOM   305  O O     . PRO A 1 40  ? 4.793   -3.275  8.055   1.00 22.92 ? 40  PRO A O     1 
ATOM   306  C CB    . PRO A 1 40  ? 6.614   -0.714  8.536   1.00 27.99 ? 40  PRO A CB    1 
ATOM   307  C CG    . PRO A 1 40  ? 5.297   -0.289  9.065   1.00 27.32 ? 40  PRO A CG    1 
ATOM   308  C CD    . PRO A 1 40  ? 4.521   0.085   7.823   1.00 29.89 ? 40  PRO A CD    1 
ATOM   309  N N     . LEU A 1 41  ? 6.901   -3.870  7.515   1.00 26.75 ? 41  LEU A N     1 
ATOM   310  C CA    . LEU A 1 41  ? 6.682   -5.269  7.865   1.00 26.20 ? 41  LEU A CA    1 
ATOM   311  C C     . LEU A 1 41  ? 6.389   -5.426  9.349   1.00 27.00 ? 41  LEU A C     1 
ATOM   312  O O     . LEU A 1 41  ? 5.622   -6.317  9.723   1.00 30.47 ? 41  LEU A O     1 
ATOM   313  C CB    . LEU A 1 41  ? 7.894   -6.142  7.461   1.00 24.52 ? 41  LEU A CB    1 
ATOM   314  C CG    . LEU A 1 41  ? 8.016   -6.528  5.966   1.00 23.14 ? 41  LEU A CG    1 
ATOM   315  C CD1   . LEU A 1 41  ? 9.395   -7.055  5.658   1.00 21.54 ? 41  LEU A CD1   1 
ATOM   316  C CD2   . LEU A 1 41  ? 6.977   -7.558  5.602   1.00 18.95 ? 41  LEU A CD2   1 
ATOM   317  N N     . ARG A 1 42  ? 7.001   -4.563  10.188  1.00 32.91 ? 42  ARG A N     1 
ATOM   318  C CA    . ARG A 1 42  ? 6.817   -4.571  11.668  1.00 30.78 ? 42  ARG A CA    1 
ATOM   319  C C     . ARG A 1 42  ? 5.601   -3.771  12.029  1.00 32.04 ? 42  ARG A C     1 
ATOM   320  O O     . ARG A 1 42  ? 5.544   -2.570  11.766  1.00 32.29 ? 42  ARG A O     1 
ATOM   321  C CB    . ARG A 1 42  ? 8.002   -3.961  12.399  1.00 34.14 ? 42  ARG A CB    1 
ATOM   322  C CG    . ARG A 1 42  ? 7.865   -4.086  13.919  1.00 35.34 ? 42  ARG A CG    1 
ATOM   323  C CD    . ARG A 1 42  ? 9.164   -3.746  14.650  1.00 41.96 ? 42  ARG A CD    1 
ATOM   324  N NE    . ARG A 1 42  ? 9.563   -2.347  14.442  1.00 47.74 ? 42  ARG A NE    1 
ATOM   325  C CZ    . ARG A 1 42  ? 9.200   -1.337  15.231  1.00 45.59 ? 42  ARG A CZ    1 
ATOM   326  N NH1   . ARG A 1 42  ? 8.426   -1.557  16.280  1.00 48.12 ? 42  ARG A NH1   1 
ATOM   327  N NH2   . ARG A 1 42  ? 9.576   -0.105  14.952  1.00 44.02 ? 42  ARG A NH2   1 
ATOM   328  N N     . PRO A 1 43  ? 4.652   -4.401  12.737  1.00 34.91 ? 43  PRO A N     1 
ATOM   329  C CA    . PRO A 1 43  ? 3.388   -3.774  13.149  1.00 35.26 ? 43  PRO A CA    1 
ATOM   330  C C     . PRO A 1 43  ? 3.412   -2.741  14.268  1.00 37.88 ? 43  PRO A C     1 
ATOM   331  O O     . PRO A 1 43  ? 3.206   -3.076  15.438  1.00 46.33 ? 43  PRO A O     1 
ATOM   332  C CB    . PRO A 1 43  ? 2.500   -4.968  13.486  1.00 33.23 ? 43  PRO A CB    1 
ATOM   333  C CG    . PRO A 1 43  ? 3.484   -5.976  14.068  1.00 33.42 ? 43  PRO A CG    1 
ATOM   334  C CD    . PRO A 1 43  ? 4.792   -5.760  13.309  1.00 34.65 ? 43  PRO A CD    1 
ATOM   335  N N     . VAL A 1 44  ? 3.658   -1.491  13.902  1.00 34.07 ? 44  VAL A N     1 
ATOM   336  C CA    . VAL A 1 44  ? 3.639   -0.426  14.869  1.00 31.11 ? 44  VAL A CA    1 
ATOM   337  C C     . VAL A 1 44  ? 2.309   0.257   14.552  1.00 31.20 ? 44  VAL A C     1 
ATOM   338  O O     . VAL A 1 44  ? 1.873   0.213   13.417  1.00 34.87 ? 44  VAL A O     1 
ATOM   339  C CB    . VAL A 1 44  ? 4.794   0.536   14.641  1.00 29.43 ? 44  VAL A CB    1 
ATOM   340  C CG1   . VAL A 1 44  ? 6.118   -0.201  14.701  1.00 21.97 ? 44  VAL A CG1   1 
ATOM   341  C CG2   . VAL A 1 44  ? 4.611   1.200   13.329  1.00 32.73 ? 44  VAL A CG2   1 
ATOM   342  N N     . GLU A 1 45  ? 1.655   0.854   15.552  1.00 34.73 ? 45  GLU A N     1 
ATOM   343  C CA    . GLU A 1 45  ? 0.375   1.537   15.340  1.00 34.55 ? 45  GLU A CA    1 
ATOM   344  C C     . GLU A 1 45  ? 0.451   3.036   15.051  1.00 31.54 ? 45  GLU A C     1 
ATOM   345  O O     . GLU A 1 45  ? -0.504  3.610   14.509  1.00 32.44 ? 45  GLU A O     1 
ATOM   346  C CB    . GLU A 1 45  ? -0.546  1.343   16.531  1.00 42.40 ? 45  GLU A CB    1 
ATOM   347  C CG    . GLU A 1 45  ? -1.754  2.291   16.514  1.00 51.86 ? 45  GLU A CG    1 
ATOM   348  C CD    . GLU A 1 45  ? -2.313  2.561   17.902  1.00 58.46 ? 45  GLU A CD    1 
ATOM   349  O OE1   . GLU A 1 45  ? -2.303  1.616   18.742  1.00 58.62 ? 45  GLU A OE1   1 
ATOM   350  O OE2   . GLU A 1 45  ? -2.757  3.717   18.133  1.00 59.22 ? 45  GLU A OE2   1 
ATOM   351  N N     . ARG A 1 46  ? 1.568   3.674   15.396  1.00 28.34 ? 46  ARG A N     1 
ATOM   352  C CA    . ARG A 1 46  ? 1.714   5.097   15.142  1.00 21.31 ? 46  ARG A CA    1 
ATOM   353  C C     . ARG A 1 46  ? 3.019   5.378   14.415  1.00 19.02 ? 46  ARG A C     1 
ATOM   354  O O     . ARG A 1 46  ? 4.079   4.860   14.765  1.00 17.54 ? 46  ARG A O     1 
ATOM   355  C CB    . ARG A 1 46  ? 1.610   5.858   16.448  1.00 16.40 ? 46  ARG A CB    1 
ATOM   356  C CG    . ARG A 1 46  ? 0.291   5.558   17.168  1.00 13.28 ? 46  ARG A CG    1 
ATOM   357  C CD    . ARG A 1 46  ? -0.798  6.551   16.783  1.00 15.97 ? 46  ARG A CD    1 
ATOM   358  N NE    . ARG A 1 46  ? -0.219  7.814   16.330  1.00 19.01 ? 46  ARG A NE    1 
ATOM   359  C CZ    . ARG A 1 46  ? -0.415  8.982   16.924  1.00 14.40 ? 46  ARG A CZ    1 
ATOM   360  N NH1   . ARG A 1 46  ? -1.187  9.049   17.996  1.00 15.94 ? 46  ARG A NH1   1 
ATOM   361  N NH2   . ARG A 1 46  ? 0.203   10.053  16.485  1.00 7.31  ? 46  ARG A NH2   1 
ATOM   362  N N     . PHE A 1 47  ? 2.925   6.192   13.369  1.00 17.52 ? 47  PHE A N     1 
ATOM   363  C CA    . PHE A 1 47  ? 4.077   6.507   12.561  1.00 16.41 ? 47  PHE A CA    1 
ATOM   364  C C     . PHE A 1 47  ? 5.343   6.798   13.403  1.00 19.01 ? 47  PHE A C     1 
ATOM   365  O O     . PHE A 1 47  ? 6.454   6.379   13.032  1.00 23.98 ? 47  PHE A O     1 
ATOM   366  C CB    . PHE A 1 47  ? 3.706   7.654   11.608  1.00 8.16  ? 47  PHE A CB    1 
ATOM   367  C CG    . PHE A 1 47  ? 4.781   8.007   10.609  1.00 10.04 ? 47  PHE A CG    1 
ATOM   368  C CD1   . PHE A 1 47  ? 5.624   7.037   10.084  1.00 10.81 ? 47  PHE A CD1   1 
ATOM   369  C CD2   . PHE A 1 47  ? 4.938   9.327   10.166  1.00 10.69 ? 47  PHE A CD2   1 
ATOM   370  C CE1   . PHE A 1 47  ? 6.609   7.389   9.126   1.00 14.19 ? 47  PHE A CE1   1 
ATOM   371  C CE2   . PHE A 1 47  ? 5.927   9.679   9.201   1.00 9.74  ? 47  PHE A CE2   1 
ATOM   372  C CZ    . PHE A 1 47  ? 6.752   8.710   8.692   1.00 9.87  ? 47  PHE A CZ    1 
ATOM   373  N N     . HIS A 1 48  ? 5.176   7.443   14.564  1.00 22.02 ? 48  HIS A N     1 
ATOM   374  C CA    . HIS A 1 48  ? 6.312   7.819   15.431  1.00 20.72 ? 48  HIS A CA    1 
ATOM   375  C C     . HIS A 1 48  ? 7.050   6.646   16.036  1.00 19.38 ? 48  HIS A C     1 
ATOM   376  O O     . HIS A 1 48  ? 8.131   6.824   16.563  1.00 14.75 ? 48  HIS A O     1 
ATOM   377  C CB    . HIS A 1 48  ? 5.855   8.729   16.571  1.00 21.89 ? 48  HIS A CB    1 
ATOM   378  C CG    . HIS A 1 48  ? 5.044   8.023   17.625  1.00 21.34 ? 48  HIS A CG    1 
ATOM   379  N ND1   . HIS A 1 48  ? 3.755   8.396   17.945  1.00 18.44 ? 48  HIS A ND1   1 
ATOM   380  C CD2   . HIS A 1 48  ? 5.329   6.951   18.408  1.00 22.93 ? 48  HIS A CD2   1 
ATOM   381  C CE1   . HIS A 1 48  ? 3.274   7.579   18.872  1.00 18.06 ? 48  HIS A CE1   1 
ATOM   382  N NE2   . HIS A 1 48  ? 4.212   6.691   19.168  1.00 21.55 ? 48  HIS A NE2   1 
ATOM   383  N N     . ASP A 1 49  ? 6.462   5.453   15.929  1.00 21.32 ? 49  ASP A N     1 
ATOM   384  C CA    . ASP A 1 49  ? 7.035   4.232   16.496  1.00 25.58 ? 49  ASP A CA    1 
ATOM   385  C C     . ASP A 1 49  ? 8.028   3.556   15.570  1.00 24.03 ? 49  ASP A C     1 
ATOM   386  O O     . ASP A 1 49  ? 8.603   2.527   15.923  1.00 25.43 ? 49  ASP A O     1 
ATOM   387  C CB    . ASP A 1 49  ? 5.917   3.234   16.861  1.00 27.61 ? 49  ASP A CB    1 
ATOM   388  C CG    . ASP A 1 49  ? 5.112   3.657   18.132  1.00 34.70 ? 49  ASP A CG    1 
ATOM   389  O OD1   . ASP A 1 49  ? 5.694   4.291   19.052  1.00 36.19 ? 49  ASP A OD1   1 
ATOM   390  O OD2   . ASP A 1 49  ? 3.889   3.351   18.208  1.00 34.99 ? 49  ASP A OD2   1 
ATOM   391  N N     . LEU A 1 50  ? 8.226   4.148   14.397  1.00 24.85 ? 50  LEU A N     1 
ATOM   392  C CA    . LEU A 1 50  ? 9.103   3.613   13.365  1.00 24.97 ? 50  LEU A CA    1 
ATOM   393  C C     . LEU A 1 50  ? 10.537  4.057   13.489  1.00 24.67 ? 50  LEU A C     1 
ATOM   394  O O     . LEU A 1 50  ? 10.791  5.248   13.596  1.00 27.16 ? 50  LEU A O     1 
ATOM   395  C CB    . LEU A 1 50  ? 8.603   4.068   11.982  1.00 30.58 ? 50  LEU A CB    1 
ATOM   396  C CG    . LEU A 1 50  ? 7.365   3.498   11.278  1.00 30.04 ? 50  LEU A CG    1 
ATOM   397  C CD1   . LEU A 1 50  ? 7.467   3.818   9.784   1.00 29.17 ? 50  LEU A CD1   1 
ATOM   398  C CD2   . LEU A 1 50  ? 7.284   2.019   11.492  1.00 29.39 ? 50  LEU A CD2   1 
ATOM   399  N N     . ARG A 1 51  ? 11.482  3.121   13.426  1.00 24.56 ? 51  ARG A N     1 
ATOM   400  C CA    . ARG A 1 51  ? 12.890  3.506   13.494  1.00 23.94 ? 51  ARG A CA    1 
ATOM   401  C C     . ARG A 1 51  ? 13.147  4.371   12.274  1.00 24.05 ? 51  ARG A C     1 
ATOM   402  O O     . ARG A 1 51  ? 12.364  4.387   11.348  1.00 25.58 ? 51  ARG A O     1 
ATOM   403  C CB    . ARG A 1 51  ? 13.773  2.277   13.470  1.00 24.02 ? 51  ARG A CB    1 
ATOM   404  C CG    . ARG A 1 51  ? 13.203  1.186   14.302  1.00 25.30 ? 51  ARG A CG    1 
ATOM   405  C CD    . ARG A 1 51  ? 14.185  0.054   14.411  1.00 37.75 ? 51  ARG A CD    1 
ATOM   406  N NE    . ARG A 1 51  ? 14.590  -0.523  13.121  1.00 43.23 ? 51  ARG A NE    1 
ATOM   407  C CZ    . ARG A 1 51  ? 14.131  -1.685  12.640  1.00 46.38 ? 51  ARG A CZ    1 
ATOM   408  N NH1   . ARG A 1 51  ? 13.237  -2.403  13.322  1.00 45.97 ? 51  ARG A NH1   1 
ATOM   409  N NH2   . ARG A 1 51  ? 14.609  -2.169  11.501  1.00 45.43 ? 51  ARG A NH2   1 
ATOM   410  N N     . PRO A 1 52  ? 14.239  5.122   12.257  1.00 25.73 ? 52  PRO A N     1 
ATOM   411  C CA    . PRO A 1 52  ? 14.396  5.926   11.050  1.00 25.67 ? 52  PRO A CA    1 
ATOM   412  C C     . PRO A 1 52  ? 14.797  5.164   9.805   1.00 25.35 ? 52  PRO A C     1 
ATOM   413  O O     . PRO A 1 52  ? 14.813  5.747   8.722   1.00 27.99 ? 52  PRO A O     1 
ATOM   414  C CB    . PRO A 1 52  ? 15.438  6.959   11.438  1.00 24.39 ? 52  PRO A CB    1 
ATOM   415  C CG    . PRO A 1 52  ? 15.715  6.749   12.914  1.00 24.28 ? 52  PRO A CG    1 
ATOM   416  C CD    . PRO A 1 52  ? 15.335  5.348   13.209  1.00 24.88 ? 52  PRO A CD    1 
ATOM   417  N N     . ASP A 1 53  ? 15.154  3.887   9.954   1.00 26.73 ? 53  ASP A N     1 
ATOM   418  C CA    . ASP A 1 53  ? 15.535  3.082   8.791   1.00 32.23 ? 53  ASP A CA    1 
ATOM   419  C C     . ASP A 1 53  ? 14.271  2.567   8.084   1.00 32.55 ? 53  ASP A C     1 
ATOM   420  O O     . ASP A 1 53  ? 14.207  2.530   6.836   1.00 33.94 ? 53  ASP A O     1 
ATOM   421  C CB    . ASP A 1 53  ? 16.520  1.918   9.170   1.00 37.59 ? 53  ASP A CB    1 
ATOM   422  C CG    . ASP A 1 53  ? 15.921  0.838   10.133  1.00 44.53 ? 53  ASP A CG    1 
ATOM   423  O OD1   . ASP A 1 53  ? 14.882  1.066   10.806  1.00 44.91 ? 53  ASP A OD1   1 
ATOM   424  O OD2   . ASP A 1 53  ? 16.535  -0.272  10.214  1.00 45.12 ? 53  ASP A OD2   1 
ATOM   425  N N     . GLU A 1 54  ? 13.274  2.215   8.895   1.00 28.67 ? 54  GLU A N     1 
ATOM   426  C CA    . GLU A 1 54  ? 12.002  1.725   8.420   1.00 26.21 ? 54  GLU A CA    1 
ATOM   427  C C     . GLU A 1 54  ? 11.207  2.846   7.787   1.00 28.22 ? 54  GLU A C     1 
ATOM   428  O O     . GLU A 1 54  ? 10.319  2.576   6.967   1.00 27.76 ? 54  GLU A O     1 
ATOM   429  C CB    . GLU A 1 54  ? 11.204  1.160   9.564   1.00 22.61 ? 54  GLU A CB    1 
ATOM   430  C CG    . GLU A 1 54  ? 11.909  0.183   10.452  1.00 23.38 ? 54  GLU A CG    1 
ATOM   431  C CD    . GLU A 1 54  ? 10.969  -0.285  11.559  1.00 29.65 ? 54  GLU A CD    1 
ATOM   432  O OE1   . GLU A 1 54  ? 10.655  0.500   12.463  1.00 32.05 ? 54  GLU A OE1   1 
ATOM   433  O OE2   . GLU A 1 54  ? 10.508  -1.444  11.520  1.00 34.39 ? 54  GLU A OE2   1 
ATOM   434  N N     . VAL A 1 55  ? 11.506  4.089   8.196   1.00 31.17 ? 55  VAL A N     1 
ATOM   435  C CA    . VAL A 1 55  ? 10.837  5.303   7.661   1.00 31.85 ? 55  VAL A CA    1 
ATOM   436  C C     . VAL A 1 55  ? 11.460  5.658   6.305   1.00 31.41 ? 55  VAL A C     1 
ATOM   437  O O     . VAL A 1 55  ? 10.778  6.136   5.399   1.00 35.90 ? 55  VAL A O     1 
ATOM   438  C CB    . VAL A 1 55  ? 10.972  6.580   8.607   1.00 31.78 ? 55  VAL A CB    1 
ATOM   439  C CG1   . VAL A 1 55  ? 10.546  7.859   7.839   1.00 22.98 ? 55  VAL A CG1   1 
ATOM   440  C CG2   . VAL A 1 55  ? 10.116  6.420   9.878   1.00 29.37 ? 55  VAL A CG2   1 
ATOM   441  N N     . ALA A 1 56  ? 12.761  5.442   6.173   1.00 30.94 ? 56  ALA A N     1 
ATOM   442  C CA    . ALA A 1 56  ? 13.395  5.712   4.894   1.00 30.26 ? 56  ALA A CA    1 
ATOM   443  C C     . ALA A 1 56  ? 12.791  4.664   3.962   1.00 27.68 ? 56  ALA A C     1 
ATOM   444  O O     . ALA A 1 56  ? 12.213  4.983   2.948   1.00 26.33 ? 56  ALA A O     1 
ATOM   445  C CB    . ALA A 1 56  ? 14.910  5.526   5.005   1.00 28.89 ? 56  ALA A CB    1 
ATOM   446  N N     . ASP A 1 57  ? 12.887  3.412   4.368   1.00 26.49 ? 57  ASP A N     1 
ATOM   447  C CA    . ASP A 1 57  ? 12.378  2.315   3.593   1.00 29.55 ? 57  ASP A CA    1 
ATOM   448  C C     . ASP A 1 57  ? 10.887  2.419   3.267   1.00 30.90 ? 57  ASP A C     1 
ATOM   449  O O     . ASP A 1 57  ? 10.471  2.126   2.131   1.00 34.11 ? 57  ASP A O     1 
ATOM   450  C CB    . ASP A 1 57  ? 12.678  1.027   4.346   1.00 32.85 ? 57  ASP A CB    1 
ATOM   451  C CG    . ASP A 1 57  ? 12.529  -0.198  3.494   1.00 34.25 ? 57  ASP A CG    1 
ATOM   452  O OD1   . ASP A 1 57  ? 11.387  -0.473  3.084   1.00 33.54 ? 57  ASP A OD1   1 
ATOM   453  O OD2   . ASP A 1 57  ? 13.547  -0.890  3.251   1.00 39.19 ? 57  ASP A OD2   1 
ATOM   454  N N     . LEU A 1 58  ? 10.073  2.835   4.234   1.00 29.21 ? 58  LEU A N     1 
ATOM   455  C CA    . LEU A 1 58  ? 8.627   2.932   3.979   1.00 26.66 ? 58  LEU A CA    1 
ATOM   456  C C     . LEU A 1 58  ? 8.274   3.920   2.886   1.00 24.77 ? 58  LEU A C     1 
ATOM   457  O O     . LEU A 1 58  ? 7.285   3.734   2.170   1.00 25.36 ? 58  LEU A O     1 
ATOM   458  C CB    . LEU A 1 58  ? 7.856   3.336   5.237   1.00 23.22 ? 58  LEU A CB    1 
ATOM   459  C CG    . LEU A 1 58  ? 6.349   3.511   5.002   1.00 17.62 ? 58  LEU A CG    1 
ATOM   460  C CD1   . LEU A 1 58  ? 5.830   2.209   4.449   1.00 16.49 ? 58  LEU A CD1   1 
ATOM   461  C CD2   . LEU A 1 58  ? 5.592   3.842   6.306   1.00 16.57 ? 58  LEU A CD2   1 
ATOM   462  N N     . PHE A 1 59  ? 9.080   4.965   2.755   1.00 20.63 ? 59  PHE A N     1 
ATOM   463  C CA    . PHE A 1 59  ? 8.782   5.964   1.772   1.00 22.10 ? 59  PHE A CA    1 
ATOM   464  C C     . PHE A 1 59  ? 9.620   5.875   0.499   1.00 24.82 ? 59  PHE A C     1 
ATOM   465  O O     . PHE A 1 59  ? 9.289   6.481   -0.512  1.00 28.96 ? 59  PHE A O     1 
ATOM   466  C CB    . PHE A 1 59  ? 8.835   7.319   2.438   1.00 12.21 ? 59  PHE A CB    1 
ATOM   467  C CG    . PHE A 1 59  ? 7.616   7.605   3.218   1.00 13.06 ? 59  PHE A CG    1 
ATOM   468  C CD1   . PHE A 1 59  ? 7.483   7.090   4.516   1.00 13.86 ? 59  PHE A CD1   1 
ATOM   469  C CD2   . PHE A 1 59  ? 6.522   8.252   2.619   1.00 13.00 ? 59  PHE A CD2   1 
ATOM   470  C CE1   . PHE A 1 59  ? 6.279   7.203   5.186   1.00 15.16 ? 59  PHE A CE1   1 
ATOM   471  C CE2   . PHE A 1 59  ? 5.286   8.373   3.291   1.00 11.33 ? 59  PHE A CE2   1 
ATOM   472  C CZ    . PHE A 1 59  ? 5.160   7.854   4.556   1.00 12.22 ? 59  PHE A CZ    1 
ATOM   473  N N     . GLN A 1 60  ? 10.689  5.100   0.514   1.00 24.64 ? 60  GLN A N     1 
ATOM   474  C CA    . GLN A 1 60  ? 11.428  4.932   -0.738  1.00 25.59 ? 60  GLN A CA    1 
ATOM   475  C C     . GLN A 1 60  ? 10.547  3.944   -1.505  1.00 22.38 ? 60  GLN A C     1 
ATOM   476  O O     . GLN A 1 60  ? 10.346  4.060   -2.707  1.00 26.89 ? 60  GLN A O     1 
ATOM   477  C CB    . GLN A 1 60  ? 12.818  4.342   -0.486  1.00 21.74 ? 60  GLN A CB    1 
ATOM   478  C CG    . GLN A 1 60  ? 13.854  5.426   -0.357  1.00 19.43 ? 60  GLN A CG    1 
ATOM   479  C CD    . GLN A 1 60  ? 14.977  5.076   0.562   1.00 21.10 ? 60  GLN A CD    1 
ATOM   480  O OE1   . GLN A 1 60  ? 15.131  3.912   0.993   1.00 15.30 ? 60  GLN A OE1   1 
ATOM   481  N NE2   . GLN A 1 60  ? 15.799  6.081   0.868   1.00 18.63 ? 60  GLN A NE2   1 
ATOM   482  N N     . THR A 1 61  ? 10.008  2.989   -0.771  1.00 19.98 ? 61  THR A N     1 
ATOM   483  C CA    . THR A 1 61  ? 9.129   2.003   -1.330  1.00 21.17 ? 61  THR A CA    1 
ATOM   484  C C     . THR A 1 61  ? 7.848   2.679   -1.830  1.00 20.66 ? 61  THR A C     1 
ATOM   485  O O     . THR A 1 61  ? 7.312   2.327   -2.876  1.00 23.41 ? 61  THR A O     1 
ATOM   486  C CB    . THR A 1 61  ? 8.718   0.998   -0.249  1.00 20.90 ? 61  THR A CB    1 
ATOM   487  O OG1   . THR A 1 61  ? 9.862   0.242   0.170   1.00 21.19 ? 61  THR A OG1   1 
ATOM   488  C CG2   . THR A 1 61  ? 7.653   0.060   -0.775  1.00 19.14 ? 61  THR A CG2   1 
ATOM   489  N N     . THR A 1 62  ? 7.376   3.673   -1.074  1.00 19.64 ? 62  THR A N     1 
ATOM   490  C CA    . THR A 1 62  ? 6.129   4.369   -1.363  1.00 18.89 ? 62  THR A CA    1 
ATOM   491  C C     . THR A 1 62  ? 6.285   5.189   -2.618  1.00 21.59 ? 62  THR A C     1 
ATOM   492  O O     . THR A 1 62  ? 5.333   5.392   -3.369  1.00 24.97 ? 62  THR A O     1 
ATOM   493  C CB    . THR A 1 62  ? 5.709   5.217   -0.126  1.00 11.85 ? 62  THR A CB    1 
ATOM   494  O OG1   . THR A 1 62  ? 5.160   4.346   0.871   1.00 9.95  ? 62  THR A OG1   1 
ATOM   495  C CG2   . THR A 1 62  ? 4.646   6.210   -0.458  1.00 7.27  ? 62  THR A CG2   1 
ATOM   496  N N     . GLN A 1 63  ? 7.510   5.641   -2.847  1.00 24.35 ? 63  GLN A N     1 
ATOM   497  C CA    . GLN A 1 63  ? 7.846   6.432   -4.034  1.00 24.99 ? 63  GLN A CA    1 
ATOM   498  C C     . GLN A 1 63  ? 7.732   5.522   -5.231  1.00 22.10 ? 63  GLN A C     1 
ATOM   499  O O     . GLN A 1 63  ? 7.086   5.878   -6.190  1.00 18.88 ? 63  GLN A O     1 
ATOM   500  C CB    . GLN A 1 63  ? 9.276   6.939   -3.944  1.00 23.33 ? 63  GLN A CB    1 
ATOM   501  C CG    . GLN A 1 63  ? 9.619   8.020   -4.935  1.00 26.33 ? 63  GLN A CG    1 
ATOM   502  C CD    . GLN A 1 63  ? 11.092  8.383   -4.849  1.00 32.94 ? 63  GLN A CD    1 
ATOM   503  O OE1   . GLN A 1 63  ? 11.929  7.526   -4.575  1.00 38.42 ? 63  GLN A OE1   1 
ATOM   504  N NE2   . GLN A 1 63  ? 11.417  9.654   -5.077  1.00 36.59 ? 63  GLN A NE2   1 
ATOM   505  N N     . ARG A 1 64  ? 8.375   4.356   -5.147  1.00 20.78 ? 64  ARG A N     1 
ATOM   506  C CA    . ARG A 1 64  ? 8.354   3.360   -6.227  1.00 24.22 ? 64  ARG A CA    1 
ATOM   507  C C     . ARG A 1 64  ? 6.961   2.849   -6.600  1.00 21.06 ? 64  ARG A C     1 
ATOM   508  O O     . ARG A 1 64  ? 6.533   2.954   -7.743  1.00 23.21 ? 64  ARG A O     1 
ATOM   509  C CB    . ARG A 1 64  ? 9.226   2.169   -5.862  1.00 26.04 ? 64  ARG A CB    1 
ATOM   510  C CG    . ARG A 1 64  ? 10.669  2.509   -5.635  1.00 26.38 ? 64  ARG A CG    1 
ATOM   511  C CD    . ARG A 1 64  ? 11.315  1.296   -5.015  1.00 36.85 ? 64  ARG A CD    1 
ATOM   512  N NE    . ARG A 1 64  ? 11.605  0.245   -5.997  1.00 38.22 ? 64  ARG A NE    1 
ATOM   513  C CZ    . ARG A 1 64  ? 11.790  -1.027  -5.674  1.00 35.34 ? 64  ARG A CZ    1 
ATOM   514  N NH1   . ARG A 1 64  ? 11.709  -1.423  -4.409  1.00 35.80 ? 64  ARG A NH1   1 
ATOM   515  N NH2   . ARG A 1 64  ? 12.082  -1.895  -6.613  1.00 39.44 ? 64  ARG A NH2   1 
ATOM   516  N N     . VAL A 1 65  ? 6.269   2.286   -5.624  1.00 19.48 ? 65  VAL A N     1 
ATOM   517  C CA    . VAL A 1 65  ? 4.926   1.796   -5.824  1.00 16.55 ? 65  VAL A CA    1 
ATOM   518  C C     . VAL A 1 65  ? 4.038   2.800   -6.553  1.00 16.27 ? 65  VAL A C     1 
ATOM   519  O O     . VAL A 1 65  ? 3.219   2.415   -7.380  1.00 24.75 ? 65  VAL A O     1 
ATOM   520  C CB    . VAL A 1 65  ? 4.291   1.488   -4.489  1.00 11.70 ? 65  VAL A CB    1 
ATOM   521  C CG1   . VAL A 1 65  ? 2.754   1.389   -4.637  1.00 13.09 ? 65  VAL A CG1   1 
ATOM   522  C CG2   . VAL A 1 65  ? 4.922   0.224   -3.929  1.00 9.03  ? 65  VAL A CG2   1 
ATOM   523  N N     . GLY A 1 66  ? 4.193   4.082   -6.254  1.00 17.85 ? 66  GLY A N     1 
ATOM   524  C CA    . GLY A 1 66  ? 3.350   5.089   -6.857  1.00 17.22 ? 66  GLY A CA    1 
ATOM   525  C C     . GLY A 1 66  ? 3.620   5.308   -8.324  1.00 21.96 ? 66  GLY A C     1 
ATOM   526  O O     . GLY A 1 66  ? 2.709   5.487   -9.136  1.00 26.20 ? 66  GLY A O     1 
ATOM   527  N N     . THR A 1 67  ? 4.891   5.332   -8.670  1.00 20.48 ? 67  THR A N     1 
ATOM   528  C CA    . THR A 1 67  ? 5.294   5.510   -10.041 1.00 22.72 ? 67  THR A CA    1 
ATOM   529  C C     . THR A 1 67  ? 4.692   4.408   -10.961 1.00 27.09 ? 67  THR A C     1 
ATOM   530  O O     . THR A 1 67  ? 4.411   4.613   -12.162 1.00 23.90 ? 67  THR A O     1 
ATOM   531  C CB    . THR A 1 67  ? 6.796   5.425   -10.081 1.00 26.43 ? 67  THR A CB    1 
ATOM   532  O OG1   . THR A 1 67  ? 7.339   6.750   -10.021 1.00 33.08 ? 67  THR A OG1   1 
ATOM   533  C CG2   . THR A 1 67  ? 7.260   4.703   -11.343 1.00 34.46 ? 67  THR A CG2   1 
ATOM   534  N N     . VAL A 1 68  ? 4.512   3.231   -10.380 1.00 22.95 ? 68  VAL A N     1 
ATOM   535  C CA    . VAL A 1 68  ? 4.007   2.089   -11.092 1.00 19.82 ? 68  VAL A CA    1 
ATOM   536  C C     . VAL A 1 68  ? 2.495   2.121   -11.244 1.00 22.97 ? 68  VAL A C     1 
ATOM   537  O O     . VAL A 1 68  ? 2.003   1.965   -12.362 1.00 26.88 ? 68  VAL A O     1 
ATOM   538  C CB    . VAL A 1 68  ? 4.490   0.774   -10.381 1.00 18.25 ? 68  VAL A CB    1 
ATOM   539  C CG1   . VAL A 1 68  ? 3.751   -0.439  -10.908 1.00 16.26 ? 68  VAL A CG1   1 
ATOM   540  C CG2   . VAL A 1 68  ? 6.004   0.621   -10.575 1.00 13.60 ? 68  VAL A CG2   1 
ATOM   541  N N     . VAL A 1 69  ? 1.747   2.336   -10.157 1.00 22.10 ? 69  VAL A N     1 
ATOM   542  C CA    . VAL A 1 69  ? 0.290   2.354   -10.290 1.00 17.74 ? 69  VAL A CA    1 
ATOM   543  C C     . VAL A 1 69  ? -0.184  3.570   -11.047 1.00 16.41 ? 69  VAL A C     1 
ATOM   544  O O     . VAL A 1 69  ? -1.291  3.603   -11.570 1.00 22.46 ? 69  VAL A O     1 
ATOM   545  C CB    . VAL A 1 69  ? -0.442  2.237   -8.905  1.00 13.94 ? 69  VAL A CB    1 
ATOM   546  C CG1   . VAL A 1 69  ? -0.025  0.965   -8.222  1.00 10.76 ? 69  VAL A CG1   1 
ATOM   547  C CG2   . VAL A 1 69  ? -0.142  3.408   -8.020  1.00 11.39 ? 69  VAL A CG2   1 
ATOM   548  N N     . GLU A 1 70  ? 0.655   4.581   -11.127 1.00 18.38 ? 70  GLU A N     1 
ATOM   549  C CA    . GLU A 1 70  ? 0.265   5.767   -11.851 1.00 22.59 ? 70  GLU A CA    1 
ATOM   550  C C     . GLU A 1 70  ? 0.343   5.399   -13.303 1.00 25.73 ? 70  GLU A C     1 
ATOM   551  O O     . GLU A 1 70  ? -0.468  5.849   -14.108 1.00 31.98 ? 70  GLU A O     1 
ATOM   552  C CB    . GLU A 1 70  ? 1.213   6.938   -11.588 1.00 20.14 ? 70  GLU A CB    1 
ATOM   553  C CG    . GLU A 1 70  ? 0.625   8.232   -12.085 1.00 19.62 ? 70  GLU A CG    1 
ATOM   554  C CD    . GLU A 1 70  ? 1.551   9.390   -11.946 1.00 16.52 ? 70  GLU A CD    1 
ATOM   555  O OE1   . GLU A 1 70  ? 2.743   9.150   -11.698 1.00 14.11 ? 70  GLU A OE1   1 
ATOM   556  O OE2   . GLU A 1 70  ? 1.075   10.537  -12.085 1.00 19.96 ? 70  GLU A OE2   1 
ATOM   557  N N     . LYS A 1 71  ? 1.349   4.588   -13.632 1.00 29.94 ? 71  LYS A N     1 
ATOM   558  C CA    . LYS A 1 71  ? 1.584   4.121   -14.994 1.00 30.40 ? 71  LYS A CA    1 
ATOM   559  C C     . LYS A 1 71  ? 0.516   3.091   -15.398 1.00 29.53 ? 71  LYS A C     1 
ATOM   560  O O     . LYS A 1 71  ? -0.257  3.261   -16.371 1.00 22.77 ? 71  LYS A O     1 
ATOM   561  C CB    . LYS A 1 71  ? 2.959   3.475   -15.056 1.00 32.95 ? 71  LYS A CB    1 
ATOM   562  C CG    . LYS A 1 71  ? 3.480   3.327   -16.452 1.00 41.18 ? 71  LYS A CG    1 
ATOM   563  C CD    . LYS A 1 71  ? 4.958   3.134   -16.444 1.00 44.66 ? 71  LYS A CD    1 
ATOM   564  C CE    . LYS A 1 71  ? 5.299   1.688   -16.225 1.00 51.23 ? 71  LYS A CE    1 
ATOM   565  N NZ    . LYS A 1 71  ? 6.686   1.558   -15.684 1.00 58.10 ? 71  LYS A NZ    1 
ATOM   566  N N     . HIS A 1 72  ? 0.500   2.027   -14.609 1.00 26.59 ? 72  HIS A N     1 
ATOM   567  C CA    . HIS A 1 72  ? -0.401  0.938   -14.787 1.00 27.53 ? 72  HIS A CA    1 
ATOM   568  C C     . HIS A 1 72  ? -1.849  1.341   -14.918 1.00 28.46 ? 72  HIS A C     1 
ATOM   569  O O     . HIS A 1 72  ? -2.517  0.877   -15.834 1.00 33.05 ? 72  HIS A O     1 
ATOM   570  C CB    . HIS A 1 72  ? -0.265  -0.030  -13.623 1.00 30.51 ? 72  HIS A CB    1 
ATOM   571  C CG    . HIS A 1 72  ? -1.094  -1.268  -13.777 1.00 33.24 ? 72  HIS A CG    1 
ATOM   572  N ND1   . HIS A 1 72  ? -0.964  -2.099  -14.871 1.00 34.31 ? 72  HIS A ND1   1 
ATOM   573  C CD2   . HIS A 1 72  ? -2.104  -1.763  -13.041 1.00 36.60 ? 72  HIS A CD2   1 
ATOM   574  C CE1   . HIS A 1 72  ? -1.864  -3.063  -14.785 1.00 35.19 ? 72  HIS A CE1   1 
ATOM   575  N NE2   . HIS A 1 72  ? -2.574  -2.885  -13.690 1.00 34.45 ? 72  HIS A NE2   1 
ATOM   576  N N     . PHE A 1 73  ? -2.348  2.167   -13.992 1.00 25.74 ? 73  PHE A N     1 
ATOM   577  C CA    . PHE A 1 73  ? -3.757  2.570   -14.011 1.00 22.17 ? 73  PHE A CA    1 
ATOM   578  C C     . PHE A 1 73  ? -4.028  3.868   -14.743 1.00 23.08 ? 73  PHE A C     1 
ATOM   579  O O     . PHE A 1 73  ? -5.083  4.466   -14.611 1.00 26.95 ? 73  PHE A O     1 
ATOM   580  C CB    . PHE A 1 73  ? -4.310  2.627   -12.580 1.00 15.33 ? 73  PHE A CB    1 
ATOM   581  C CG    . PHE A 1 73  ? -4.320  1.284   -11.880 1.00 12.43 ? 73  PHE A CG    1 
ATOM   582  C CD1   . PHE A 1 73  ? -5.309  0.352   -12.140 1.00 7.92  ? 73  PHE A CD1   1 
ATOM   583  C CD2   . PHE A 1 73  ? -3.307  0.939   -11.003 1.00 8.13  ? 73  PHE A CD2   1 
ATOM   584  C CE1   . PHE A 1 73  ? -5.274  -0.906  -11.541 1.00 9.13  ? 73  PHE A CE1   1 
ATOM   585  C CE2   . PHE A 1 73  ? -3.265  -0.308  -10.398 1.00 3.15  ? 73  PHE A CE2   1 
ATOM   586  C CZ    . PHE A 1 73  ? -4.250  -1.230  -10.667 1.00 7.77  ? 73  PHE A CZ    1 
ATOM   587  N N     . HIS A 1 74  ? -3.071  4.304   -15.543 1.00 28.04 ? 74  HIS A N     1 
ATOM   588  C CA    . HIS A 1 74  ? -3.252  5.523   -16.312 1.00 32.29 ? 74  HIS A CA    1 
ATOM   589  C C     . HIS A 1 74  ? -3.702  6.738   -15.484 1.00 31.42 ? 74  HIS A C     1 
ATOM   590  O O     . HIS A 1 74  ? -4.795  7.265   -15.653 1.00 34.86 ? 74  HIS A O     1 
ATOM   591  C CB    . HIS A 1 74  ? -4.258  5.266   -17.456 1.00 38.99 ? 74  HIS A CB    1 
ATOM   592  C CG    . HIS A 1 74  ? -3.809  4.218   -18.440 1.00 47.36 ? 74  HIS A CG    1 
ATOM   593  N ND1   . HIS A 1 74  ? -4.176  2.889   -18.333 1.00 49.02 ? 74  HIS A ND1   1 
ATOM   594  C CD2   . HIS A 1 74  ? -3.035  4.306   -19.541 1.00 51.11 ? 74  HIS A CD2   1 
ATOM   595  C CE1   . HIS A 1 74  ? -3.634  2.205   -19.329 1.00 51.45 ? 74  HIS A CE1   1 
ATOM   596  N NE2   . HIS A 1 74  ? -2.939  3.046   -20.081 1.00 52.86 ? 74  HIS A NE2   1 
ATOM   597  N N     . GLY A 1 75  ? -2.857  7.191   -14.582 1.00 27.26 ? 75  GLY A N     1 
ATOM   598  C CA    . GLY A 1 75  ? -3.230  8.352   -13.817 1.00 27.15 ? 75  GLY A CA    1 
ATOM   599  C C     . GLY A 1 75  ? -2.227  9.379   -14.254 1.00 27.03 ? 75  GLY A C     1 
ATOM   600  O O     . GLY A 1 75  ? -1.278  9.022   -14.927 1.00 26.65 ? 75  GLY A O     1 
ATOM   601  N N     . THR A 1 76  ? -2.423  10.634  -13.872 1.00 28.27 ? 76  THR A N     1 
ATOM   602  C CA    . THR A 1 76  ? -1.492  11.708  -14.237 1.00 32.99 ? 76  THR A CA    1 
ATOM   603  C C     . THR A 1 76  ? -0.937  12.402  -12.983 1.00 31.74 ? 76  THR A C     1 
ATOM   604  O O     . THR A 1 76  ? -0.121  13.346  -13.044 1.00 25.48 ? 76  THR A O     1 
ATOM   605  C CB    . THR A 1 76  ? -2.211  12.777  -15.067 1.00 35.06 ? 76  THR A CB    1 
ATOM   606  O OG1   . THR A 1 76  ? -3.466  13.104  -14.441 1.00 36.41 ? 76  THR A OG1   1 
ATOM   607  C CG2   . THR A 1 76  ? -2.466  12.248  -16.468 1.00 36.94 ? 76  THR A CG2   1 
ATOM   608  N N     . SER A 1 77  ? -1.402  11.909  -11.843 1.00 29.98 ? 77  SER A N     1 
ATOM   609  C CA    . SER A 1 77  ? -1.034  12.492  -10.588 1.00 26.25 ? 77  SER A CA    1 
ATOM   610  C C     . SER A 1 77  ? -1.343  11.489  -9.487  1.00 22.62 ? 77  SER A C     1 
ATOM   611  O O     . SER A 1 77  ? -2.176  10.626  -9.669  1.00 20.17 ? 77  SER A O     1 
ATOM   612  C CB    . SER A 1 77  ? -1.829  13.800  -10.412 1.00 25.58 ? 77  SER A CB    1 
ATOM   613  O OG    . SER A 1 77  ? -1.434  14.793  -11.363 1.00 24.90 ? 77  SER A OG    1 
ATOM   614  N N     . LEU A 1 78  ? -0.634  11.615  -8.359  1.00 24.23 ? 78  LEU A N     1 
ATOM   615  C CA    . LEU A 1 78  ? -0.793  10.752  -7.198  1.00 20.26 ? 78  LEU A CA    1 
ATOM   616  C C     . LEU A 1 78  ? -1.216  11.539  -5.969  1.00 19.10 ? 78  LEU A C     1 
ATOM   617  O O     . LEU A 1 78  ? -0.941  12.727  -5.818  1.00 18.34 ? 78  LEU A O     1 
ATOM   618  C CB    . LEU A 1 78  ? 0.497   10.017  -6.872  1.00 13.56 ? 78  LEU A CB    1 
ATOM   619  C CG    . LEU A 1 78  ? 0.821   8.858   -7.807  1.00 15.75 ? 78  LEU A CG    1 
ATOM   620  C CD1   . LEU A 1 78  ? 2.329   8.701   -7.865  1.00 15.54 ? 78  LEU A CD1   1 
ATOM   621  C CD2   . LEU A 1 78  ? 0.176   7.582   -7.335  1.00 14.99 ? 78  LEU A CD2   1 
ATOM   622  N N     . THR A 1 79  ? -1.896  10.823  -5.093  1.00 21.39 ? 79  THR A N     1 
ATOM   623  C CA    . THR A 1 79  ? -2.399  11.342  -3.830  1.00 20.56 ? 79  THR A CA    1 
ATOM   624  C C     . THR A 1 79  ? -1.836  10.365  -2.812  1.00 19.93 ? 79  THR A C     1 
ATOM   625  O O     . THR A 1 79  ? -2.124  9.166   -2.889  1.00 16.25 ? 79  THR A O     1 
ATOM   626  C CB    . THR A 1 79  ? -3.909  11.216  -3.721  1.00 20.64 ? 79  THR A CB    1 
ATOM   627  O OG1   . THR A 1 79  ? -4.546  12.440  -4.060  1.00 21.66 ? 79  THR A OG1   1 
ATOM   628  C CG2   . THR A 1 79  ? -4.273  10.812  -2.336  1.00 20.91 ? 79  THR A CG2   1 
ATOM   629  N N     . PHE A 1 80  ? -1.046  10.864  -1.867  1.00 20.95 ? 80  PHE A N     1 
ATOM   630  C CA    . PHE A 1 80  ? -0.487  10.002  -0.856  1.00 20.33 ? 80  PHE A CA    1 
ATOM   631  C C     . PHE A 1 80  ? -1.042  10.429  0.477   1.00 18.16 ? 80  PHE A C     1 
ATOM   632  O O     . PHE A 1 80  ? -1.354  11.588  0.669   1.00 23.17 ? 80  PHE A O     1 
ATOM   633  C CB    . PHE A 1 80  ? 1.006   10.163  -0.842  1.00 18.17 ? 80  PHE A CB    1 
ATOM   634  C CG    . PHE A 1 80  ? 1.692   9.643   -2.093  1.00 25.45 ? 80  PHE A CG    1 
ATOM   635  C CD1   . PHE A 1 80  ? 2.105   8.290   -2.182  1.00 20.93 ? 80  PHE A CD1   1 
ATOM   636  C CD2   . PHE A 1 80  ? 1.988   10.515  -3.156  1.00 21.26 ? 80  PHE A CD2   1 
ATOM   637  C CE1   . PHE A 1 80  ? 2.807   7.815   -3.298  1.00 17.91 ? 80  PHE A CE1   1 
ATOM   638  C CE2   . PHE A 1 80  ? 2.684   10.043  -4.271  1.00 17.76 ? 80  PHE A CE2   1 
ATOM   639  C CZ    . PHE A 1 80  ? 3.098   8.690   -4.335  1.00 18.12 ? 80  PHE A CZ    1 
ATOM   640  N N     . SER A 1 81  ? -1.237  9.500   1.388   1.00 16.60 ? 81  SER A N     1 
ATOM   641  C CA    . SER A 1 81  ? -1.691  9.899   2.706   1.00 21.93 ? 81  SER A CA    1 
ATOM   642  C C     . SER A 1 81  ? -1.681  8.841   3.754   1.00 23.39 ? 81  SER A C     1 
ATOM   643  O O     . SER A 1 81  ? -1.981  7.685   3.538   1.00 19.48 ? 81  SER A O     1 
ATOM   644  C CB    . SER A 1 81  ? -3.054  10.550  2.663   1.00 24.24 ? 81  SER A CB    1 
ATOM   645  O OG    . SER A 1 81  ? -3.929  10.005  3.631   1.00 30.06 ? 81  SER A OG    1 
ATOM   646  N N     . MET A 1 82  ? -1.285  9.272   4.922   1.00 24.85 ? 82  MET A N     1 
ATOM   647  C CA    . MET A 1 82  ? -1.187  8.388   6.043   1.00 24.91 ? 82  MET A CA    1 
ATOM   648  C C     . MET A 1 82  ? -2.143  8.907   7.159   1.00 24.16 ? 82  MET A C     1 
ATOM   649  O O     . MET A 1 82  ? -2.072  10.079  7.573   1.00 23.01 ? 82  MET A O     1 
ATOM   650  C CB    . MET A 1 82  ? 0.285   8.375   6.450   1.00 16.99 ? 82  MET A CB    1 
ATOM   651  C CG    . MET A 1 82  ? 0.600   7.374   7.488   1.00 21.93 ? 82  MET A CG    1 
ATOM   652  S SD    . MET A 1 82  ? 2.288   7.055   7.419   1.00 27.12 ? 82  MET A SD    1 
ATOM   653  C CE    . MET A 1 82  ? 2.992   8.745   7.658   1.00 22.91 ? 82  MET A CE    1 
ATOM   654  N N     . GLN A 1 83  ? -3.055  8.047   7.611   1.00 24.17 ? 83  GLN A N     1 
ATOM   655  C CA    . GLN A 1 83  ? -4.006  8.414   8.673   1.00 27.43 ? 83  GLN A CA    1 
ATOM   656  C C     . GLN A 1 83  ? -3.398  7.915   9.993   1.00 24.68 ? 83  GLN A C     1 
ATOM   657  O O     . GLN A 1 83  ? -3.666  6.797   10.419  1.00 20.92 ? 83  GLN A O     1 
ATOM   658  C CB    . GLN A 1 83  ? -5.340  7.734   8.392   1.00 31.68 ? 83  GLN A CB    1 
ATOM   659  C CG    . GLN A 1 83  ? -5.958  8.047   7.022   1.00 39.35 ? 83  GLN A CG    1 
ATOM   660  C CD    . GLN A 1 83  ? -7.446  8.381   7.142   1.00 46.78 ? 83  GLN A CD    1 
ATOM   661  O OE1   . GLN A 1 83  ? -7.920  9.459   6.734   1.00 53.56 ? 83  GLN A OE1   1 
ATOM   662  N NE2   . GLN A 1 83  ? -8.195  7.462   7.719   1.00 51.15 ? 83  GLN A NE2   1 
ATOM   663  N N     . ASP A 1 84  ? -2.630  8.776   10.656  1.00 24.28 ? 84  ASP A N     1 
ATOM   664  C CA    . ASP A 1 84  ? -1.879  8.402   11.862  1.00 26.49 ? 84  ASP A CA    1 
ATOM   665  C C     . ASP A 1 84  ? -2.416  8.535   13.295  1.00 27.33 ? 84  ASP A C     1 
ATOM   666  O O     . ASP A 1 84  ? -1.857  9.268   14.117  1.00 26.26 ? 84  ASP A O     1 
ATOM   667  C CB    . ASP A 1 84  ? -0.537  9.106   11.819  1.00 28.26 ? 84  ASP A CB    1 
ATOM   668  C CG    . ASP A 1 84  ? 0.396   8.610   12.874  1.00 28.40 ? 84  ASP A CG    1 
ATOM   669  O OD1   . ASP A 1 84  ? 0.356   7.404   13.158  1.00 28.99 ? 84  ASP A OD1   1 
ATOM   670  O OD2   . ASP A 1 84  ? 1.165   9.422   13.414  1.00 28.66 ? 84  ASP A OD2   1 
ATOM   671  N N     . GLY A 1 85  ? -3.449  7.772   13.613  1.00 27.76 ? 85  GLY A N     1 
ATOM   672  C CA    . GLY A 1 85  ? -3.995  7.823   14.951  1.00 28.84 ? 85  GLY A CA    1 
ATOM   673  C C     . GLY A 1 85  ? -5.476  7.616   14.866  1.00 27.53 ? 85  GLY A C     1 
ATOM   674  O O     . GLY A 1 85  ? -6.033  7.635   13.775  1.00 31.28 ? 85  GLY A O     1 
ATOM   675  N N     . PRO A 1 86  ? -6.140  7.382   15.990  1.00 27.97 ? 86  PRO A N     1 
ATOM   676  C CA    . PRO A 1 86  ? -7.584  7.166   16.026  1.00 27.22 ? 86  PRO A CA    1 
ATOM   677  C C     . PRO A 1 86  ? -8.395  8.395   15.669  1.00 30.95 ? 86  PRO A C     1 
ATOM   678  O O     . PRO A 1 86  ? -9.506  8.272   15.141  1.00 34.69 ? 86  PRO A O     1 
ATOM   679  C CB    . PRO A 1 86  ? -7.834  6.711   17.445  1.00 23.73 ? 86  PRO A CB    1 
ATOM   680  C CG    . PRO A 1 86  ? -6.507  6.223   17.891  1.00 24.46 ? 86  PRO A CG    1 
ATOM   681  C CD    . PRO A 1 86  ? -5.555  7.195   17.315  1.00 26.88 ? 86  PRO A CD    1 
ATOM   682  N N     . GLU A 1 87  ? -7.840  9.580   15.926  1.00 32.91 ? 87  GLU A N     1 
ATOM   683  C CA    . GLU A 1 87  ? -8.537  10.841  15.627  1.00 36.14 ? 87  GLU A CA    1 
ATOM   684  C C     . GLU A 1 87  ? -8.267  11.344  14.204  1.00 36.97 ? 87  GLU A C     1 
ATOM   685  O O     . GLU A 1 87  ? -8.798  12.390  13.799  1.00 36.42 ? 87  GLU A O     1 
ATOM   686  C CB    . GLU A 1 87  ? -8.141  11.942  16.634  1.00 36.00 ? 87  GLU A CB    1 
ATOM   687  C CG    . GLU A 1 87  ? -8.890  11.876  17.974  1.00 32.77 ? 87  GLU A CG    1 
ATOM   688  C CD    . GLU A 1 87  ? -8.585  10.606  18.740  1.00 34.25 ? 87  GLU A CD    1 
ATOM   689  O OE1   . GLU A 1 87  ? -7.437  10.472  19.252  1.00 31.27 ? 87  GLU A OE1   1 
ATOM   690  O OE2   . GLU A 1 87  ? -9.491  9.736   18.819  1.00 36.99 ? 87  GLU A OE2   1 
ATOM   691  N N     . ALA A 1 88  ? -7.414  10.608  13.484  1.00 36.38 ? 88  ALA A N     1 
ATOM   692  C CA    . ALA A 1 88  ? -7.046  10.920  12.106  1.00 34.98 ? 88  ALA A CA    1 
ATOM   693  C C     . ALA A 1 88  ? -7.793  9.970   11.174  1.00 34.89 ? 88  ALA A C     1 
ATOM   694  O O     . ALA A 1 88  ? -7.676  10.091  9.965   1.00 38.84 ? 88  ALA A O     1 
ATOM   695  C CB    . ALA A 1 88  ? -5.553  10.765  11.894  1.00 29.02 ? 88  ALA A CB    1 
ATOM   696  N N     . GLY A 1 89  ? -8.558  9.042   11.740  1.00 33.30 ? 89  GLY A N     1 
ATOM   697  C CA    . GLY A 1 89  ? -9.294  8.096   10.924  1.00 36.36 ? 89  GLY A CA    1 
ATOM   698  C C     . GLY A 1 89  ? -8.647  6.722   10.795  1.00 37.40 ? 89  GLY A C     1 
ATOM   699  O O     . GLY A 1 89  ? -9.161  5.832   10.112  1.00 35.33 ? 89  GLY A O     1 
ATOM   700  N N     . GLN A 1 90  ? -7.513  6.526   11.442  1.00 38.46 ? 90  GLN A N     1 
ATOM   701  C CA    . GLN A 1 90  ? -6.876  5.241   11.351  1.00 42.60 ? 90  GLN A CA    1 
ATOM   702  C C     . GLN A 1 90  ? -7.924  4.230   11.818  1.00 46.77 ? 90  GLN A C     1 
ATOM   703  O O     . GLN A 1 90  ? -8.561  4.461   12.841  1.00 49.28 ? 90  GLN A O     1 
ATOM   704  C CB    . GLN A 1 90  ? -5.642  5.191   12.260  1.00 42.42 ? 90  GLN A CB    1 
ATOM   705  C CG    . GLN A 1 90  ? -4.701  4.028   11.954  1.00 50.96 ? 90  GLN A CG    1 
ATOM   706  C CD    . GLN A 1 90  ? -3.549  3.861   12.957  1.00 56.86 ? 90  GLN A CD    1 
ATOM   707  O OE1   . GLN A 1 90  ? -3.688  4.137   14.154  1.00 61.57 ? 90  GLN A OE1   1 
ATOM   708  N NE2   . GLN A 1 90  ? -2.404  3.387   12.460  1.00 57.56 ? 90  GLN A NE2   1 
ATOM   709  N N     . THR A 1 91  ? -8.146  3.155   11.046  1.00 49.42 ? 91  THR A N     1 
ATOM   710  C CA    . THR A 1 91  ? -9.093  2.078   11.422  1.00 49.42 ? 91  THR A CA    1 
ATOM   711  C C     . THR A 1 91  ? -8.276  0.855   11.812  1.00 47.42 ? 91  THR A C     1 
ATOM   712  O O     . THR A 1 91  ? -8.606  0.149   12.741  1.00 51.56 ? 91  THR A O     1 
ATOM   713  C CB    . THR A 1 91  ? -10.021 1.647   10.279  1.00 49.38 ? 91  THR A CB    1 
ATOM   714  O OG1   . THR A 1 91  ? -9.287  0.865   9.332   1.00 50.56 ? 91  THR A OG1   1 
ATOM   715  C CG2   . THR A 1 91  ? -10.608 2.859   9.583   1.00 53.82 ? 91  THR A CG2   1 
ATOM   716  N N     . VAL A 1 92  ? -7.221  0.586   11.065  1.00 46.80 ? 92  VAL A N     1 
ATOM   717  C CA    . VAL A 1 92  ? -6.357  -0.522  11.402  1.00 46.32 ? 92  VAL A CA    1 
ATOM   718  C C     . VAL A 1 92  ? -5.159  0.132   12.091  1.00 47.40 ? 92  VAL A C     1 
ATOM   719  O O     . VAL A 1 92  ? -4.522  1.043   11.535  1.00 46.38 ? 92  VAL A O     1 
ATOM   720  C CB    . VAL A 1 92  ? -5.879  -1.275  10.145  1.00 46.83 ? 92  VAL A CB    1 
ATOM   721  C CG1   . VAL A 1 92  ? -5.029  -0.336  9.259   1.00 44.22 ? 92  VAL A CG1   1 
ATOM   722  C CG2   . VAL A 1 92  ? -5.100  -2.544  10.570  1.00 42.63 ? 92  VAL A CG2   1 
ATOM   723  N N     . LYS A 1 93  ? -4.857  -0.332  13.298  1.00 46.23 ? 93  LYS A N     1 
ATOM   724  C CA    . LYS A 1 93  ? -3.751  0.224   14.056  1.00 45.61 ? 93  LYS A CA    1 
ATOM   725  C C     . LYS A 1 93  ? -2.400  -0.261  13.570  1.00 46.07 ? 93  LYS A C     1 
ATOM   726  O O     . LYS A 1 93  ? -1.643  -0.879  14.329  1.00 47.75 ? 93  LYS A O     1 
ATOM   727  C CB    . LYS A 1 93  ? -3.899  -0.113  15.521  1.00 47.44 ? 93  LYS A CB    1 
ATOM   728  C CG    . LYS A 1 93  ? -5.140  0.468   16.145  1.00 51.39 ? 93  LYS A CG    1 
ATOM   729  C CD    . LYS A 1 93  ? -5.351  -0.142  17.526  1.00 54.91 ? 93  LYS A CD    1 
ATOM   730  C CE    . LYS A 1 93  ? -5.474  0.933   18.583  1.00 58.39 ? 93  LYS A CE    1 
ATOM   731  N NZ    . LYS A 1 93  ? -5.609  0.358   19.947  1.00 61.54 ? 93  LYS A NZ    1 
ATOM   732  N N     . HIS A 1 94  ? -2.114  0.012   12.295  1.00 44.07 ? 94  HIS A N     1 
ATOM   733  C CA    . HIS A 1 94  ? -0.845  -0.360  11.664  1.00 38.91 ? 94  HIS A CA    1 
ATOM   734  C C     . HIS A 1 94  ? -0.530  0.831   10.774  1.00 34.36 ? 94  HIS A C     1 
ATOM   735  O O     . HIS A 1 94  ? -1.420  1.394   10.141  1.00 35.28 ? 94  HIS A O     1 
ATOM   736  C CB    . HIS A 1 94  ? -1.003  -1.635  10.804  1.00 39.37 ? 94  HIS A CB    1 
ATOM   737  C CG    . HIS A 1 94  ? 0.290   -2.311  10.453  1.00 38.81 ? 94  HIS A CG    1 
ATOM   738  N ND1   . HIS A 1 94  ? 1.236   -1.727  9.645   1.00 38.78 ? 94  HIS A ND1   1 
ATOM   739  C CD2   . HIS A 1 94  ? 0.797   -3.511  10.820  1.00 42.66 ? 94  HIS A CD2   1 
ATOM   740  C CE1   . HIS A 1 94  ? 2.268   -2.540  9.505   1.00 40.83 ? 94  HIS A CE1   1 
ATOM   741  N NE2   . HIS A 1 94  ? 2.031   -3.634  10.217  1.00 43.25 ? 94  HIS A NE2   1 
ATOM   742  N N     . VAL A 1 95  ? 0.724   1.236   10.747  1.00 30.20 ? 95  VAL A N     1 
ATOM   743  C CA    . VAL A 1 95  ? 1.116   2.343   9.903   1.00 30.78 ? 95  VAL A CA    1 
ATOM   744  C C     . VAL A 1 95  ? 0.885   1.877   8.472   1.00 31.48 ? 95  VAL A C     1 
ATOM   745  O O     . VAL A 1 95  ? 1.213   0.741   8.142   1.00 37.42 ? 95  VAL A O     1 
ATOM   746  C CB    . VAL A 1 95  ? 2.613   2.627   10.073  1.00 28.05 ? 95  VAL A CB    1 
ATOM   747  C CG1   . VAL A 1 95  ? 3.080   3.594   9.008   1.00 26.13 ? 95  VAL A CG1   1 
ATOM   748  C CG2   . VAL A 1 95  ? 2.888   3.128   11.465  1.00 28.35 ? 95  VAL A CG2   1 
ATOM   749  N N     . ASN A 1 96  ? 0.334   2.720   7.610   1.00 29.79 ? 96  ASN A N     1 
ATOM   750  C CA    . ASN A 1 96  ? 0.141   2.310   6.210   1.00 25.07 ? 96  ASN A CA    1 
ATOM   751  C C     . ASN A 1 96  ? -0.204  3.458   5.263   1.00 18.83 ? 96  ASN A C     1 
ATOM   752  O O     . ASN A 1 96  ? -1.231  4.084   5.437   1.00 17.82 ? 96  ASN A O     1 
ATOM   753  C CB    . ASN A 1 96  ? -0.913  1.193   6.122   1.00 28.03 ? 96  ASN A CB    1 
ATOM   754  C CG    . ASN A 1 96  ? -2.333  1.701   6.189   1.00 29.42 ? 96  ASN A CG    1 
ATOM   755  O OD1   . ASN A 1 96  ? -2.810  2.072   7.243   1.00 36.32 ? 96  ASN A OD1   1 
ATOM   756  N ND2   . ASN A 1 96  ? -3.020  1.704   5.064   1.00 31.85 ? 96  ASN A ND2   1 
ATOM   757  N N     . VAL A 1 97  ? 0.677   3.749   4.299   1.00 12.48 ? 97  VAL A N     1 
ATOM   758  C CA    . VAL A 1 97  ? 0.448   4.816   3.316   1.00 15.86 ? 97  VAL A CA    1 
ATOM   759  C C     . VAL A 1 97  ? -0.581  4.396   2.245   1.00 17.87 ? 97  VAL A C     1 
ATOM   760  O O     . VAL A 1 97  ? -0.542  3.284   1.710   1.00 23.03 ? 97  VAL A O     1 
ATOM   761  C CB    . VAL A 1 97  ? 1.717   5.186   2.562   1.00 14.45 ? 97  VAL A CB    1 
ATOM   762  C CG1   . VAL A 1 97  ? 1.667   6.629   2.138   1.00 16.70 ? 97  VAL A CG1   1 
ATOM   763  C CG2   . VAL A 1 97  ? 2.908   4.925   3.391   1.00 20.01 ? 97  VAL A CG2   1 
ATOM   764  N N     . HIS A 1 98  ? -1.519  5.274   1.940   1.00 20.75 ? 98  HIS A N     1 
ATOM   765  C CA    . HIS A 1 98  ? -2.506  4.967   0.916   1.00 21.30 ? 98  HIS A CA    1 
ATOM   766  C C     . HIS A 1 98  ? -1.993  5.635   -0.335  1.00 21.27 ? 98  HIS A C     1 
ATOM   767  O O     . HIS A 1 98  ? -1.688  6.816   -0.322  1.00 18.29 ? 98  HIS A O     1 
ATOM   768  C CB    . HIS A 1 98  ? -3.857  5.597   1.230   1.00 22.24 ? 98  HIS A CB    1 
ATOM   769  C CG    . HIS A 1 98  ? -4.528  5.027   2.437   1.00 23.11 ? 98  HIS A CG    1 
ATOM   770  N ND1   . HIS A 1 98  ? -5.538  4.104   2.348   1.00 23.80 ? 98  HIS A ND1   1 
ATOM   771  C CD2   . HIS A 1 98  ? -4.381  5.295   3.754   1.00 25.11 ? 98  HIS A CD2   1 
ATOM   772  C CE1   . HIS A 1 98  ? -5.984  3.814   3.554   1.00 21.26 ? 98  HIS A CE1   1 
ATOM   773  N NE2   . HIS A 1 98  ? -5.297  4.536   4.423   1.00 25.31 ? 98  HIS A NE2   1 
ATOM   774  N N     . VAL A 1 99  ? -1.892  4.897   -1.424  1.00 23.72 ? 99  VAL A N     1 
ATOM   775  C CA    . VAL A 1 99  ? -1.418  5.496   -2.665  1.00 21.98 ? 99  VAL A CA    1 
ATOM   776  C C     . VAL A 1 99  ? -2.550  5.467   -3.637  1.00 20.10 ? 99  VAL A C     1 
ATOM   777  O O     . VAL A 1 99  ? -3.038  4.400   -3.970  1.00 22.55 ? 99  VAL A O     1 
ATOM   778  C CB    . VAL A 1 99  ? -0.273  4.697   -3.255  1.00 25.11 ? 99  VAL A CB    1 
ATOM   779  C CG1   . VAL A 1 99  ? 0.234   5.383   -4.528  1.00 26.29 ? 99  VAL A CG1   1 
ATOM   780  C CG2   . VAL A 1 99  ? 0.845   4.552   -2.206  1.00 24.54 ? 99  VAL A CG2   1 
ATOM   781  N N     . LEU A 1 100 ? -2.976  6.627   -4.096  1.00 21.17 ? 100 LEU A N     1 
ATOM   782  C CA    . LEU A 1 100 ? -4.091  6.669   -5.042  1.00 24.86 ? 100 LEU A CA    1 
ATOM   783  C C     . LEU A 1 100 ? -3.760  7.367   -6.356  1.00 27.00 ? 100 LEU A C     1 
ATOM   784  O O     . LEU A 1 100 ? -3.420  8.545   -6.381  1.00 27.44 ? 100 LEU A O     1 
ATOM   785  C CB    . LEU A 1 100 ? -5.293  7.347   -4.393  1.00 28.20 ? 100 LEU A CB    1 
ATOM   786  C CG    . LEU A 1 100 ? -5.606  6.762   -3.008  1.00 30.94 ? 100 LEU A CG    1 
ATOM   787  C CD1   . LEU A 1 100 ? -4.809  7.495   -1.945  1.00 37.02 ? 100 LEU A CD1   1 
ATOM   788  C CD2   . LEU A 1 100 ? -7.076  6.880   -2.712  1.00 32.03 ? 100 LEU A CD2   1 
ATOM   789  N N     . PRO A 1 101 ? -3.822  6.631   -7.471  1.00 26.21 ? 101 PRO A N     1 
ATOM   790  C CA    . PRO A 1 101 ? -3.510  7.309   -8.723  1.00 26.40 ? 101 PRO A CA    1 
ATOM   791  C C     . PRO A 1 101 ? -4.599  8.332   -9.000  1.00 26.40 ? 101 PRO A C     1 
ATOM   792  O O     . PRO A 1 101 ? -5.741  8.127   -8.628  1.00 26.09 ? 101 PRO A O     1 
ATOM   793  C CB    . PRO A 1 101 ? -3.474  6.172   -9.752  1.00 24.56 ? 101 PRO A CB    1 
ATOM   794  C CG    . PRO A 1 101 ? -3.319  4.903   -8.918  1.00 25.29 ? 101 PRO A CG    1 
ATOM   795  C CD    . PRO A 1 101 ? -4.103  5.200   -7.678  1.00 27.32 ? 101 PRO A CD    1 
ATOM   796  N N     . ARG A 1 102 ? -4.248  9.424   -9.663  1.00 27.01 ? 102 ARG A N     1 
ATOM   797  C CA    . ARG A 1 102 ? -5.213  10.470  -9.981  1.00 29.13 ? 102 ARG A CA    1 
ATOM   798  C C     . ARG A 1 102 ? -5.380  10.773  -11.496 1.00 30.91 ? 102 ARG A C     1 
ATOM   799  O O     . ARG A 1 102 ? -4.431  10.702  -12.285 1.00 21.58 ? 102 ARG A O     1 
ATOM   800  C CB    . ARG A 1 102 ? -4.852  11.786  -9.251  1.00 31.87 ? 102 ARG A CB    1 
ATOM   801  C CG    . ARG A 1 102 ? -4.902  11.703  -7.747  1.00 28.26 ? 102 ARG A CG    1 
ATOM   802  C CD    . ARG A 1 102 ? -6.157  11.018  -7.296  1.00 26.36 ? 102 ARG A CD    1 
ATOM   803  N NE    . ARG A 1 102 ? -7.295  11.908  -7.450  1.00 33.88 ? 102 ARG A NE    1 
ATOM   804  C CZ    . ARG A 1 102 ? -7.502  12.985  -6.700  1.00 34.86 ? 102 ARG A CZ    1 
ATOM   805  N NH1   . ARG A 1 102 ? -6.641  13.281  -5.739  1.00 39.24 ? 102 ARG A NH1   1 
ATOM   806  N NH2   . ARG A 1 102 ? -8.577  13.747  -6.889  1.00 29.90 ? 102 ARG A NH2   1 
ATOM   807  N N     . LYS A 1 103 ? -6.605  11.147  -11.855 1.00 32.45 ? 103 LYS A N     1 
ATOM   808  C CA    . LYS A 1 103 ? -6.978  11.503  -13.225 1.00 37.99 ? 103 LYS A CA    1 
ATOM   809  C C     . LYS A 1 103 ? -7.833  12.780  -13.236 1.00 42.03 ? 103 LYS A C     1 
ATOM   810  O O     . LYS A 1 103 ? -8.425  13.172  -12.226 1.00 46.05 ? 103 LYS A O     1 
ATOM   811  C CB    . LYS A 1 103 ? -7.807  10.389  -13.861 1.00 38.62 ? 103 LYS A CB    1 
ATOM   812  C CG    . LYS A 1 103 ? -7.082  9.068   -13.978 1.00 44.23 ? 103 LYS A CG    1 
ATOM   813  C CD    . LYS A 1 103 ? -8.050  7.926   -14.159 1.00 44.66 ? 103 LYS A CD    1 
ATOM   814  C CE    . LYS A 1 103 ? -7.299  6.651   -14.515 1.00 48.55 ? 103 LYS A CE    1 
ATOM   815  N NZ    . LYS A 1 103 ? -7.762  5.467   -13.727 1.00 53.76 ? 103 LYS A NZ    1 
ATOM   816  N N     . ALA A 1 104 ? -7.891  13.419  -14.392 1.00 44.03 ? 104 ALA A N     1 
ATOM   817  C CA    . ALA A 1 104 ? -8.708  14.606  -14.553 1.00 45.23 ? 104 ALA A CA    1 
ATOM   818  C C     . ALA A 1 104 ? -10.170 14.219  -14.258 1.00 46.70 ? 104 ALA A C     1 
ATOM   819  O O     . ALA A 1 104 ? -10.703 13.314  -14.876 1.00 47.18 ? 104 ALA A O     1 
ATOM   820  C CB    . ALA A 1 104 ? -8.574  15.117  -15.991 1.00 40.78 ? 104 ALA A CB    1 
ATOM   821  N N     . GLY A 1 105 ? -10.778 14.913  -13.297 1.00 49.60 ? 105 GLY A N     1 
ATOM   822  C CA    . GLY A 1 105 ? -12.166 14.655  -12.935 1.00 53.38 ? 105 GLY A CA    1 
ATOM   823  C C     . GLY A 1 105 ? -12.584 13.278  -12.422 1.00 55.90 ? 105 GLY A C     1 
ATOM   824  O O     . GLY A 1 105 ? -13.415 12.614  -13.027 1.00 57.31 ? 105 GLY A O     1 
ATOM   825  N N     . ASP A 1 106 ? -12.036 12.877  -11.266 1.00 57.08 ? 106 ASP A N     1 
ATOM   826  C CA    . ASP A 1 106 ? -12.426 11.579  -10.750 1.00 58.82 ? 106 ASP A CA    1 
ATOM   827  C C     . ASP A 1 106 ? -13.335 11.688  -9.521  1.00 63.44 ? 106 ASP A C     1 
ATOM   828  O O     . ASP A 1 106 ? -13.756 10.645  -8.956  1.00 67.35 ? 106 ASP A O     1 
ATOM   829  C CB    . ASP A 1 106 ? -11.194 10.729  -10.475 1.00 55.86 ? 106 ASP A CB    1 
ATOM   830  C CG    . ASP A 1 106 ? -9.992  11.536  -10.050 1.00 49.44 ? 106 ASP A CG    1 
ATOM   831  O OD1   . ASP A 1 106 ? -10.140 12.748  -9.784  1.00 47.20 ? 106 ASP A OD1   1 
ATOM   832  O OD2   . ASP A 1 106 ? -8.904  10.929  -9.992  1.00 42.47 ? 106 ASP A OD2   1 
ATOM   833  N N     . TRP A 1 129 ? -15.781 -3.363  -4.173  1.00 58.95 ? 129 TRP A N     1 
ATOM   834  C CA    . TRP A 1 129 ? -15.482 -4.722  -3.625  1.00 57.54 ? 129 TRP A CA    1 
ATOM   835  C C     . TRP A 1 129 ? -15.212 -5.785  -4.683  1.00 57.25 ? 129 TRP A C     1 
ATOM   836  O O     . TRP A 1 129 ? -15.886 -5.848  -5.717  1.00 56.39 ? 129 TRP A O     1 
ATOM   837  C CB    . TRP A 1 129 ? -16.612 -5.235  -2.759  1.00 57.79 ? 129 TRP A CB    1 
ATOM   838  C CG    . TRP A 1 129 ? -16.254 -6.561  -2.250  1.00 58.30 ? 129 TRP A CG    1 
ATOM   839  C CD1   . TRP A 1 129 ? -15.639 -6.832  -1.073  1.00 60.67 ? 129 TRP A CD1   1 
ATOM   840  C CD2   . TRP A 1 129 ? -16.431 -7.812  -2.926  1.00 58.97 ? 129 TRP A CD2   1 
ATOM   841  N NE1   . TRP A 1 129 ? -15.421 -8.185  -0.963  1.00 64.06 ? 129 TRP A NE1   1 
ATOM   842  C CE2   . TRP A 1 129 ? -15.891 -8.810  -2.083  1.00 62.61 ? 129 TRP A CE2   1 
ATOM   843  C CE3   . TRP A 1 129 ? -16.985 -8.190  -4.154  1.00 60.48 ? 129 TRP A CE3   1 
ATOM   844  C CZ2   . TRP A 1 129 ? -15.903 -10.180 -2.441  1.00 63.13 ? 129 TRP A CZ2   1 
ATOM   845  C CZ3   . TRP A 1 129 ? -16.991 -9.550  -4.512  1.00 61.39 ? 129 TRP A CZ3   1 
ATOM   846  C CH2   . TRP A 1 129 ? -16.456 -10.524 -3.652  1.00 60.21 ? 129 TRP A CH2   1 
ATOM   847  N N     . ARG A 1 130 ? -14.265 -6.665  -4.370  1.00 53.84 ? 130 ARG A N     1 
ATOM   848  C CA    . ARG A 1 130 ? -13.882 -7.696  -5.305  1.00 50.00 ? 130 ARG A CA    1 
ATOM   849  C C     . ARG A 1 130 ? -13.346 -8.942  -4.619  1.00 49.03 ? 130 ARG A C     1 
ATOM   850  O O     . ARG A 1 130 ? -12.905 -8.893  -3.464  1.00 48.71 ? 130 ARG A O     1 
ATOM   851  C CB    . ARG A 1 130 ? -12.812 -7.134  -6.230  1.00 52.98 ? 130 ARG A CB    1 
ATOM   852  C CG    . ARG A 1 130 ? -11.562 -6.703  -5.471  1.00 49.46 ? 130 ARG A CG    1 
ATOM   853  C CD    . ARG A 1 130 ? -11.173 -5.325  -5.843  1.00 42.21 ? 130 ARG A CD    1 
ATOM   854  N NE    . ARG A 1 130 ? -9.779  -5.115  -5.523  1.00 40.89 ? 130 ARG A NE    1 
ATOM   855  C CZ    . ARG A 1 130 ? -8.852  -4.856  -6.429  1.00 42.00 ? 130 ARG A CZ    1 
ATOM   856  N NH1   . ARG A 1 130 ? -9.197  -4.784  -7.708  1.00 43.29 ? 130 ARG A NH1   1 
ATOM   857  N NH2   . ARG A 1 130 ? -7.589  -4.658  -6.061  1.00 40.78 ? 130 ARG A NH2   1 
ATOM   858  N N     . SER A 1 131 ? -13.352 -10.039 -5.375  1.00 45.36 ? 131 SER A N     1 
ATOM   859  C CA    . SER A 1 131 ? -12.893 -11.344 -4.916  1.00 43.76 ? 131 SER A CA    1 
ATOM   860  C C     . SER A 1 131 ? -11.394 -11.459 -4.731  1.00 41.14 ? 131 SER A C     1 
ATOM   861  O O     . SER A 1 131 ? -10.627 -10.816 -5.416  1.00 39.75 ? 131 SER A O     1 
ATOM   862  C CB    . SER A 1 131 ? -13.334 -12.417 -5.904  1.00 46.47 ? 131 SER A CB    1 
ATOM   863  O OG    . SER A 1 131 ? -12.541 -12.392 -7.073  1.00 52.47 ? 131 SER A OG    1 
ATOM   864  N N     . GLU A 1 132 ? -10.972 -12.295 -3.807  1.00 38.27 ? 132 GLU A N     1 
ATOM   865  C CA    . GLU A 1 132 ? -9.552  -12.452 -3.601  1.00 42.41 ? 132 GLU A CA    1 
ATOM   866  C C     . GLU A 1 132 ? -8.815  -12.696 -4.912  1.00 43.27 ? 132 GLU A C     1 
ATOM   867  O O     . GLU A 1 132 ? -7.671  -12.247 -5.094  1.00 43.76 ? 132 GLU A O     1 
ATOM   868  C CB    . GLU A 1 132 ? -9.268  -13.639 -2.707  1.00 45.26 ? 132 GLU A CB    1 
ATOM   869  C CG    . GLU A 1 132 ? -9.423  -13.416 -1.239  1.00 52.02 ? 132 GLU A CG    1 
ATOM   870  C CD    . GLU A 1 132 ? -9.159  -14.700 -0.497  1.00 56.89 ? 132 GLU A CD    1 
ATOM   871  O OE1   . GLU A 1 132 ? -7.964  -15.086 -0.461  1.00 54.97 ? 132 GLU A OE1   1 
ATOM   872  O OE2   . GLU A 1 132 ? -10.134 -15.321 0.015   1.00 58.09 ? 132 GLU A OE2   1 
ATOM   873  N N     . GLU A 1 133 ? -9.463  -13.427 -5.819  1.00 43.48 ? 133 GLU A N     1 
ATOM   874  C CA    . GLU A 1 133 ? -8.850  -13.771 -7.113  1.00 41.20 ? 133 GLU A CA    1 
ATOM   875  C C     . GLU A 1 133 ? -8.659  -12.556 -8.010  1.00 38.03 ? 133 GLU A C     1 
ATOM   876  O O     . GLU A 1 133 ? -7.714  -12.505 -8.781  1.00 36.44 ? 133 GLU A O     1 
ATOM   877  C CB    . GLU A 1 133 ? -9.687  -14.821 -7.831  1.00 42.55 ? 133 GLU A CB    1 
ATOM   878  C CG    . GLU A 1 133 ? -9.059  -15.361 -9.077  1.00 43.64 ? 133 GLU A CG    1 
ATOM   879  C CD    . GLU A 1 133 ? -10.041 -16.207 -9.891  1.00 47.78 ? 133 GLU A CD    1 
ATOM   880  O OE1   . GLU A 1 133 ? -11.220 -15.798 -10.064 1.00 44.63 ? 133 GLU A OE1   1 
ATOM   881  O OE2   . GLU A 1 133 ? -9.626  -17.292 -10.360 1.00 52.93 ? 133 GLU A OE2   1 
ATOM   882  N N     . GLU A 1 134 ? -9.566  -11.589 -7.910  1.00 34.33 ? 134 GLU A N     1 
ATOM   883  C CA    . GLU A 1 134 ? -9.457  -10.364 -8.671  1.00 35.03 ? 134 GLU A CA    1 
ATOM   884  C C     . GLU A 1 134 ? -8.340  -9.526  -8.048  1.00 34.25 ? 134 GLU A C     1 
ATOM   885  O O     . GLU A 1 134 ? -7.774  -8.634  -8.685  1.00 31.75 ? 134 GLU A O     1 
ATOM   886  C CB    . GLU A 1 134 ? -10.770 -9.580  -8.611  1.00 36.82 ? 134 GLU A CB    1 
ATOM   887  C CG    . GLU A 1 134 ? -10.870 -8.532  -9.698  1.00 45.54 ? 134 GLU A CG    1 
ATOM   888  C CD    . GLU A 1 134 ? -12.298 -8.122  -10.035 1.00 50.24 ? 134 GLU A CD    1 
ATOM   889  O OE1   . GLU A 1 134 ? -13.224 -8.955  -9.965  1.00 51.21 ? 134 GLU A OE1   1 
ATOM   890  O OE2   . GLU A 1 134 ? -12.496 -6.941  -10.383 1.00 56.08 ? 134 GLU A OE2   1 
ATOM   891  N N     . MET A 1 135 ? -8.027  -9.830  -6.786  1.00 34.68 ? 135 MET A N     1 
ATOM   892  C CA    . MET A 1 135 ? -7.006  -9.095  -6.025  1.00 31.76 ? 135 MET A CA    1 
ATOM   893  C C     . MET A 1 135 ? -5.671  -9.685  -6.328  1.00 28.52 ? 135 MET A C     1 
ATOM   894  O O     . MET A 1 135 ? -4.679  -8.955  -6.432  1.00 27.07 ? 135 MET A O     1 
ATOM   895  C CB    . MET A 1 135 ? -7.273  -9.156  -4.501  1.00 31.13 ? 135 MET A CB    1 
ATOM   896  C CG    . MET A 1 135 ? -8.349  -8.137  -4.015  1.00 33.08 ? 135 MET A CG    1 
ATOM   897  S SD    . MET A 1 135 ? -8.629  -7.952  -2.216  1.00 34.63 ? 135 MET A SD    1 
ATOM   898  C CE    . MET A 1 135 ? -7.934  -9.459  -1.587  1.00 34.01 ? 135 MET A CE    1 
ATOM   899  N N     . ALA A 1 136 ? -5.653  -11.008 -6.469  1.00 20.37 ? 136 ALA A N     1 
ATOM   900  C CA    . ALA A 1 136 ? -4.427  -11.704 -6.787  1.00 22.52 ? 136 ALA A CA    1 
ATOM   901  C C     . ALA A 1 136 ? -4.082  -11.474 -8.267  1.00 24.83 ? 136 ALA A C     1 
ATOM   902  O O     . ALA A 1 136 ? -2.911  -11.475 -8.644  1.00 25.51 ? 136 ALA A O     1 
ATOM   903  C CB    . ALA A 1 136 ? -4.560  -13.182 -6.473  1.00 19.77 ? 136 ALA A CB    1 
ATOM   904  N N     . ALA A 1 137 ? -5.103  -11.270 -9.098  1.00 26.99 ? 137 ALA A N     1 
ATOM   905  C CA    . ALA A 1 137 ? -4.892  -10.991 -10.513 1.00 23.67 ? 137 ALA A CA    1 
ATOM   906  C C     . ALA A 1 137 ? -4.181  -9.638  -10.523 1.00 25.56 ? 137 ALA A C     1 
ATOM   907  O O     . ALA A 1 137 ? -3.076  -9.541  -11.035 1.00 34.13 ? 137 ALA A O     1 
ATOM   908  C CB    . ALA A 1 137 ? -6.207  -10.922 -11.255 1.00 18.24 ? 137 ALA A CB    1 
ATOM   909  N N     . GLU A 1 138 ? -4.780  -8.607  -9.922  1.00 24.65 ? 138 GLU A N     1 
ATOM   910  C CA    . GLU A 1 138 ? -4.157  -7.279  -9.841  1.00 20.85 ? 138 GLU A CA    1 
ATOM   911  C C     . GLU A 1 138 ? -2.741  -7.248  -9.239  1.00 22.21 ? 138 GLU A C     1 
ATOM   912  O O     . GLU A 1 138 ? -1.882  -6.535  -9.734  1.00 23.39 ? 138 GLU A O     1 
ATOM   913  C CB    . GLU A 1 138 ? -5.025  -6.339  -9.043  1.00 21.47 ? 138 GLU A CB    1 
ATOM   914  C CG    . GLU A 1 138 ? -4.565  -4.913  -9.156  1.00 23.48 ? 138 GLU A CG    1 
ATOM   915  C CD    . GLU A 1 138 ? -5.411  -3.958  -8.358  1.00 27.18 ? 138 GLU A CD    1 
ATOM   916  O OE1   . GLU A 1 138 ? -6.513  -3.555  -8.825  1.00 27.18 ? 138 GLU A OE1   1 
ATOM   917  O OE2   . GLU A 1 138 ? -4.950  -3.610  -7.254  1.00 33.77 ? 138 GLU A OE2   1 
ATOM   918  N N     . ALA A 1 139 ? -2.479  -7.989  -8.166  1.00 23.16 ? 139 ALA A N     1 
ATOM   919  C CA    . ALA A 1 139 ? -1.128  -8.004  -7.594  1.00 26.92 ? 139 ALA A CA    1 
ATOM   920  C C     . ALA A 1 139 ? -0.119  -8.616  -8.573  1.00 31.92 ? 139 ALA A C     1 
ATOM   921  O O     . ALA A 1 139 ? 1.050   -8.224  -8.616  1.00 36.44 ? 139 ALA A O     1 
ATOM   922  C CB    . ALA A 1 139 ? -1.100  -8.800  -6.283  1.00 24.36 ? 139 ALA A CB    1 
ATOM   923  N N     . ALA A 1 140 ? -0.575  -9.589  -9.357  1.00 32.96 ? 140 ALA A N     1 
ATOM   924  C CA    . ALA A 1 140 ? 0.290   -10.281 -10.299 1.00 27.26 ? 140 ALA A CA    1 
ATOM   925  C C     . ALA A 1 140 ? 0.730   -9.335  -11.389 1.00 28.30 ? 140 ALA A C     1 
ATOM   926  O O     . ALA A 1 140 ? 1.872   -9.361  -11.808 1.00 29.56 ? 140 ALA A O     1 
ATOM   927  C CB    . ALA A 1 140 ? -0.447  -11.424 -10.891 1.00 27.04 ? 140 ALA A CB    1 
ATOM   928  N N     . ALA A 1 141 ? -0.190  -8.503  -11.854 1.00 28.40 ? 141 ALA A N     1 
ATOM   929  C CA    . ALA A 1 141 ? 0.116   -7.542  -12.893 1.00 28.55 ? 141 ALA A CA    1 
ATOM   930  C C     . ALA A 1 141 ? 1.139   -6.515  -12.358 1.00 30.40 ? 141 ALA A C     1 
ATOM   931  O O     . ALA A 1 141 ? 2.128   -6.175  -13.034 1.00 35.40 ? 141 ALA A O     1 
ATOM   932  C CB    . ALA A 1 141 ? -1.188  -6.844  -13.367 1.00 25.60 ? 141 ALA A CB    1 
ATOM   933  N N     . LEU A 1 142 ? 0.906   -6.030  -11.137 1.00 30.04 ? 142 LEU A N     1 
ATOM   934  C CA    . LEU A 1 142 ? 1.789   -5.043  -10.503 1.00 24.38 ? 142 LEU A CA    1 
ATOM   935  C C     . LEU A 1 142 ? 3.179   -5.587  -10.243 1.00 19.95 ? 142 LEU A C     1 
ATOM   936  O O     . LEU A 1 142 ? 4.120   -4.829  -10.215 1.00 22.86 ? 142 LEU A O     1 
ATOM   937  C CB    . LEU A 1 142 ? 1.154   -4.536  -9.192  1.00 21.57 ? 142 LEU A CB    1 
ATOM   938  C CG    . LEU A 1 142 ? -0.047  -3.602  -9.430  1.00 17.08 ? 142 LEU A CG    1 
ATOM   939  C CD1   . LEU A 1 142 ? -0.492  -2.945  -8.179  1.00 17.05 ? 142 LEU A CD1   1 
ATOM   940  C CD2   . LEU A 1 142 ? 0.351   -2.537  -10.444 1.00 24.67 ? 142 LEU A CD2   1 
ATOM   941  N N     . ARG A 1 143 ? 3.309   -6.899  -10.061 1.00 20.68 ? 143 ARG A N     1 
ATOM   942  C CA    . ARG A 1 143 ? 4.608   -7.548  -9.827  1.00 21.24 ? 143 ARG A CA    1 
ATOM   943  C C     . ARG A 1 143 ? 5.546   -7.510  -11.056 1.00 24.13 ? 143 ARG A C     1 
ATOM   944  O O     . ARG A 1 143 ? 6.786   -7.570  -10.956 1.00 26.10 ? 143 ARG A O     1 
ATOM   945  C CB    . ARG A 1 143 ? 4.390   -8.996  -9.456  1.00 20.98 ? 143 ARG A CB    1 
ATOM   946  C CG    . ARG A 1 143 ? 3.740   -9.237  -8.136  1.00 28.30 ? 143 ARG A CG    1 
ATOM   947  C CD    . ARG A 1 143 ? 4.193   -10.594 -7.611  1.00 29.21 ? 143 ARG A CD    1 
ATOM   948  N NE    . ARG A 1 143 ? 3.496   -10.981 -6.404  1.00 34.97 ? 143 ARG A NE    1 
ATOM   949  C CZ    . ARG A 1 143 ? 2.436   -11.775 -6.379  1.00 40.06 ? 143 ARG A CZ    1 
ATOM   950  N NH1   . ARG A 1 143 ? 1.955   -12.265 -7.517  1.00 48.15 ? 143 ARG A NH1   1 
ATOM   951  N NH2   . ARG A 1 143 ? 1.861   -12.093 -5.221  1.00 39.29 ? 143 ARG A NH2   1 
ATOM   952  N N     . VAL A 1 144 ? 4.939   -7.433  -12.228 1.00 28.05 ? 144 VAL A N     1 
ATOM   953  C CA    . VAL A 1 144 ? 5.680   -7.388  -13.479 1.00 28.96 ? 144 VAL A CA    1 
ATOM   954  C C     . VAL A 1 144 ? 6.558   -6.108  -13.552 1.00 27.45 ? 144 VAL A C     1 
ATOM   955  O O     . VAL A 1 144 ? 7.725   -6.160  -13.973 1.00 24.81 ? 144 VAL A O     1 
ATOM   956  C CB    . VAL A 1 144 ? 4.655   -7.511  -14.672 1.00 29.58 ? 144 VAL A CB    1 
ATOM   957  C CG1   . VAL A 1 144 ? 5.357   -7.446  -16.035 1.00 24.92 ? 144 VAL A CG1   1 
ATOM   958  C CG2   . VAL A 1 144 ? 3.883   -8.805  -14.513 1.00 21.44 ? 144 VAL A CG2   1 
ATOM   959  N N     . TYR A 1 145 ? 6.006   -4.972  -13.130 1.00 25.40 ? 145 TYR A N     1 
ATOM   960  C CA    . TYR A 1 145 ? 6.741   -3.713  -13.134 1.00 25.25 ? 145 TYR A CA    1 
ATOM   961  C C     . TYR A 1 145 ? 7.926   -3.637  -12.140 1.00 29.18 ? 145 TYR A C     1 
ATOM   962  O O     . TYR A 1 145 ? 8.761   -2.746  -12.255 1.00 32.77 ? 145 TYR A O     1 
ATOM   963  C CB    . TYR A 1 145 ? 5.809   -2.582  -12.820 1.00 20.85 ? 145 TYR A CB    1 
ATOM   964  C CG    . TYR A 1 145 ? 4.709   -2.371  -13.806 1.00 16.09 ? 145 TYR A CG    1 
ATOM   965  C CD1   . TYR A 1 145 ? 3.517   -3.056  -13.677 1.00 14.53 ? 145 TYR A CD1   1 
ATOM   966  C CD2   . TYR A 1 145 ? 4.806   -1.391  -14.801 1.00 14.78 ? 145 TYR A CD2   1 
ATOM   967  C CE1   . TYR A 1 145 ? 2.423   -2.760  -14.500 1.00 13.53 ? 145 TYR A CE1   1 
ATOM   968  C CE2   . TYR A 1 145 ? 3.711   -1.084  -15.627 1.00 12.68 ? 145 TYR A CE2   1 
ATOM   969  C CZ    . TYR A 1 145 ? 2.526   -1.780  -15.463 1.00 11.82 ? 145 TYR A CZ    1 
ATOM   970  O OH    . TYR A 1 145 ? 1.414   -1.494  -16.214 1.00 13.42 ? 145 TYR A OH    1 
ATOM   971  N N     . PHE A 1 146 ? 8.017   -4.567  -11.191 1.00 31.21 ? 146 PHE A N     1 
ATOM   972  C CA    . PHE A 1 146 ? 9.098   -4.562  -10.209 1.00 34.90 ? 146 PHE A CA    1 
ATOM   973  C C     . PHE A 1 146 ? 10.075  -5.660  -10.486 1.00 39.63 ? 146 PHE A C     1 
ATOM   974  O O     . PHE A 1 146 ? 10.986  -5.892  -9.703  1.00 40.67 ? 146 PHE A O     1 
ATOM   975  C CB    . PHE A 1 146 ? 8.534   -4.742  -8.798  1.00 32.88 ? 146 PHE A CB    1 
ATOM   976  C CG    . PHE A 1 146 ? 7.679   -3.595  -8.355  1.00 29.09 ? 146 PHE A CG    1 
ATOM   977  C CD1   . PHE A 1 146 ? 8.263   -2.407  -7.910  1.00 24.34 ? 146 PHE A CD1   1 
ATOM   978  C CD2   . PHE A 1 146 ? 6.295   -3.666  -8.459  1.00 25.08 ? 146 PHE A CD2   1 
ATOM   979  C CE1   . PHE A 1 146 ? 7.483   -1.310  -7.575  1.00 22.89 ? 146 PHE A CE1   1 
ATOM   980  C CE2   . PHE A 1 146 ? 5.501   -2.568  -8.123  1.00 25.81 ? 146 PHE A CE2   1 
ATOM   981  C CZ    . PHE A 1 146 ? 6.106   -1.389  -7.684  1.00 26.55 ? 146 PHE A CZ    1 
ATOM   982  N N     . GLN A 1 147 ? 9.877   -6.338  -11.610 1.00 47.83 ? 147 GLN A N     1 
ATOM   983  C CA    . GLN A 1 147 ? 10.731  -7.447  -12.028 1.00 50.28 ? 147 GLN A CA    1 
ATOM   984  C C     . GLN A 1 147 ? 12.161  -7.000  -12.316 1.00 51.95 ? 147 GLN A C     1 
ATOM   985  O O     . GLN A 1 147 ? 12.317  -5.891  -12.890 1.00 52.36 ? 147 GLN A O     1 
ATOM   986  C CB    . GLN A 1 147 ? 10.156  -8.092  -13.283 1.00 49.52 ? 147 GLN A CB    1 
ATOM   987  C CG    . GLN A 1 147 ? 9.365   -9.346  -13.013 1.00 52.78 ? 147 GLN A CG    1 
ATOM   988  C CD    . GLN A 1 147 ? 8.420   -9.661  -14.149 1.00 53.66 ? 147 GLN A CD    1 
ATOM   989  O OE1   . GLN A 1 147 ? 8.515   -9.069  -15.229 1.00 51.75 ? 147 GLN A OE1   1 
ATOM   990  N NE2   . GLN A 1 147 ? 7.503   -10.596 -13.918 1.00 52.16 ? 147 GLN A NE2   1 
ATOM   991  O OXT   . GLN A 1 147 ? 13.095  -7.770  -11.966 1.00 52.28 ? 147 GLN A OXT   1 
HETATM 992  P PA    . IB2 B 2 .   ? -8.457  7.198   3.745   1.00 75.28 ? 301 IB2 A PA    1 
HETATM 993  O O1A   . IB2 B 2 .   ? -7.312  7.580   4.682   1.00 65.90 ? 301 IB2 A O1A   1 
HETATM 994  O O2A   . IB2 B 2 .   ? -9.830  7.816   4.084   1.00 62.78 ? 301 IB2 A O2A   1 
HETATM 995  C C3A   . IB2 B 2 .   ? -8.669  5.354   3.917   1.00 68.92 ? 301 IB2 A C3A   1 
HETATM 996  P PB    . IB2 B 2 .   ? -8.686  4.559   5.578   1.00 73.34 ? 301 IB2 A PB    1 
HETATM 997  O O1B   . IB2 B 2 .   ? -9.618  3.379   5.430   1.00 70.29 ? 301 IB2 A O1B   1 
HETATM 998  O O2B   . IB2 B 2 .   ? -9.111  5.595   6.578   1.00 71.27 ? 301 IB2 A O2B   1 
HETATM 999  O O3B   . IB2 B 2 .   ? -7.267  4.086   5.944   1.00 60.91 ? 301 IB2 A O3B   1 
HETATM 1000 P PG    . IB2 B 2 .   ? -6.521  3.469   7.169   1.00 58.30 ? 301 IB2 A PG    1 
HETATM 1001 O O1G   . IB2 B 2 .   ? -7.354  3.109   8.258   1.00 55.55 ? 301 IB2 A O1G   1 
HETATM 1002 S S2G   . IB2 B 2 .   ? -5.509  4.385   7.624   1.00 72.82 ? 301 IB2 A S2G   1 
HETATM 1003 O O5D   . IB2 B 2 .   ? -8.041  7.574   2.212   1.00 62.01 ? 301 IB2 A O5D   1 
HETATM 1004 C C5D   . IB2 B 2 .   ? -7.992  8.932   1.839   1.00 53.41 ? 301 IB2 A C5D   1 
HETATM 1005 C C4D   . IB2 B 2 .   ? -6.868  9.004   0.847   1.00 52.14 ? 301 IB2 A C4D   1 
HETATM 1006 O O4D   . IB2 B 2 .   ? -7.437  9.396   -0.416  1.00 56.19 ? 301 IB2 A O4D   1 
HETATM 1007 C C3D   . IB2 B 2 .   ? -5.814  10.064  1.225   1.00 54.27 ? 301 IB2 A C3D   1 
HETATM 1008 O O3D   . IB2 B 2 .   ? -4.488  9.570   0.988   1.00 50.07 ? 301 IB2 A O3D   1 
HETATM 1009 C C2D   . IB2 B 2 .   ? -6.106  11.306  0.360   1.00 55.29 ? 301 IB2 A C2D   1 
HETATM 1010 O O2D   . IB2 B 2 .   ? -4.887  12.132  0.071   1.00 55.82 ? 301 IB2 A O2D   1 
HETATM 1011 C C1D   . IB2 B 2 .   ? -6.801  10.655  -0.868  1.00 52.84 ? 301 IB2 A C1D   1 
HETATM 1012 O "O5'" . IB2 B 2 .   ? -5.838  2.191   6.491   1.00 62.75 ? 301 IB2 A "O5'" 1 
HETATM 1013 C "C5'" . IB2 B 2 .   ? -6.614  0.987   6.267   1.00 57.25 ? 301 IB2 A "C5'" 1 
HETATM 1014 C "C4'" . IB2 B 2 .   ? -6.562  0.683   4.759   1.00 54.37 ? 301 IB2 A "C4'" 1 
HETATM 1015 O "O4'" . IB2 B 2 .   ? -6.069  -0.673  4.568   1.00 51.98 ? 301 IB2 A "O4'" 1 
HETATM 1016 C "C3'" . IB2 B 2 .   ? -7.976  0.766   4.125   1.00 52.76 ? 301 IB2 A "C3'" 1 
HETATM 1017 O "O3'" . IB2 B 2 .   ? -8.004  1.466   2.862   1.00 50.16 ? 301 IB2 A "O3'" 1 
HETATM 1018 C "C2'" . IB2 B 2 .   ? -8.426  -0.663  3.987   1.00 52.67 ? 301 IB2 A "C2'" 1 
HETATM 1019 O "O2'" . IB2 B 2 .   ? -9.341  -0.890  2.880   1.00 60.72 ? 301 IB2 A "O2'" 1 
HETATM 1020 C "C1'" . IB2 B 2 .   ? -7.108  -1.424  3.872   1.00 52.41 ? 301 IB2 A "C1'" 1 
HETATM 1021 N N9    . IB2 B 2 .   ? -7.236  -2.814  4.446   1.00 53.50 ? 301 IB2 A N9    1 
HETATM 1022 C C8    . IB2 B 2 .   ? -7.433  -3.126  5.753   1.00 54.85 ? 301 IB2 A C8    1 
HETATM 1023 N N7    . IB2 B 2 .   ? -7.492  -4.459  5.924   1.00 53.83 ? 301 IB2 A N7    1 
HETATM 1024 C C5    . IB2 B 2 .   ? -7.341  -5.011  4.728   1.00 54.17 ? 301 IB2 A C5    1 
HETATM 1025 C C6    . IB2 B 2 .   ? -7.310  -6.325  4.273   1.00 59.19 ? 301 IB2 A C6    1 
HETATM 1026 N N6    . IB2 B 2 .   ? -7.441  -7.365  5.117   1.00 59.33 ? 301 IB2 A N6    1 
HETATM 1027 N N1    . IB2 B 2 .   ? -7.125  -6.538  2.858   1.00 62.21 ? 301 IB2 A N1    1 
HETATM 1028 C C2    . IB2 B 2 .   ? -6.973  -5.490  1.939   1.00 54.94 ? 301 IB2 A C2    1 
HETATM 1029 N N3    . IB2 B 2 .   ? -7.002  -4.229  2.414   1.00 52.46 ? 301 IB2 A N3    1 
HETATM 1030 C C4    . IB2 B 2 .   ? -7.183  -3.935  3.807   1.00 54.37 ? 301 IB2 A C4    1 
HETATM 1031 N N9A   . IB2 B 2 .   ? -7.796  11.598  -1.470  1.00 51.04 ? 301 IB2 A N9A   1 
HETATM 1032 C C8A   . IB2 B 2 .   ? -7.515  12.808  -2.013  1.00 50.05 ? 301 IB2 A C8A   1 
HETATM 1033 N N7A   . IB2 B 2 .   ? -8.642  13.386  -2.448  1.00 51.69 ? 301 IB2 A N7A   1 
HETATM 1034 C C5A   . IB2 B 2 .   ? -9.649  12.545  -2.183  1.00 52.76 ? 301 IB2 A C5A   1 
HETATM 1035 C C6A   . IB2 B 2 .   ? -11.040 12.587  -2.393  1.00 56.18 ? 301 IB2 A C6A   1 
HETATM 1036 N N6A   . IB2 B 2 .   ? -11.634 13.629  -2.967  1.00 55.60 ? 301 IB2 A N6A   1 
HETATM 1037 N N1A   . IB2 B 2 .   ? -11.812 11.474  -1.969  1.00 59.86 ? 301 IB2 A N1A   1 
HETATM 1038 C C2A   . IB2 B 2 .   ? -11.223 10.344  -1.352  1.00 58.80 ? 301 IB2 A C2A   1 
HETATM 1039 N N3A   . IB2 B 2 .   ? -9.863  10.331  -1.154  1.00 56.31 ? 301 IB2 A N3A   1 
HETATM 1040 C C4A   . IB2 B 2 .   ? -9.049  11.418  -1.562  1.00 52.35 ? 301 IB2 A C4A   1 
HETATM 1041 O O     . HOH C 3 .   ? 3.632   -11.073 -12.196 1.00 34.67 ? 201 HOH A O     1 
HETATM 1042 O O     . HOH C 3 .   ? 0.240   5.017   -18.389 1.00 26.45 ? 202 HOH A O     1 
HETATM 1043 O O     . HOH C 3 .   ? -6.035  -1.822  -4.947  1.00 26.45 ? 203 HOH A O     1 
HETATM 1044 O O     . HOH C 3 .   ? -13.919 -14.338 -2.150  1.00 30.98 ? 204 HOH A O     1 
HETATM 1045 O O     . HOH C 3 .   ? 10.586  -5.140  10.201  1.00 36.18 ? 205 HOH A O     1 
HETATM 1046 O O     . HOH C 3 .   ? -5.879  -0.929  -16.181 1.00 33.37 ? 206 HOH A O     1 
HETATM 1047 O O     . HOH C 3 .   ? 2.228   7.479   -16.248 1.00 35.00 ? 207 HOH A O     1 
HETATM 1048 O O     . HOH C 3 .   ? 9.583   0.218   7.005   1.00 20.09 ? 208 HOH A O     1 
HETATM 1049 O O     . HOH C 3 .   ? 12.191  0.228   -2.088  1.00 40.37 ? 209 HOH A O     1 
HETATM 1050 O O     . HOH C 3 .   ? 6.114   8.144   -6.649  1.00 29.77 ? 210 HOH A O     1 
HETATM 1051 O O     . HOH C 3 .   ? -0.098  5.327   11.836  1.00 46.45 ? 211 HOH A O     1 
HETATM 1052 O O     . HOH C 3 .   ? 1.591   -15.759 -4.705  1.00 50.29 ? 212 HOH A O     1 
HETATM 1053 O O     . HOH C 3 .   ? 8.307   -8.570  -8.397  1.00 52.62 ? 213 HOH A O     1 
HETATM 1054 O O     . HOH C 3 .   ? 1.861   0.515   -18.213 1.00 37.75 ? 214 HOH A O     1 
HETATM 1055 O O     . HOH C 3 .   ? 6.428   -10.677 -4.408  1.00 20.41 ? 215 HOH A O     1 
HETATM 1056 O O     . HOH C 3 .   ? 10.990  -1.019  -10.522 1.00 62.38 ? 216 HOH A O     1 
HETATM 1057 O O     . HOH C 3 .   ? 8.074   1.569   -13.377 1.00 40.99 ? 217 HOH A O     1 
HETATM 1058 O O     . HOH C 3 .   ? 9.522   -8.146  -4.346  1.00 38.25 ? 218 HOH A O     1 
HETATM 1059 O O     . HOH C 3 .   ? -1.048  -17.121 -0.838  1.00 49.48 ? 219 HOH A O     1 
HETATM 1060 O O     . HOH C 3 .   ? 7.293   -12.605 5.051   1.00 35.88 ? 220 HOH A O     1 
HETATM 1061 O O     . HOH C 3 .   ? 4.794   6.479   -13.738 1.00 37.41 ? 221 HOH A O     1 
HETATM 1062 O O     . HOH C 3 .   ? -5.185  -5.829  -13.437 1.00 35.04 ? 222 HOH A O     1 
HETATM 1063 O O     . HOH C 3 .   ? -9.321  17.676  -12.687 1.00 45.71 ? 223 HOH A O     1 
HETATM 1064 O O     . HOH C 3 .   ? 14.001  4.451   -6.929  1.00 54.44 ? 224 HOH A O     1 
HETATM 1065 O O     . HOH C 3 .   ? -12.506 0.386   -7.853  1.00 30.38 ? 225 HOH A O     1 
HETATM 1066 O O     . HOH C 3 .   ? 3.512   9.235   15.273  1.00 35.49 ? 226 HOH A O     1 
HETATM 1067 O O     . HOH C 3 .   ? 16.819  1.810   4.964   1.00 43.52 ? 227 HOH A O     1 
HETATM 1068 O O     . HOH C 3 .   ? 3.127   -5.158  18.802  1.00 60.46 ? 228 HOH A O     1 
HETATM 1069 O O     . HOH C 3 .   ? 8.198   0.712   19.065  1.00 57.11 ? 229 HOH A O     1 
HETATM 1070 O O     . HOH C 3 .   ? 0.241   3.355   20.134  1.00 44.86 ? 230 HOH A O     1 
HETATM 1071 O O     . HOH C 3 .   ? -2.628  7.296   19.649  1.00 63.65 ? 231 HOH A O     1 
HETATM 1072 O O     . HOH C 3 .   ? 1.570   6.983   21.356  1.00 43.45 ? 232 HOH A O     1 
# 
